data_5DEP
#
_entry.id   5DEP
#
_cell.length_a   80.038
_cell.length_b   83.559
_cell.length_c   222.428
_cell.angle_alpha   90.00
_cell.angle_beta   90.00
_cell.angle_gamma   90.00
#
_symmetry.space_group_name_H-M   'P 21 21 21'
#
loop_
_entity.id
_entity.type
_entity.pdbx_description
1 polymer 'Acyl-[acyl-carrier-protein]--UDP-N-acetylglucosamine O-acyltransferase'
2 non-polymer 'PHOSPHATE ION'
3 non-polymer URIDINE-DIPHOSPHATE-N-ACETYLGLUCOSAMINE
4 water water
#
_entity_poly.entity_id   1
_entity_poly.type   'polypeptide(L)'
_entity_poly.pdbx_seq_one_letter_code
;MSLIDPRAIIDPSARLAADVQVGPWSIVGAEVEIGEGTVIGPHVVLKGPTKIGKHNRIYQFSSVGEDTPDLKYKGEPTRL
VIGDHNVIREGVTIHRGTVQDRAETTIGDHNLIMAYAHIGHDSVIGNHCILVNNTALAGHVHVDDWAILSGYTLVHQYCR
IGAHSFSGMGSAIGKDVPAYVTVFGNPAEARSMNFEGMRRRGFSSEAIHALRRAYKVVYRQGHTVEEALAELAESAAQFP
EVAVFRDSIQSATRGITR
;
_entity_poly.pdbx_strand_id   A,B,C,D,E,F
#
loop_
_chem_comp.id
_chem_comp.type
_chem_comp.name
_chem_comp.formula
PO4 non-polymer 'PHOSPHATE ION' 'O4 P -3'
UD1 non-polymer URIDINE-DIPHOSPHATE-N-ACETYLGLUCOSAMINE 'C17 H27 N3 O17 P2'
#
# COMPACT_ATOMS: atom_id res chain seq x y z
N MET A 1 44.39 16.43 0.48
CA MET A 1 42.89 16.43 0.67
C MET A 1 42.12 17.66 0.11
N SER A 2 42.81 18.74 -0.29
CA SER A 2 42.09 19.88 -0.90
C SER A 2 41.53 19.52 -2.28
N LEU A 3 40.29 19.94 -2.54
CA LEU A 3 39.66 19.78 -3.85
C LEU A 3 38.65 20.91 -4.08
N ILE A 4 39.00 21.78 -5.01
CA ILE A 4 38.23 22.91 -5.40
C ILE A 4 37.62 22.57 -6.76
N ASP A 5 36.35 22.18 -6.75
CA ASP A 5 35.69 21.88 -7.98
C ASP A 5 35.75 23.10 -8.89
N PRO A 6 36.20 22.91 -10.16
CA PRO A 6 36.36 24.02 -11.07
C PRO A 6 35.04 24.66 -11.55
N ARG A 7 33.90 23.96 -11.35
CA ARG A 7 32.58 24.56 -11.59
C ARG A 7 32.14 25.54 -10.50
N ALA A 8 32.84 25.58 -9.36
CA ALA A 8 32.61 26.63 -8.37
C ALA A 8 33.26 27.93 -8.80
N ILE A 9 32.74 29.03 -8.28
CA ILE A 9 33.27 30.36 -8.52
C ILE A 9 33.89 30.83 -7.23
N ILE A 10 35.19 31.08 -7.28
CA ILE A 10 35.97 31.54 -6.14
C ILE A 10 36.47 32.96 -6.49
N ASP A 11 35.97 33.97 -5.78
CA ASP A 11 36.46 35.33 -5.91
C ASP A 11 37.99 35.41 -5.66
N PRO A 12 38.72 36.21 -6.47
CA PRO A 12 40.15 36.49 -6.21
C PRO A 12 40.51 36.90 -4.76
N SER A 13 39.64 37.66 -4.09
CA SER A 13 39.90 38.06 -2.69
C SER A 13 39.47 37.06 -1.62
N ALA A 14 38.82 35.95 -2.01
CA ALA A 14 38.53 34.86 -1.07
C ALA A 14 39.82 34.19 -0.65
N ARG A 15 39.89 33.68 0.58
CA ARG A 15 41.12 33.03 1.09
C ARG A 15 40.79 31.62 1.54
N LEU A 16 41.47 30.64 0.96
CA LEU A 16 41.25 29.25 1.30
C LEU A 16 42.48 28.68 1.96
N ALA A 17 42.30 28.10 3.13
CA ALA A 17 43.36 27.42 3.87
C ALA A 17 43.55 25.96 3.40
N ALA A 18 44.50 25.27 4.03
CA ALA A 18 44.87 23.89 3.65
C ALA A 18 43.70 22.94 3.82
N ASP A 19 43.58 21.98 2.92
CA ASP A 19 42.56 20.91 3.00
C ASP A 19 41.11 21.37 2.83
N VAL A 20 40.88 22.61 2.38
CA VAL A 20 39.56 23.08 2.08
C VAL A 20 39.02 22.34 0.85
N GLN A 21 37.78 21.89 0.95
CA GLN A 21 37.02 21.42 -0.21
C GLN A 21 35.86 22.35 -0.59
N VAL A 22 35.65 22.57 -1.88
CA VAL A 22 34.50 23.32 -2.36
C VAL A 22 33.88 22.54 -3.50
N GLY A 23 32.60 22.20 -3.32
CA GLY A 23 31.84 21.44 -4.30
C GLY A 23 31.48 22.26 -5.54
N PRO A 24 31.05 21.56 -6.59
CA PRO A 24 30.59 22.21 -7.83
C PRO A 24 29.41 23.19 -7.63
N TRP A 25 29.41 24.25 -8.40
CA TRP A 25 28.37 25.28 -8.45
C TRP A 25 28.17 25.99 -7.09
N SER A 26 29.24 26.10 -6.31
CA SER A 26 29.24 26.91 -5.11
C SER A 26 29.92 28.23 -5.45
N ILE A 27 29.60 29.25 -4.65
CA ILE A 27 30.12 30.60 -4.79
C ILE A 27 30.77 30.96 -3.44
N VAL A 28 32.08 31.21 -3.48
CA VAL A 28 32.87 31.73 -2.36
C VAL A 28 33.15 33.17 -2.75
N GLY A 29 32.37 34.08 -2.20
CA GLY A 29 32.43 35.47 -2.62
C GLY A 29 33.63 36.22 -2.11
N ALA A 30 33.73 37.47 -2.53
CA ALA A 30 34.81 38.37 -2.06
C ALA A 30 34.82 38.47 -0.54
N GLU A 31 36.03 38.53 0.02
CA GLU A 31 36.23 38.73 1.45
C GLU A 31 35.64 37.59 2.33
N VAL A 32 35.55 36.38 1.77
CA VAL A 32 35.24 35.17 2.54
C VAL A 32 36.56 34.45 2.82
N GLU A 33 36.87 34.20 4.10
CA GLU A 33 38.02 33.36 4.49
C GLU A 33 37.53 32.04 5.01
N ILE A 34 38.10 30.95 4.52
CA ILE A 34 37.69 29.60 4.93
C ILE A 34 38.88 28.88 5.59
N GLY A 35 38.71 28.49 6.84
CA GLY A 35 39.77 27.86 7.63
C GLY A 35 40.04 26.40 7.25
N GLU A 36 41.13 25.88 7.82
CA GLU A 36 41.70 24.56 7.49
C GLU A 36 40.69 23.44 7.58
N GLY A 37 40.64 22.60 6.55
CA GLY A 37 39.85 21.36 6.59
C GLY A 37 38.35 21.51 6.42
N THR A 38 37.86 22.74 6.27
CA THR A 38 36.43 22.99 6.11
C THR A 38 35.94 22.43 4.74
N VAL A 39 34.80 21.76 4.76
CA VAL A 39 34.17 21.21 3.57
C VAL A 39 32.88 21.97 3.19
N ILE A 40 32.93 22.62 2.02
CA ILE A 40 31.77 23.30 1.45
C ILE A 40 31.20 22.37 0.39
N GLY A 41 29.94 22.00 0.51
CA GLY A 41 29.31 21.15 -0.46
C GLY A 41 28.99 21.85 -1.77
N PRO A 42 28.26 21.17 -2.66
CA PRO A 42 27.79 21.80 -3.88
C PRO A 42 26.61 22.76 -3.62
N HIS A 43 26.35 23.68 -4.54
CA HIS A 43 25.21 24.60 -4.47
C HIS A 43 25.18 25.42 -3.15
N VAL A 44 26.33 25.87 -2.66
CA VAL A 44 26.40 26.73 -1.49
C VAL A 44 26.74 28.12 -1.99
N VAL A 45 26.11 29.14 -1.40
CA VAL A 45 26.51 30.54 -1.61
C VAL A 45 27.10 31.11 -0.32
N LEU A 46 28.37 31.50 -0.37
CA LEU A 46 29.05 32.23 0.71
C LEU A 46 29.32 33.66 0.24
N LYS A 47 28.96 34.61 1.08
CA LYS A 47 29.10 36.02 0.81
C LYS A 47 29.79 36.60 2.04
N GLY A 48 30.66 37.59 1.83
CA GLY A 48 31.46 38.18 2.91
C GLY A 48 31.05 39.61 3.20
N PRO A 49 31.73 40.31 4.12
CA PRO A 49 32.90 39.80 4.85
C PRO A 49 32.55 38.75 5.87
N THR A 50 33.18 37.58 5.71
CA THR A 50 32.84 36.38 6.47
C THR A 50 34.14 35.61 6.75
N LYS A 51 34.31 35.18 7.99
CA LYS A 51 35.38 34.28 8.40
C LYS A 51 34.79 32.98 8.94
N ILE A 52 35.22 31.88 8.35
CA ILE A 52 34.78 30.53 8.74
C ILE A 52 36.04 29.83 9.20
N GLY A 53 36.00 29.20 10.36
CA GLY A 53 37.19 28.56 10.91
C GLY A 53 37.47 27.18 10.32
N LYS A 54 37.97 26.29 11.17
CA LYS A 54 38.50 25.00 10.74
C LYS A 54 37.49 23.86 10.91
N HIS A 55 37.56 22.88 10.00
CA HIS A 55 36.82 21.60 10.13
C HIS A 55 35.31 21.77 10.23
N ASN A 56 34.81 22.78 9.51
CA ASN A 56 33.37 22.98 9.36
C ASN A 56 32.85 22.14 8.19
N ARG A 57 31.57 21.89 8.15
CA ARG A 57 30.90 21.23 7.04
C ARG A 57 29.64 22.04 6.71
N ILE A 58 29.53 22.49 5.49
CA ILE A 58 28.41 23.33 5.05
C ILE A 58 27.77 22.63 3.88
N TYR A 59 26.48 22.29 4.03
CA TYR A 59 25.76 21.50 3.02
C TYR A 59 25.07 22.37 1.98
N GLN A 60 24.74 21.73 0.86
CA GLN A 60 24.02 22.30 -0.25
C GLN A 60 22.81 23.18 0.06
N PHE A 61 22.65 24.19 -0.78
CA PHE A 61 21.54 25.15 -0.78
C PHE A 61 21.54 26.11 0.38
N SER A 62 22.61 26.13 1.15
CA SER A 62 22.80 27.09 2.23
C SER A 62 23.20 28.44 1.65
N SER A 63 22.75 29.50 2.33
CA SER A 63 23.20 30.86 2.08
C SER A 63 23.79 31.41 3.33
N VAL A 64 25.10 31.56 3.30
CA VAL A 64 25.84 31.89 4.47
C VAL A 64 26.58 33.21 4.25
N GLY A 65 26.28 34.19 5.10
CA GLY A 65 26.82 35.56 4.97
C GLY A 65 26.02 36.50 4.11
N GLU A 66 24.72 36.21 3.87
CA GLU A 66 23.89 37.19 3.16
C GLU A 66 23.56 38.43 3.99
N ASP A 67 23.16 39.51 3.31
CA ASP A 67 22.61 40.72 3.94
C ASP A 67 21.25 40.40 4.50
N THR A 68 20.90 40.94 5.66
CA THR A 68 19.48 40.88 6.10
C THR A 68 18.57 41.65 5.12
N PRO A 69 17.36 41.12 4.85
CA PRO A 69 16.57 41.72 3.76
C PRO A 69 15.95 43.08 4.00
N ASP A 70 15.60 43.39 5.24
CA ASP A 70 15.05 44.74 5.50
C ASP A 70 16.15 45.79 5.19
N LEU A 71 16.02 46.43 4.02
CA LEU A 71 16.85 47.62 3.60
C LEU A 71 16.81 48.81 4.58
N LYS A 72 15.89 48.79 5.56
CA LYS A 72 16.01 49.69 6.73
C LYS A 72 17.27 49.41 7.60
N TYR A 73 17.91 48.25 7.41
CA TYR A 73 19.27 48.01 7.93
C TYR A 73 20.43 48.08 6.87
N LYS A 74 20.35 48.95 5.87
CA LYS A 74 21.53 49.32 5.07
C LYS A 74 22.74 49.71 5.94
N GLY A 75 23.95 49.44 5.44
CA GLY A 75 25.18 49.78 6.15
C GLY A 75 26.28 48.77 5.87
N GLU A 76 27.52 49.21 5.94
CA GLU A 76 28.66 48.33 5.67
C GLU A 76 29.99 49.00 6.14
N PRO A 77 31.03 48.23 6.46
CA PRO A 77 31.00 46.77 6.40
C PRO A 77 30.30 46.14 7.61
N THR A 78 29.58 45.05 7.41
CA THR A 78 29.13 44.19 8.52
C THR A 78 29.62 42.78 8.29
N ARG A 79 29.76 41.97 9.34
CA ARG A 79 30.42 40.68 9.17
C ARG A 79 29.74 39.45 9.77
N LEU A 80 30.30 38.29 9.43
CA LEU A 80 29.93 37.02 10.01
C LEU A 80 31.18 36.27 10.45
N VAL A 81 31.15 35.73 11.65
CA VAL A 81 32.25 34.94 12.20
C VAL A 81 31.66 33.61 12.67
N ILE A 82 32.22 32.53 12.11
CA ILE A 82 31.91 31.16 12.44
C ILE A 82 33.21 30.51 12.87
N GLY A 83 33.16 29.81 14.01
CA GLY A 83 34.32 29.14 14.55
C GLY A 83 34.63 27.80 13.89
N ASP A 84 34.88 26.79 14.72
CA ASP A 84 35.44 25.53 14.29
C ASP A 84 34.47 24.34 14.57
N HIS A 85 34.50 23.31 13.73
CA HIS A 85 33.82 22.01 13.95
C HIS A 85 32.29 22.14 13.99
N ASN A 86 31.77 23.10 13.22
CA ASN A 86 30.35 23.32 13.11
C ASN A 86 29.82 22.48 11.94
N VAL A 87 28.57 22.00 12.04
CA VAL A 87 27.88 21.34 10.93
C VAL A 87 26.70 22.24 10.55
N ILE A 88 26.65 22.68 9.30
CA ILE A 88 25.56 23.56 8.80
C ILE A 88 24.93 22.76 7.64
N ARG A 89 23.69 22.34 7.87
CA ARG A 89 22.94 21.42 7.00
C ARG A 89 22.25 22.17 5.87
N GLU A 90 21.37 21.47 5.16
CA GLU A 90 20.86 21.91 3.88
C GLU A 90 20.00 23.19 4.01
N GLY A 91 20.14 24.14 3.11
CA GLY A 91 19.24 25.30 3.09
C GLY A 91 19.29 26.25 4.29
N VAL A 92 20.32 26.18 5.11
CA VAL A 92 20.49 27.11 6.21
C VAL A 92 20.80 28.53 5.65
N THR A 93 20.13 29.53 6.22
CA THR A 93 20.42 30.94 5.99
C THR A 93 21.05 31.55 7.25
N ILE A 94 22.19 32.20 7.07
CA ILE A 94 22.88 32.91 8.12
C ILE A 94 23.24 34.29 7.58
N HIS A 95 22.69 35.33 8.22
CA HIS A 95 22.89 36.70 7.82
C HIS A 95 23.99 37.38 8.63
N ARG A 96 24.65 38.32 7.98
CA ARG A 96 25.69 39.10 8.65
C ARG A 96 25.03 40.08 9.62
N GLY A 97 25.85 40.77 10.39
CA GLY A 97 25.39 41.81 11.32
C GLY A 97 24.88 43.08 10.67
N THR A 98 24.48 44.04 11.51
CA THR A 98 24.00 45.32 11.06
C THR A 98 24.75 46.39 11.82
N VAL A 99 24.97 47.54 11.17
CA VAL A 99 25.66 48.65 11.79
C VAL A 99 24.85 49.25 12.94
N GLN A 100 23.53 49.09 12.88
CA GLN A 100 22.59 49.47 13.96
C GLN A 100 22.73 48.68 15.28
N ASP A 101 23.49 47.57 15.30
CA ASP A 101 23.70 46.81 16.53
C ASP A 101 25.19 46.47 16.67
N ARG A 102 25.59 45.23 16.47
CA ARG A 102 26.99 44.88 16.77
C ARG A 102 27.87 44.79 15.52
N ALA A 103 27.26 44.95 14.33
CA ALA A 103 27.94 44.79 13.03
C ALA A 103 28.54 43.40 12.74
N GLU A 104 28.12 42.38 13.50
CA GLU A 104 28.66 41.01 13.40
C GLU A 104 27.62 39.98 13.85
N THR A 105 27.40 38.95 13.05
CA THR A 105 26.72 37.73 13.52
C THR A 105 27.83 36.77 13.93
N THR A 106 27.69 36.12 15.07
CA THR A 106 28.76 35.29 15.62
C THR A 106 28.31 33.87 16.01
N ILE A 107 29.05 32.87 15.53
CA ILE A 107 28.82 31.47 15.87
C ILE A 107 30.16 30.91 16.36
N GLY A 108 30.13 30.23 17.51
CA GLY A 108 31.32 29.60 18.11
C GLY A 108 31.62 28.24 17.48
N ASP A 109 31.85 27.24 18.35
CA ASP A 109 32.40 25.93 17.99
C ASP A 109 31.43 24.80 18.24
N HIS A 110 31.59 23.71 17.47
CA HIS A 110 30.92 22.42 17.71
C HIS A 110 29.39 22.52 17.71
N ASN A 111 28.83 23.42 16.90
CA ASN A 111 27.38 23.56 16.81
C ASN A 111 26.82 22.72 15.67
N LEU A 112 25.57 22.30 15.83
CA LEU A 112 24.88 21.56 14.80
C LEU A 112 23.66 22.38 14.40
N ILE A 113 23.65 22.85 13.16
CA ILE A 113 22.57 23.70 12.65
C ILE A 113 21.92 22.97 11.49
N MET A 114 20.70 22.49 11.75
CA MET A 114 20.00 21.53 10.88
C MET A 114 19.21 22.26 9.81
N ALA A 115 18.67 21.49 8.89
CA ALA A 115 18.15 21.99 7.63
C ALA A 115 17.12 23.12 7.78
N TYR A 116 17.32 24.18 7.01
CA TYR A 116 16.43 25.28 6.84
C TYR A 116 16.37 26.15 8.10
N ALA A 117 17.33 25.95 8.99
CA ALA A 117 17.42 26.83 10.11
C ALA A 117 17.85 28.24 9.64
N HIS A 118 17.46 29.24 10.41
CA HIS A 118 17.77 30.64 10.11
C HIS A 118 18.41 31.35 11.31
N ILE A 119 19.60 31.88 11.08
CA ILE A 119 20.28 32.68 12.08
C ILE A 119 20.27 34.14 11.62
N GLY A 120 19.42 34.91 12.30
CA GLY A 120 19.20 36.29 11.94
C GLY A 120 20.35 37.20 12.33
N HIS A 121 20.37 38.33 11.68
CA HIS A 121 21.43 39.31 11.84
C HIS A 121 21.73 39.66 13.31
N ASP A 122 23.02 39.81 13.59
CA ASP A 122 23.53 40.14 14.91
C ASP A 122 23.31 39.08 15.96
N SER A 123 22.83 37.89 15.61
CA SER A 123 22.72 36.84 16.61
C SER A 123 24.10 36.30 17.00
N VAL A 124 24.16 35.76 18.20
CA VAL A 124 25.40 35.17 18.76
C VAL A 124 25.07 33.75 19.28
N ILE A 125 25.76 32.76 18.72
CA ILE A 125 25.63 31.36 19.14
C ILE A 125 26.95 30.97 19.76
N GLY A 126 26.89 30.36 20.95
CA GLY A 126 28.05 29.86 21.66
C GLY A 126 28.59 28.55 21.06
N ASN A 127 28.72 27.53 21.89
CA ASN A 127 29.39 26.29 21.54
C ASN A 127 28.50 25.12 21.94
N HIS A 128 28.55 24.07 21.14
CA HIS A 128 27.85 22.79 21.38
C HIS A 128 26.35 22.95 21.38
N CYS A 129 25.83 23.91 20.62
CA CYS A 129 24.41 24.09 20.50
C CYS A 129 23.89 23.23 19.37
N ILE A 130 22.63 22.87 19.52
CA ILE A 130 21.87 22.21 18.48
C ILE A 130 20.60 23.03 18.11
N LEU A 131 20.54 23.44 16.85
CA LEU A 131 19.36 24.08 16.27
C LEU A 131 18.74 23.11 15.26
N VAL A 132 17.59 22.56 15.62
CA VAL A 132 16.96 21.51 14.83
C VAL A 132 16.28 22.21 13.63
N ASN A 133 15.95 21.43 12.61
CA ASN A 133 15.21 21.88 11.42
C ASN A 133 14.30 23.09 11.59
N ASN A 134 14.54 24.13 10.77
CA ASN A 134 13.67 25.30 10.67
C ASN A 134 13.57 26.14 11.95
N THR A 135 14.54 25.98 12.84
CA THR A 135 14.67 26.90 13.93
C THR A 135 15.02 28.28 13.31
N ALA A 136 14.36 29.31 13.82
CA ALA A 136 14.48 30.66 13.24
C ALA A 136 14.79 31.64 14.36
N LEU A 137 16.03 32.14 14.34
CA LEU A 137 16.45 33.22 15.25
C LEU A 137 16.24 34.53 14.52
N ALA A 138 15.24 35.29 14.94
CA ALA A 138 14.79 36.47 14.17
C ALA A 138 15.84 37.59 14.00
N GLY A 139 16.70 37.79 15.01
CA GLY A 139 17.72 38.83 15.01
C GLY A 139 18.08 39.19 16.43
N HIS A 140 19.36 39.52 16.64
CA HIS A 140 19.91 39.88 17.96
C HIS A 140 19.64 38.81 19.05
N VAL A 141 19.56 37.53 18.67
CA VAL A 141 19.37 36.43 19.62
C VAL A 141 20.73 35.93 20.12
N HIS A 142 20.85 35.73 21.42
CA HIS A 142 22.04 35.14 22.01
C HIS A 142 21.69 33.73 22.50
N VAL A 143 22.31 32.70 21.90
CA VAL A 143 22.17 31.32 22.35
C VAL A 143 23.44 30.88 23.07
N ASP A 144 23.33 30.60 24.36
CA ASP A 144 24.47 30.20 25.17
C ASP A 144 24.72 28.68 25.02
N ASP A 145 25.86 28.23 25.55
CA ASP A 145 26.39 26.91 25.27
C ASP A 145 25.45 25.77 25.60
N TRP A 146 25.53 24.74 24.79
CA TRP A 146 24.81 23.49 25.03
C TRP A 146 23.29 23.56 24.90
N ALA A 147 22.71 24.72 24.55
CA ALA A 147 21.29 24.84 24.32
C ALA A 147 20.87 24.00 23.14
N ILE A 148 19.62 23.51 23.21
CA ILE A 148 19.00 22.74 22.16
C ILE A 148 17.65 23.38 21.84
N LEU A 149 17.45 23.68 20.57
CA LEU A 149 16.18 24.22 20.11
C LEU A 149 15.59 23.20 19.16
N SER A 150 14.46 22.61 19.54
CA SER A 150 13.80 21.59 18.70
C SER A 150 13.19 22.19 17.42
N GLY A 151 12.74 21.30 16.53
CA GLY A 151 12.30 21.66 15.19
C GLY A 151 11.31 22.80 15.22
N TYR A 152 11.50 23.79 14.33
CA TYR A 152 10.53 24.89 14.15
C TYR A 152 10.35 25.76 15.41
N THR A 153 11.44 25.86 16.18
CA THR A 153 11.46 26.76 17.32
C THR A 153 11.67 28.18 16.73
N LEU A 154 10.82 29.11 17.13
CA LEU A 154 10.90 30.52 16.69
C LEU A 154 11.31 31.36 17.88
N VAL A 155 12.36 32.15 17.71
CA VAL A 155 12.84 33.03 18.76
C VAL A 155 12.73 34.46 18.30
N HIS A 156 11.96 35.23 19.05
CA HIS A 156 11.78 36.67 18.86
C HIS A 156 13.11 37.43 18.96
N GLN A 157 13.20 38.52 18.23
CA GLN A 157 14.29 39.48 18.33
C GLN A 157 14.67 39.82 19.79
N TYR A 158 15.98 39.89 20.02
CA TYR A 158 16.59 40.27 21.30
C TYR A 158 16.58 39.24 22.43
N CYS A 159 15.91 38.11 22.25
CA CYS A 159 15.82 37.09 23.29
C CYS A 159 17.11 36.35 23.52
N ARG A 160 17.31 35.93 24.76
CA ARG A 160 18.48 35.15 25.20
C ARG A 160 18.03 33.73 25.53
N ILE A 161 18.77 32.75 25.01
CA ILE A 161 18.47 31.33 25.23
C ILE A 161 19.59 30.83 26.15
N GLY A 162 19.23 30.45 27.38
CA GLY A 162 20.22 30.07 28.40
C GLY A 162 20.95 28.78 28.09
N ALA A 163 22.14 28.67 28.67
CA ALA A 163 23.00 27.51 28.54
C ALA A 163 22.24 26.29 29.00
N HIS A 164 22.40 25.19 28.26
CA HIS A 164 21.77 23.89 28.61
C HIS A 164 20.24 23.88 28.57
N SER A 165 19.61 24.90 28.03
CA SER A 165 18.15 24.96 27.98
C SER A 165 17.67 24.07 26.82
N PHE A 166 16.35 23.86 26.79
CA PHE A 166 15.68 23.03 25.82
C PHE A 166 14.32 23.64 25.44
N SER A 167 14.02 23.65 24.15
CA SER A 167 12.73 24.06 23.65
C SER A 167 12.11 22.88 22.93
N GLY A 168 10.84 22.63 23.20
CA GLY A 168 10.11 21.60 22.49
C GLY A 168 9.80 22.07 21.08
N MET A 169 9.47 21.14 20.21
CA MET A 169 9.29 21.46 18.81
C MET A 169 8.10 22.43 18.66
N GLY A 170 8.19 23.40 17.74
CA GLY A 170 7.12 24.37 17.51
C GLY A 170 6.97 25.41 18.61
N SER A 171 7.97 25.56 19.48
CA SER A 171 7.94 26.62 20.49
C SER A 171 8.05 28.01 19.84
N ALA A 172 7.26 28.96 20.36
CA ALA A 172 7.38 30.36 19.97
C ALA A 172 7.81 31.13 21.19
N ILE A 173 9.09 31.51 21.19
CA ILE A 173 9.75 32.10 22.35
C ILE A 173 9.81 33.62 22.19
N GLY A 174 9.13 34.35 23.08
CA GLY A 174 9.11 35.82 23.09
C GLY A 174 9.85 36.50 24.24
N LYS A 175 10.24 35.73 25.26
CA LYS A 175 11.03 36.24 26.39
C LYS A 175 12.22 35.31 26.59
N ASP A 176 13.19 35.77 27.39
CA ASP A 176 14.42 35.03 27.68
C ASP A 176 14.12 33.66 28.30
N VAL A 177 14.92 32.67 27.96
CA VAL A 177 14.80 31.33 28.54
C VAL A 177 15.99 31.22 29.45
N PRO A 178 15.77 31.06 30.76
CA PRO A 178 16.91 30.91 31.66
C PRO A 178 17.72 29.65 31.36
N ALA A 179 18.99 29.65 31.76
CA ALA A 179 19.79 28.42 31.69
C ALA A 179 19.07 27.24 32.32
N TYR A 180 19.27 26.09 31.68
CA TYR A 180 18.74 24.79 32.07
C TYR A 180 17.23 24.62 31.95
N VAL A 181 16.48 25.64 31.57
CA VAL A 181 15.02 25.53 31.57
C VAL A 181 14.51 24.88 30.28
N THR A 182 13.42 24.13 30.42
CA THR A 182 12.73 23.53 29.28
C THR A 182 11.47 24.36 29.06
N VAL A 183 11.23 24.73 27.80
CA VAL A 183 10.04 25.46 27.42
C VAL A 183 9.35 24.76 26.27
N PHE A 184 8.04 24.93 26.20
CA PHE A 184 7.17 24.32 25.21
C PHE A 184 6.03 25.26 24.88
N GLY A 185 5.58 25.22 23.63
CA GLY A 185 4.32 25.78 23.22
C GLY A 185 4.41 27.10 22.49
N ASN A 186 3.27 27.52 21.96
CA ASN A 186 3.13 28.83 21.34
C ASN A 186 1.92 29.56 21.97
N PRO A 187 2.14 30.56 22.84
CA PRO A 187 3.49 31.03 23.23
C PRO A 187 4.22 30.04 24.15
N ALA A 188 5.53 30.18 24.25
CA ALA A 188 6.34 29.21 25.00
C ALA A 188 6.12 29.40 26.49
N GLU A 189 5.98 28.29 27.22
CA GLU A 189 5.90 28.33 28.68
C GLU A 189 6.99 27.47 29.31
N ALA A 190 7.42 27.86 30.50
CA ALA A 190 8.41 27.08 31.27
C ALA A 190 7.72 25.85 31.81
N ARG A 191 8.36 24.69 31.72
CA ARG A 191 7.81 23.47 32.30
C ARG A 191 8.72 22.92 33.40
N SER A 192 9.98 22.71 33.11
CA SER A 192 10.89 22.21 34.11
C SER A 192 12.33 22.59 33.79
N MET A 193 13.26 21.92 34.47
CA MET A 193 14.67 21.94 34.11
C MET A 193 14.96 20.82 33.08
N ASN A 194 16.04 20.98 32.30
CA ASN A 194 16.44 20.00 31.29
C ASN A 194 17.29 18.90 31.93
N PHE A 195 16.63 18.09 32.75
CA PHE A 195 17.31 17.02 33.51
C PHE A 195 17.97 15.97 32.55
N GLU A 196 17.31 15.62 31.44
CA GLU A 196 17.85 14.70 30.41
C GLU A 196 19.21 15.15 29.92
N GLY A 197 19.29 16.43 29.60
CA GLY A 197 20.53 17.08 29.20
C GLY A 197 21.58 17.06 30.29
N MET A 198 21.19 17.41 31.51
CA MET A 198 22.13 17.45 32.65
C MET A 198 22.74 16.07 32.93
N ARG A 199 21.89 15.04 32.91
CA ARG A 199 22.34 13.64 33.07
C ARG A 199 23.34 13.26 31.98
N ARG A 200 22.95 13.37 30.72
CA ARG A 200 23.83 13.06 29.55
C ARG A 200 25.19 13.77 29.54
N ARG A 201 25.28 14.96 30.13
CA ARG A 201 26.53 15.74 30.16
C ARG A 201 27.32 15.57 31.46
N GLY A 202 26.91 14.65 32.33
CA GLY A 202 27.72 14.28 33.50
C GLY A 202 27.59 15.19 34.71
N PHE A 203 26.45 15.87 34.85
CA PHE A 203 26.25 16.76 36.01
C PHE A 203 26.18 15.90 37.29
N SER A 204 26.71 16.44 38.39
CA SER A 204 26.68 15.77 39.67
C SER A 204 25.24 15.67 40.17
N SER A 205 24.97 14.60 40.92
CA SER A 205 23.68 14.44 41.60
C SER A 205 23.36 15.66 42.48
N GLU A 206 24.40 16.21 43.08
CA GLU A 206 24.31 17.35 44.00
C GLU A 206 23.92 18.64 43.27
N ALA A 207 24.52 18.88 42.11
CA ALA A 207 24.21 20.03 41.28
C ALA A 207 22.77 19.96 40.76
N ILE A 208 22.39 18.78 40.26
CA ILE A 208 21.04 18.55 39.75
C ILE A 208 19.97 18.88 40.79
N HIS A 209 20.17 18.45 42.03
CA HIS A 209 19.20 18.73 43.10
C HIS A 209 19.14 20.22 43.43
N ALA A 210 20.31 20.87 43.48
CA ALA A 210 20.37 22.31 43.74
C ALA A 210 19.69 23.14 42.63
N LEU A 211 19.79 22.69 41.37
CA LEU A 211 19.06 23.32 40.25
C LEU A 211 17.55 23.07 40.33
N ARG A 212 17.13 21.82 40.56
CA ARG A 212 15.71 21.49 40.84
C ARG A 212 15.13 22.43 41.91
N ARG A 213 15.88 22.62 43.01
CA ARG A 213 15.52 23.56 44.08
C ARG A 213 15.45 25.00 43.59
N ALA A 214 16.47 25.44 42.85
CA ALA A 214 16.51 26.80 42.34
C ALA A 214 15.37 27.11 41.34
N TYR A 215 14.96 26.12 40.54
CA TYR A 215 13.79 26.29 39.69
C TYR A 215 12.62 26.66 40.58
N LYS A 216 12.36 25.82 41.58
CA LYS A 216 11.23 26.03 42.52
C LYS A 216 11.26 27.44 43.14
N VAL A 217 12.43 27.87 43.63
CA VAL A 217 12.63 29.23 44.16
C VAL A 217 12.24 30.35 43.21
N VAL A 218 12.53 30.20 41.91
CA VAL A 218 12.22 31.23 40.91
C VAL A 218 10.76 31.21 40.46
N TYR A 219 10.19 30.01 40.27
CA TYR A 219 8.89 29.82 39.59
C TYR A 219 7.73 29.32 40.44
N ARG A 220 8.01 28.65 41.56
CA ARG A 220 7.01 27.83 42.27
C ARG A 220 6.72 28.23 43.72
N GLN A 221 7.52 29.13 44.30
CA GLN A 221 7.37 29.55 45.68
C GLN A 221 6.69 30.92 45.77
N GLY A 222 6.28 31.47 44.63
CA GLY A 222 5.56 32.72 44.58
C GLY A 222 6.38 33.94 44.96
N HIS A 223 7.71 33.82 44.94
CA HIS A 223 8.58 34.97 45.19
C HIS A 223 8.51 35.94 44.01
N THR A 224 9.02 37.13 44.24
CA THR A 224 9.34 38.06 43.18
C THR A 224 10.66 37.56 42.63
N VAL A 225 11.01 38.04 41.42
CA VAL A 225 12.31 37.74 40.80
C VAL A 225 13.42 38.17 41.74
N GLU A 226 13.26 39.37 42.30
CA GLU A 226 14.31 40.05 43.06
C GLU A 226 14.51 39.31 44.40
N GLU A 227 13.42 38.89 45.04
CA GLU A 227 13.50 38.01 46.23
C GLU A 227 14.18 36.69 45.86
N ALA A 228 13.61 36.01 44.86
CA ALA A 228 14.12 34.72 44.35
C ALA A 228 15.60 34.75 44.10
N LEU A 229 16.09 35.83 43.51
CA LEU A 229 17.52 36.03 43.34
C LEU A 229 18.28 36.03 44.65
N ALA A 230 17.81 36.85 45.61
CA ALA A 230 18.47 36.98 46.92
C ALA A 230 18.54 35.63 47.64
N GLU A 231 17.44 34.89 47.61
CA GLU A 231 17.40 33.54 48.18
C GLU A 231 18.42 32.57 47.56
N LEU A 232 18.77 32.78 46.28
CA LEU A 232 19.73 31.92 45.57
C LEU A 232 21.22 32.22 45.83
N ALA A 233 21.54 33.38 46.40
CA ALA A 233 22.94 33.80 46.66
C ALA A 233 23.85 32.69 47.22
N GLU A 234 23.35 31.96 48.22
CA GLU A 234 24.14 30.96 48.94
C GLU A 234 24.38 29.70 48.10
N SER A 235 23.32 29.16 47.49
CA SER A 235 23.47 28.05 46.54
C SER A 235 24.38 28.42 45.35
N ALA A 236 24.18 29.61 44.77
CA ALA A 236 25.05 30.11 43.70
C ALA A 236 26.55 30.16 44.05
N ALA A 237 26.89 30.51 45.29
CA ALA A 237 28.29 30.48 45.75
C ALA A 237 28.82 29.04 45.85
N GLN A 238 27.95 28.10 46.21
CA GLN A 238 28.39 26.71 46.32
C GLN A 238 28.44 25.98 44.98
N PHE A 239 27.54 26.32 44.06
CA PHE A 239 27.37 25.57 42.79
C PHE A 239 27.48 26.50 41.58
N PRO A 240 28.58 26.41 40.81
CA PRO A 240 28.71 27.20 39.57
C PRO A 240 27.47 27.11 38.63
N GLU A 241 26.83 25.94 38.61
CA GLU A 241 25.61 25.70 37.84
C GLU A 241 24.46 26.57 38.32
N VAL A 242 24.30 26.67 39.64
CA VAL A 242 23.28 27.55 40.17
C VAL A 242 23.63 29.02 39.84
N ALA A 243 24.92 29.37 39.85
CA ALA A 243 25.38 30.72 39.45
C ALA A 243 24.98 31.05 38.00
N VAL A 244 25.26 30.13 37.08
CA VAL A 244 24.84 30.27 35.68
C VAL A 244 23.30 30.49 35.61
N PHE A 245 22.53 29.73 36.36
CA PHE A 245 21.08 29.91 36.43
C PHE A 245 20.68 31.31 36.92
N ARG A 246 21.25 31.72 38.06
CA ARG A 246 21.05 33.05 38.66
C ARG A 246 21.43 34.18 37.72
N ASP A 247 22.55 34.06 37.05
CA ASP A 247 23.03 35.11 36.14
C ASP A 247 22.14 35.29 34.92
N SER A 248 21.63 34.19 34.37
CA SER A 248 20.72 34.26 33.23
C SER A 248 19.43 35.00 33.62
N ILE A 249 18.94 34.76 34.84
CA ILE A 249 17.76 35.46 35.35
C ILE A 249 18.06 36.94 35.60
N GLN A 250 19.17 37.22 36.28
CA GLN A 250 19.59 38.59 36.58
C GLN A 250 19.77 39.48 35.34
N SER A 251 20.20 38.89 34.22
CA SER A 251 20.44 39.62 32.97
C SER A 251 19.28 39.56 31.95
N ALA A 252 18.10 39.12 32.42
CA ALA A 252 16.88 39.20 31.64
C ALA A 252 16.07 40.47 31.95
N THR A 253 16.60 41.65 31.60
CA THR A 253 15.83 42.91 31.63
C THR A 253 14.45 42.73 30.95
N ARG A 254 14.51 42.15 29.73
CA ARG A 254 13.34 41.73 28.91
C ARG A 254 12.23 40.96 29.68
N GLY A 255 12.59 40.19 30.71
CA GLY A 255 11.66 39.30 31.43
C GLY A 255 11.94 37.85 31.07
N ILE A 256 11.48 36.93 31.92
CA ILE A 256 11.71 35.49 31.69
C ILE A 256 10.45 34.73 31.31
N THR A 257 10.62 33.71 30.46
CA THR A 257 9.55 32.82 30.05
C THR A 257 9.03 32.14 31.34
N ARG A 258 7.75 32.39 31.64
CA ARG A 258 7.08 31.86 32.83
C ARG A 258 6.23 30.65 32.49
N SER B 2 20.78 14.79 -24.65
CA SER B 2 20.39 13.45 -24.14
C SER B 2 19.16 13.58 -23.20
N LEU B 3 18.73 12.47 -22.61
CA LEU B 3 17.79 12.51 -21.49
C LEU B 3 18.51 12.88 -20.18
N ILE B 4 19.77 12.48 -20.06
CA ILE B 4 20.65 12.89 -18.97
C ILE B 4 21.28 14.18 -19.46
N ASP B 5 21.04 15.27 -18.74
CA ASP B 5 21.63 16.53 -19.13
C ASP B 5 23.16 16.44 -19.00
N PRO B 6 23.90 16.94 -20.02
CA PRO B 6 25.36 16.89 -19.95
C PRO B 6 25.98 17.67 -18.77
N ARG B 7 25.23 18.57 -18.16
CA ARG B 7 25.72 19.31 -16.98
C ARG B 7 25.50 18.62 -15.64
N ALA B 8 24.80 17.48 -15.65
CA ALA B 8 24.64 16.68 -14.45
C ALA B 8 25.90 15.89 -14.18
N ILE B 9 26.09 15.51 -12.92
CA ILE B 9 27.08 14.55 -12.46
C ILE B 9 26.41 13.20 -12.17
N ILE B 10 26.74 12.18 -12.94
CA ILE B 10 26.23 10.82 -12.70
C ILE B 10 27.38 9.94 -12.32
N ASP B 11 27.34 9.41 -11.10
CA ASP B 11 28.38 8.52 -10.61
C ASP B 11 28.46 7.26 -11.47
N PRO B 12 29.69 6.78 -11.76
CA PRO B 12 29.88 5.51 -12.48
C PRO B 12 29.12 4.32 -11.88
N SER B 13 29.10 4.25 -10.54
CA SER B 13 28.33 3.22 -9.84
C SER B 13 26.81 3.41 -9.82
N ALA B 14 26.30 4.54 -10.28
CA ALA B 14 24.84 4.72 -10.36
C ALA B 14 24.24 3.81 -11.44
N ARG B 15 23.02 3.31 -11.19
CA ARG B 15 22.26 2.47 -12.13
C ARG B 15 20.93 3.13 -12.50
N LEU B 16 20.83 3.57 -13.74
CA LEU B 16 19.68 4.29 -14.24
C LEU B 16 18.98 3.52 -15.37
N ALA B 17 17.69 3.23 -15.22
CA ALA B 17 16.88 2.72 -16.32
C ALA B 17 16.98 3.66 -17.54
N ALA B 18 16.71 3.13 -18.74
CA ALA B 18 17.16 3.76 -20.01
C ALA B 18 16.46 5.06 -20.41
N ASP B 19 15.26 5.27 -19.88
CA ASP B 19 14.50 6.48 -20.17
C ASP B 19 14.37 7.46 -18.96
N VAL B 20 15.22 7.28 -17.94
CA VAL B 20 15.33 8.24 -16.83
C VAL B 20 15.82 9.60 -17.33
N GLN B 21 15.21 10.67 -16.83
CA GLN B 21 15.61 12.04 -17.13
C GLN B 21 16.26 12.72 -15.93
N VAL B 22 17.36 13.43 -16.18
CA VAL B 22 18.10 14.13 -15.15
C VAL B 22 18.43 15.51 -15.68
N GLY B 23 18.00 16.54 -14.97
CA GLY B 23 18.17 17.91 -15.45
C GLY B 23 19.56 18.40 -15.16
N PRO B 24 19.89 19.60 -15.64
CA PRO B 24 21.19 20.19 -15.41
C PRO B 24 21.54 20.43 -13.94
N TRP B 25 22.84 20.29 -13.63
CA TRP B 25 23.43 20.53 -12.31
C TRP B 25 22.84 19.72 -11.16
N SER B 26 22.33 18.54 -11.50
CA SER B 26 21.96 17.56 -10.50
C SER B 26 23.07 16.53 -10.27
N ILE B 27 23.05 15.95 -9.08
CA ILE B 27 24.06 14.96 -8.65
C ILE B 27 23.34 13.65 -8.42
N VAL B 28 23.70 12.62 -9.17
CA VAL B 28 23.29 11.26 -8.85
C VAL B 28 24.52 10.58 -8.30
N GLY B 29 24.48 10.30 -6.99
CA GLY B 29 25.64 9.83 -6.29
C GLY B 29 25.87 8.36 -6.47
N ALA B 30 26.95 7.90 -5.85
CA ALA B 30 27.31 6.49 -5.83
C ALA B 30 26.18 5.64 -5.23
N GLU B 31 25.99 4.45 -5.80
CA GLU B 31 25.01 3.45 -5.33
C GLU B 31 23.57 3.98 -5.25
N VAL B 32 23.22 4.87 -6.17
CA VAL B 32 21.84 5.31 -6.35
C VAL B 32 21.28 4.62 -7.59
N GLU B 33 20.13 3.96 -7.44
CA GLU B 33 19.42 3.29 -8.53
C GLU B 33 18.15 4.06 -8.83
N ILE B 34 17.89 4.36 -10.12
CA ILE B 34 16.67 5.06 -10.54
C ILE B 34 15.91 4.30 -11.64
N GLY B 35 14.63 4.04 -11.34
CA GLY B 35 13.77 3.21 -12.15
C GLY B 35 13.13 3.95 -13.31
N GLU B 36 12.50 3.17 -14.16
CA GLU B 36 11.96 3.61 -15.43
C GLU B 36 10.97 4.77 -15.30
N GLY B 37 11.12 5.77 -16.17
CA GLY B 37 10.18 6.87 -16.32
C GLY B 37 10.33 7.98 -15.29
N THR B 38 11.23 7.79 -14.32
CA THR B 38 11.48 8.77 -13.29
C THR B 38 12.16 10.02 -13.88
N VAL B 39 11.67 11.20 -13.48
CA VAL B 39 12.25 12.51 -13.88
C VAL B 39 12.86 13.23 -12.67
N ILE B 40 14.16 13.47 -12.75
CA ILE B 40 14.90 14.24 -11.78
C ILE B 40 15.05 15.64 -12.37
N GLY B 41 14.60 16.64 -11.63
CA GLY B 41 14.73 18.04 -12.03
C GLY B 41 16.17 18.52 -12.03
N PRO B 42 16.37 19.82 -12.30
CA PRO B 42 17.69 20.45 -12.09
C PRO B 42 17.96 20.70 -10.61
N HIS B 43 19.24 20.92 -10.26
CA HIS B 43 19.67 21.24 -8.88
C HIS B 43 19.17 20.25 -7.82
N VAL B 44 19.16 18.96 -8.13
CA VAL B 44 18.77 17.91 -7.16
C VAL B 44 20.02 17.19 -6.70
N VAL B 45 20.13 16.98 -5.40
CA VAL B 45 21.20 16.13 -4.86
C VAL B 45 20.64 14.77 -4.43
N LEU B 46 21.08 13.70 -5.12
CA LEU B 46 20.74 12.33 -4.77
C LEU B 46 21.98 11.59 -4.31
N LYS B 47 21.95 11.10 -3.07
CA LYS B 47 23.01 10.25 -2.52
C LYS B 47 22.45 8.88 -2.13
N GLY B 48 23.38 7.91 -1.95
CA GLY B 48 23.07 6.50 -1.71
C GLY B 48 23.70 5.97 -0.44
N PRO B 49 23.47 4.69 -0.09
CA PRO B 49 22.72 3.71 -0.92
C PRO B 49 21.22 3.97 -0.94
N THR B 50 20.69 4.12 -2.15
CA THR B 50 19.32 4.55 -2.31
C THR B 50 18.74 3.88 -3.54
N LYS B 51 17.49 3.50 -3.45
CA LYS B 51 16.77 2.95 -4.58
C LYS B 51 15.51 3.75 -4.75
N ILE B 52 15.34 4.30 -5.95
CA ILE B 52 14.17 5.04 -6.33
C ILE B 52 13.51 4.29 -7.48
N GLY B 53 12.18 4.19 -7.44
CA GLY B 53 11.43 3.39 -8.36
C GLY B 53 11.06 4.09 -9.65
N LYS B 54 9.86 3.78 -10.13
CA LYS B 54 9.45 4.07 -11.48
C LYS B 54 8.46 5.22 -11.48
N HIS B 55 8.52 6.00 -12.54
CA HIS B 55 7.65 7.15 -12.76
C HIS B 55 7.56 8.12 -11.57
N ASN B 56 8.65 8.34 -10.85
CA ASN B 56 8.70 9.41 -9.83
C ASN B 56 9.15 10.72 -10.47
N ARG B 57 8.77 11.83 -9.84
CA ARG B 57 9.23 13.17 -10.20
C ARG B 57 9.86 13.83 -8.94
N ILE B 58 11.11 14.30 -9.06
CA ILE B 58 11.81 14.97 -7.96
C ILE B 58 12.24 16.38 -8.38
N TYR B 59 11.75 17.38 -7.65
CA TYR B 59 11.94 18.76 -8.03
C TYR B 59 13.22 19.34 -7.49
N GLN B 60 13.55 20.48 -8.08
CA GLN B 60 14.74 21.25 -7.75
C GLN B 60 14.93 21.52 -6.27
N PHE B 61 16.20 21.49 -5.90
CA PHE B 61 16.69 21.89 -4.55
C PHE B 61 16.42 20.83 -3.46
N SER B 62 16.05 19.62 -3.86
CA SER B 62 15.84 18.52 -2.95
C SER B 62 17.15 17.79 -2.68
N SER B 63 17.29 17.31 -1.46
CA SER B 63 18.37 16.43 -1.07
C SER B 63 17.72 15.12 -0.62
N VAL B 64 17.89 14.09 -1.45
CA VAL B 64 17.31 12.78 -1.24
C VAL B 64 18.42 11.72 -1.07
N GLY B 65 18.46 11.13 0.11
CA GLY B 65 19.43 10.11 0.43
C GLY B 65 20.61 10.62 1.19
N GLU B 66 20.48 11.83 1.76
CA GLU B 66 21.53 12.37 2.63
C GLU B 66 21.64 11.64 3.94
N ASP B 67 22.83 11.65 4.48
CA ASP B 67 23.09 11.23 5.86
C ASP B 67 22.20 12.03 6.82
N THR B 68 21.69 11.36 7.84
CA THR B 68 21.01 12.04 8.94
C THR B 68 22.03 12.81 9.77
N PRO B 69 21.64 13.98 10.30
CA PRO B 69 22.47 14.62 11.32
C PRO B 69 22.41 13.96 12.72
N ASP B 70 21.50 13.02 12.96
CA ASP B 70 21.41 12.26 14.23
C ASP B 70 22.84 11.93 14.61
N LEU B 71 23.21 12.32 15.81
CA LEU B 71 24.58 12.20 16.29
C LEU B 71 25.00 10.74 16.56
N LYS B 72 24.02 9.82 16.68
CA LYS B 72 24.33 8.38 16.76
C LYS B 72 24.80 7.80 15.42
N TYR B 73 24.43 8.43 14.31
CA TYR B 73 24.83 7.97 12.99
C TYR B 73 26.34 8.15 12.80
N LYS B 74 27.05 7.12 12.32
CA LYS B 74 28.53 7.14 12.20
C LYS B 74 29.08 6.71 10.83
N GLY B 75 28.38 7.06 9.77
CA GLY B 75 28.85 6.84 8.40
C GLY B 75 28.53 5.48 7.80
N GLU B 76 27.61 4.73 8.41
CA GLU B 76 27.23 3.41 7.94
C GLU B 76 26.45 3.48 6.64
N PRO B 77 26.62 2.47 5.76
CA PRO B 77 25.82 2.33 4.53
C PRO B 77 24.35 1.92 4.79
N THR B 78 23.63 2.78 5.51
CA THR B 78 22.18 2.71 5.65
C THR B 78 21.52 3.10 4.35
N ARG B 79 20.24 2.79 4.24
CA ARG B 79 19.55 2.91 2.96
C ARG B 79 18.31 3.84 2.98
N LEU B 80 17.90 4.16 1.76
CA LEU B 80 16.65 4.82 1.48
C LEU B 80 16.00 4.08 0.33
N VAL B 81 14.73 3.72 0.50
CA VAL B 81 13.98 3.08 -0.58
C VAL B 81 12.73 3.91 -0.83
N ILE B 82 12.53 4.30 -2.11
CA ILE B 82 11.35 5.01 -2.57
C ILE B 82 10.68 4.18 -3.70
N GLY B 83 9.37 4.03 -3.65
CA GLY B 83 8.61 3.24 -4.64
C GLY B 83 8.30 4.00 -5.92
N ASP B 84 7.05 3.88 -6.39
CA ASP B 84 6.66 4.38 -7.70
C ASP B 84 5.62 5.50 -7.62
N HIS B 85 5.63 6.37 -8.63
CA HIS B 85 4.59 7.38 -8.82
C HIS B 85 4.50 8.40 -7.70
N ASN B 86 5.62 8.63 -7.02
CA ASN B 86 5.71 9.69 -6.03
C ASN B 86 6.08 11.02 -6.67
N VAL B 87 5.54 12.09 -6.11
CA VAL B 87 6.00 13.44 -6.43
C VAL B 87 6.72 14.03 -5.20
N ILE B 88 7.95 14.50 -5.44
CA ILE B 88 8.76 15.11 -4.41
C ILE B 88 9.05 16.52 -4.91
N ARG B 89 8.48 17.50 -4.20
CA ARG B 89 8.47 18.90 -4.66
C ARG B 89 9.74 19.65 -4.21
N GLU B 90 9.75 20.99 -4.33
CA GLU B 90 10.98 21.79 -4.19
C GLU B 90 11.60 21.71 -2.79
N GLY B 91 12.90 21.55 -2.70
CA GLY B 91 13.58 21.63 -1.41
C GLY B 91 13.32 20.53 -0.37
N VAL B 92 12.75 19.40 -0.78
CA VAL B 92 12.45 18.32 0.18
C VAL B 92 13.73 17.65 0.65
N THR B 93 13.81 17.31 1.93
CA THR B 93 14.91 16.58 2.50
C THR B 93 14.46 15.20 2.98
N ILE B 94 15.19 14.17 2.53
CA ILE B 94 14.89 12.77 2.91
C ILE B 94 16.23 12.15 3.26
N HIS B 95 16.34 11.72 4.50
CA HIS B 95 17.55 11.17 5.04
C HIS B 95 17.48 9.63 5.08
N ARG B 96 18.63 8.98 4.98
CA ARG B 96 18.68 7.51 5.07
C ARG B 96 18.56 7.07 6.52
N GLY B 97 18.51 5.76 6.76
CA GLY B 97 18.36 5.21 8.10
C GLY B 97 19.59 5.24 8.96
N THR B 98 19.45 4.63 10.14
CA THR B 98 20.48 4.44 11.16
C THR B 98 20.52 2.94 11.57
N VAL B 99 21.69 2.45 11.96
CA VAL B 99 21.83 1.03 12.34
C VAL B 99 21.19 0.75 13.69
N GLN B 100 20.97 1.81 14.46
CA GLN B 100 20.33 1.72 15.75
C GLN B 100 18.84 1.35 15.67
N ASP B 101 18.22 1.49 14.49
CA ASP B 101 16.80 1.11 14.31
C ASP B 101 16.66 0.19 13.06
N ARG B 102 16.26 0.73 11.90
CA ARG B 102 15.94 -0.09 10.70
C ARG B 102 17.08 -0.23 9.66
N ALA B 103 18.10 0.63 9.77
CA ALA B 103 19.08 0.83 8.70
C ALA B 103 18.48 1.28 7.35
N GLU B 104 17.23 1.72 7.35
CA GLU B 104 16.50 2.12 6.12
C GLU B 104 15.37 3.11 6.40
N THR B 105 15.22 4.08 5.50
CA THR B 105 14.08 4.99 5.47
C THR B 105 13.26 4.54 4.28
N THR B 106 11.94 4.44 4.38
CA THR B 106 11.17 3.78 3.34
C THR B 106 9.97 4.60 2.97
N ILE B 107 9.78 4.78 1.65
CA ILE B 107 8.62 5.45 1.11
C ILE B 107 7.96 4.55 0.07
N GLY B 108 6.64 4.44 0.11
CA GLY B 108 5.90 3.57 -0.80
C GLY B 108 5.59 4.22 -2.15
N ASP B 109 4.32 4.17 -2.53
CA ASP B 109 3.88 4.55 -3.86
C ASP B 109 2.86 5.64 -3.80
N HIS B 110 2.81 6.45 -4.86
CA HIS B 110 1.74 7.44 -5.10
C HIS B 110 1.66 8.55 -4.05
N ASN B 111 2.76 8.82 -3.37
CA ASN B 111 2.75 9.86 -2.32
C ASN B 111 3.02 11.24 -2.96
N LEU B 112 2.49 12.27 -2.30
CA LEU B 112 2.71 13.64 -2.70
C LEU B 112 3.41 14.37 -1.51
N ILE B 113 4.67 14.73 -1.71
CA ILE B 113 5.50 15.31 -0.65
C ILE B 113 5.85 16.72 -1.12
N MET B 114 5.19 17.73 -0.52
CA MET B 114 5.28 19.09 -1.02
C MET B 114 6.52 19.81 -0.49
N ALA B 115 6.69 21.04 -0.93
CA ALA B 115 7.94 21.76 -0.79
C ALA B 115 8.41 21.86 0.66
N TYR B 116 9.70 21.59 0.85
CA TYR B 116 10.38 21.77 2.11
C TYR B 116 9.93 20.82 3.21
N ALA B 117 9.09 19.86 2.86
CA ALA B 117 8.87 18.73 3.76
C ALA B 117 10.21 18.05 4.07
N HIS B 118 10.26 17.45 5.24
CA HIS B 118 11.40 16.71 5.73
C HIS B 118 10.96 15.29 6.17
N ILE B 119 11.67 14.28 5.68
CA ILE B 119 11.43 12.88 6.09
C ILE B 119 12.69 12.38 6.77
N GLY B 120 12.62 12.30 8.10
CA GLY B 120 13.76 12.02 8.92
C GLY B 120 14.15 10.54 8.92
N HIS B 121 15.39 10.30 9.34
CA HIS B 121 15.97 8.95 9.31
C HIS B 121 15.00 7.89 9.84
N ASP B 122 14.95 6.75 9.16
CA ASP B 122 14.17 5.55 9.62
C ASP B 122 12.67 5.70 9.61
N SER B 123 12.17 6.75 8.97
CA SER B 123 10.75 6.90 8.82
C SER B 123 10.26 5.92 7.76
N VAL B 124 8.99 5.57 7.86
CA VAL B 124 8.30 4.72 6.90
C VAL B 124 7.05 5.43 6.48
N ILE B 125 6.97 5.76 5.19
CA ILE B 125 5.78 6.29 4.61
C ILE B 125 5.15 5.22 3.74
N GLY B 126 3.85 4.97 3.92
CA GLY B 126 3.09 4.02 3.11
C GLY B 126 2.76 4.56 1.72
N ASN B 127 1.50 4.43 1.30
CA ASN B 127 1.08 4.78 -0.04
C ASN B 127 -0.01 5.83 -0.01
N HIS B 128 -0.09 6.63 -1.07
CA HIS B 128 -1.15 7.66 -1.23
C HIS B 128 -1.19 8.71 -0.11
N CYS B 129 -0.07 8.94 0.57
CA CYS B 129 -0.01 9.99 1.58
C CYS B 129 0.19 11.37 0.92
N ILE B 130 -0.25 12.41 1.62
CA ILE B 130 0.05 13.78 1.22
C ILE B 130 0.70 14.50 2.40
N LEU B 131 1.92 14.98 2.19
CA LEU B 131 2.62 15.81 3.15
C LEU B 131 2.67 17.18 2.54
N VAL B 132 1.92 18.10 3.12
CA VAL B 132 1.85 19.47 2.60
C VAL B 132 3.11 20.22 3.02
N ASN B 133 3.41 21.32 2.34
CA ASN B 133 4.61 22.14 2.59
C ASN B 133 5.10 22.18 4.01
N ASN B 134 6.40 21.95 4.18
CA ASN B 134 7.07 22.10 5.46
C ASN B 134 6.61 21.15 6.55
N THR B 135 5.92 20.07 6.20
CA THR B 135 5.65 18.95 7.13
C THR B 135 7.00 18.33 7.53
N ALA B 136 7.21 18.15 8.82
CA ALA B 136 8.47 17.66 9.33
C ALA B 136 8.29 16.35 10.16
N LEU B 137 8.85 15.25 9.66
CA LEU B 137 8.85 13.98 10.41
C LEU B 137 10.21 13.83 11.04
N ALA B 138 10.30 13.94 12.35
CA ALA B 138 11.60 14.04 13.05
C ALA B 138 12.51 12.81 12.90
N GLY B 139 11.94 11.62 12.75
CA GLY B 139 12.74 10.37 12.74
C GLY B 139 11.96 9.21 13.31
N HIS B 140 12.06 8.04 12.68
CA HIS B 140 11.35 6.82 13.13
C HIS B 140 9.83 7.02 13.13
N VAL B 141 9.33 7.85 12.22
CA VAL B 141 7.91 8.16 12.14
C VAL B 141 7.31 7.27 11.08
N HIS B 142 6.19 6.65 11.42
CA HIS B 142 5.52 5.73 10.49
C HIS B 142 4.23 6.42 10.11
N VAL B 143 4.04 6.64 8.81
CA VAL B 143 2.83 7.24 8.29
C VAL B 143 2.19 6.20 7.40
N ASP B 144 1.01 5.77 7.80
CA ASP B 144 0.23 4.76 7.07
C ASP B 144 -0.59 5.37 5.93
N ASP B 145 -1.11 4.50 5.05
CA ASP B 145 -1.69 4.91 3.75
C ASP B 145 -2.78 5.97 3.86
N TRP B 146 -2.83 6.85 2.86
CA TRP B 146 -3.89 7.84 2.69
C TRP B 146 -3.91 8.99 3.70
N ALA B 147 -3.01 9.01 4.67
CA ALA B 147 -2.90 10.12 5.62
C ALA B 147 -2.59 11.42 4.89
N ILE B 148 -3.24 12.48 5.35
CA ILE B 148 -2.94 13.85 4.92
C ILE B 148 -2.44 14.64 6.13
N LEU B 149 -1.22 15.14 6.00
CA LEU B 149 -0.63 16.08 6.94
C LEU B 149 -0.60 17.45 6.26
N SER B 150 -1.39 18.39 6.77
CA SER B 150 -1.46 19.76 6.24
C SER B 150 -0.18 20.55 6.58
N GLY B 151 -0.06 21.72 5.97
CA GLY B 151 1.21 22.46 5.99
C GLY B 151 1.74 22.69 7.39
N TYR B 152 3.04 22.57 7.54
CA TYR B 152 3.72 22.85 8.82
C TYR B 152 3.26 21.95 9.93
N THR B 153 2.80 20.74 9.60
CA THR B 153 2.56 19.71 10.61
C THR B 153 3.89 19.18 11.10
N LEU B 154 4.07 19.16 12.42
CA LEU B 154 5.30 18.70 13.05
C LEU B 154 5.08 17.37 13.73
N VAL B 155 5.90 16.37 13.42
CA VAL B 155 5.74 15.03 14.02
C VAL B 155 6.97 14.63 14.81
N HIS B 156 6.81 14.47 16.13
CA HIS B 156 7.87 14.06 17.06
C HIS B 156 8.36 12.67 16.66
N GLN B 157 9.63 12.42 16.91
CA GLN B 157 10.21 11.11 16.64
C GLN B 157 9.44 9.96 17.33
N TYR B 158 9.33 8.85 16.62
CA TYR B 158 8.67 7.60 17.05
C TYR B 158 7.13 7.63 16.97
N CYS B 159 6.52 8.76 16.58
CA CYS B 159 5.07 8.80 16.41
C CYS B 159 4.60 8.06 15.18
N ARG B 160 3.39 7.54 15.26
CA ARG B 160 2.76 6.83 14.18
C ARG B 160 1.53 7.62 13.79
N ILE B 161 1.40 7.88 12.50
CA ILE B 161 0.25 8.56 11.94
C ILE B 161 -0.60 7.47 11.26
N GLY B 162 -1.84 7.33 11.69
CA GLY B 162 -2.71 6.26 11.23
C GLY B 162 -3.22 6.44 9.81
N ALA B 163 -3.68 5.33 9.20
CA ALA B 163 -4.21 5.39 7.83
C ALA B 163 -5.41 6.31 7.81
N HIS B 164 -5.53 7.09 6.75
CA HIS B 164 -6.65 8.00 6.53
C HIS B 164 -6.81 9.13 7.55
N SER B 165 -5.82 9.39 8.40
CA SER B 165 -5.87 10.48 9.35
C SER B 165 -5.59 11.82 8.60
N PHE B 166 -5.87 12.90 9.31
CA PHE B 166 -5.78 14.25 8.81
C PHE B 166 -5.28 15.14 9.95
N SER B 167 -4.22 15.91 9.68
CA SER B 167 -3.73 16.95 10.60
C SER B 167 -3.91 18.32 9.97
N GLY B 168 -4.40 19.25 10.78
CA GLY B 168 -4.62 20.61 10.39
C GLY B 168 -3.29 21.35 10.27
N MET B 169 -3.35 22.48 9.58
CA MET B 169 -2.17 23.29 9.32
C MET B 169 -1.52 23.67 10.64
N GLY B 170 -0.22 23.51 10.77
CA GLY B 170 0.47 23.93 12.00
C GLY B 170 0.31 23.00 13.20
N SER B 171 -0.23 21.80 12.98
CA SER B 171 -0.36 20.82 14.06
C SER B 171 1.03 20.41 14.54
N ALA B 172 1.18 20.30 15.87
CA ALA B 172 2.40 19.75 16.47
C ALA B 172 2.00 18.48 17.20
N ILE B 173 2.44 17.36 16.66
CA ILE B 173 1.96 16.05 17.05
C ILE B 173 3.09 15.40 17.85
N GLY B 174 2.88 15.24 19.15
CA GLY B 174 3.82 14.52 20.05
C GLY B 174 3.37 13.13 20.50
N LYS B 175 2.18 12.71 20.07
CA LYS B 175 1.62 11.39 20.38
C LYS B 175 1.06 10.78 19.11
N ASP B 176 0.75 9.51 19.21
CA ASP B 176 0.23 8.79 18.06
C ASP B 176 -1.15 9.32 17.64
N VAL B 177 -1.37 9.35 16.32
CA VAL B 177 -2.63 9.72 15.74
C VAL B 177 -3.29 8.46 15.21
N PRO B 178 -4.44 8.08 15.78
CA PRO B 178 -5.05 6.84 15.33
C PRO B 178 -5.54 6.99 13.93
N ALA B 179 -5.75 5.87 13.27
CA ALA B 179 -6.29 5.86 11.93
C ALA B 179 -7.61 6.61 11.91
N TYR B 180 -7.84 7.29 10.80
CA TYR B 180 -9.08 8.02 10.49
C TYR B 180 -9.33 9.27 11.31
N VAL B 181 -8.46 9.59 12.25
CA VAL B 181 -8.74 10.67 13.21
C VAL B 181 -8.22 12.01 12.63
N THR B 182 -8.96 13.08 12.86
CA THR B 182 -8.52 14.42 12.53
C THR B 182 -7.97 15.11 13.75
N VAL B 183 -6.79 15.72 13.60
CA VAL B 183 -6.14 16.45 14.69
C VAL B 183 -5.80 17.88 14.27
N PHE B 184 -5.73 18.77 15.26
CA PHE B 184 -5.45 20.20 15.04
C PHE B 184 -4.73 20.78 16.22
N GLY B 185 -3.85 21.75 15.96
CA GLY B 185 -3.33 22.61 17.00
C GLY B 185 -1.95 22.25 17.48
N ASN B 186 -1.42 23.09 18.35
CA ASN B 186 -0.12 22.88 18.98
C ASN B 186 -0.33 23.10 20.48
N PRO B 187 -0.35 22.07 21.32
CA PRO B 187 -0.18 20.68 20.94
C PRO B 187 -1.42 20.14 20.25
N ALA B 188 -1.23 19.18 19.34
CA ALA B 188 -2.34 18.60 18.56
C ALA B 188 -3.44 17.99 19.45
N GLU B 189 -4.68 18.21 19.05
CA GLU B 189 -5.88 17.73 19.72
C GLU B 189 -6.79 16.96 18.78
N ALA B 190 -7.34 15.87 19.26
CA ALA B 190 -8.31 15.10 18.49
C ALA B 190 -9.66 15.82 18.41
N ARG B 191 -10.15 16.00 17.21
CA ARG B 191 -11.38 16.73 17.00
C ARG B 191 -12.49 15.78 16.63
N SER B 192 -12.29 15.02 15.59
CA SER B 192 -13.33 14.18 15.08
C SER B 192 -12.68 13.13 14.19
N MET B 193 -13.46 12.49 13.34
CA MET B 193 -12.91 11.63 12.33
C MET B 193 -12.95 12.30 10.99
N ASN B 194 -12.12 11.77 10.08
CA ASN B 194 -11.90 12.34 8.77
C ASN B 194 -12.98 11.83 7.80
N PHE B 195 -14.21 12.24 8.08
CA PHE B 195 -15.38 11.80 7.30
C PHE B 195 -15.27 12.24 5.85
N GLU B 196 -14.82 13.47 5.63
CA GLU B 196 -14.62 13.99 4.27
C GLU B 196 -13.65 13.06 3.52
N GLY B 197 -12.53 12.72 4.16
CA GLY B 197 -11.60 11.73 3.64
C GLY B 197 -12.28 10.42 3.25
N MET B 198 -13.07 9.86 4.17
CA MET B 198 -13.79 8.58 3.96
C MET B 198 -14.75 8.59 2.76
N ARG B 199 -15.47 9.69 2.58
CA ARG B 199 -16.37 9.88 1.43
C ARG B 199 -15.63 10.06 0.11
N ARG B 200 -14.56 10.86 0.09
CA ARG B 200 -13.68 10.95 -1.10
C ARG B 200 -13.05 9.64 -1.56
N ARG B 201 -12.87 8.68 -0.64
CA ARG B 201 -12.36 7.33 -1.00
C ARG B 201 -13.41 6.22 -1.15
N GLY B 202 -14.69 6.56 -0.97
CA GLY B 202 -15.79 5.63 -1.21
C GLY B 202 -16.16 4.64 -0.12
N PHE B 203 -15.90 5.00 1.13
CA PHE B 203 -16.27 4.12 2.23
C PHE B 203 -17.80 3.99 2.26
N SER B 204 -18.28 2.79 2.60
CA SER B 204 -19.70 2.53 2.75
C SER B 204 -20.25 3.24 3.97
N SER B 205 -21.52 3.59 3.89
CA SER B 205 -22.27 4.20 4.95
C SER B 205 -22.08 3.42 6.25
N GLU B 206 -22.13 2.09 6.13
CA GLU B 206 -22.03 1.17 7.25
C GLU B 206 -20.68 1.28 7.96
N ALA B 207 -19.60 1.28 7.20
CA ALA B 207 -18.27 1.42 7.79
C ALA B 207 -18.10 2.79 8.49
N ILE B 208 -18.59 3.86 7.84
CA ILE B 208 -18.50 5.21 8.41
C ILE B 208 -19.22 5.23 9.73
N HIS B 209 -20.43 4.64 9.79
CA HIS B 209 -21.19 4.56 11.04
C HIS B 209 -20.48 3.74 12.11
N ALA B 210 -19.86 2.62 11.72
CA ALA B 210 -19.14 1.80 12.72
C ALA B 210 -17.94 2.60 13.25
N LEU B 211 -17.25 3.30 12.34
CA LEU B 211 -16.14 4.17 12.75
C LEU B 211 -16.61 5.30 13.69
N ARG B 212 -17.76 5.90 13.40
CA ARG B 212 -18.31 6.94 14.27
C ARG B 212 -18.50 6.38 15.68
N ARG B 213 -19.15 5.21 15.80
CA ARG B 213 -19.33 4.58 17.11
C ARG B 213 -18.01 4.24 17.81
N ALA B 214 -17.01 3.79 17.06
CA ALA B 214 -15.72 3.43 17.62
C ALA B 214 -15.01 4.63 18.25
N TYR B 215 -15.05 5.77 17.56
CA TYR B 215 -14.50 7.02 18.09
C TYR B 215 -15.04 7.30 19.49
N LYS B 216 -16.38 7.19 19.64
CA LYS B 216 -17.06 7.37 20.94
C LYS B 216 -16.53 6.47 22.05
N VAL B 217 -16.23 5.21 21.70
CA VAL B 217 -15.74 4.20 22.64
C VAL B 217 -14.35 4.55 23.14
N VAL B 218 -13.52 5.09 22.26
CA VAL B 218 -12.20 5.48 22.64
C VAL B 218 -12.18 6.86 23.32
N TYR B 219 -12.93 7.84 22.80
CA TYR B 219 -12.74 9.26 23.19
C TYR B 219 -13.81 9.86 24.08
N ARG B 220 -15.01 9.25 24.09
CA ARG B 220 -16.18 9.86 24.72
C ARG B 220 -16.89 9.08 25.84
N GLN B 221 -16.28 8.05 26.41
CA GLN B 221 -16.96 7.26 27.45
C GLN B 221 -16.16 7.08 28.73
N GLY B 222 -15.07 7.83 28.89
CA GLY B 222 -14.19 7.66 30.05
C GLY B 222 -13.49 6.32 30.19
N HIS B 223 -13.38 5.54 29.11
CA HIS B 223 -12.63 4.28 29.17
C HIS B 223 -11.14 4.53 29.20
N THR B 224 -10.41 3.75 29.99
CA THR B 224 -8.96 3.65 29.79
C THR B 224 -8.74 3.01 28.42
N VAL B 225 -7.53 3.11 27.90
CA VAL B 225 -7.20 2.54 26.60
C VAL B 225 -7.53 1.06 26.59
N GLU B 226 -7.02 0.34 27.60
CA GLU B 226 -7.27 -1.10 27.80
C GLU B 226 -8.74 -1.47 27.66
N GLU B 227 -9.60 -0.71 28.32
CA GLU B 227 -11.07 -0.96 28.32
C GLU B 227 -11.71 -0.67 26.97
N ALA B 228 -11.25 0.40 26.32
CA ALA B 228 -11.77 0.74 24.99
C ALA B 228 -11.43 -0.37 23.99
N LEU B 229 -10.19 -0.84 24.01
CA LEU B 229 -9.74 -1.95 23.15
C LEU B 229 -10.64 -3.16 23.31
N ALA B 230 -10.84 -3.59 24.56
CA ALA B 230 -11.79 -4.67 24.88
C ALA B 230 -13.17 -4.41 24.28
N GLU B 231 -13.67 -3.19 24.46
CA GLU B 231 -15.01 -2.84 23.95
C GLU B 231 -15.10 -2.71 22.41
N LEU B 232 -13.98 -2.44 21.74
CA LEU B 232 -13.94 -2.39 20.25
C LEU B 232 -13.84 -3.79 19.58
N ALA B 233 -13.53 -4.81 20.39
CA ALA B 233 -13.19 -6.16 19.88
C ALA B 233 -14.26 -6.69 18.97
N GLU B 234 -15.50 -6.57 19.43
CA GLU B 234 -16.68 -6.96 18.69
C GLU B 234 -16.82 -6.27 17.34
N SER B 235 -16.81 -4.94 17.34
CA SER B 235 -16.99 -4.20 16.09
C SER B 235 -15.80 -4.35 15.16
N ALA B 236 -14.60 -4.41 15.73
CA ALA B 236 -13.38 -4.72 14.98
C ALA B 236 -13.42 -6.10 14.31
N ALA B 237 -14.17 -7.04 14.89
CA ALA B 237 -14.36 -8.37 14.28
C ALA B 237 -15.26 -8.33 13.03
N GLN B 238 -16.19 -7.37 12.98
CA GLN B 238 -17.13 -7.17 11.86
C GLN B 238 -16.62 -6.25 10.75
N PHE B 239 -15.94 -5.16 11.10
CA PHE B 239 -15.47 -4.16 10.11
C PHE B 239 -13.96 -4.05 10.03
N PRO B 240 -13.41 -4.33 8.86
CA PRO B 240 -11.96 -4.14 8.68
C PRO B 240 -11.48 -2.73 9.07
N GLU B 241 -12.29 -1.71 8.84
CA GLU B 241 -11.89 -0.35 9.19
C GLU B 241 -11.80 -0.17 10.70
N VAL B 242 -12.76 -0.72 11.44
CA VAL B 242 -12.70 -0.66 12.90
C VAL B 242 -11.47 -1.45 13.43
N ALA B 243 -11.13 -2.58 12.81
CA ALA B 243 -9.89 -3.33 13.12
C ALA B 243 -8.62 -2.48 12.90
N VAL B 244 -8.57 -1.79 11.77
CA VAL B 244 -7.45 -0.85 11.47
C VAL B 244 -7.32 0.24 12.56
N PHE B 245 -8.46 0.83 12.91
CA PHE B 245 -8.55 1.79 14.03
C PHE B 245 -8.04 1.18 15.33
N ARG B 246 -8.58 0.01 15.68
CA ARG B 246 -8.25 -0.67 16.92
C ARG B 246 -6.75 -0.99 16.97
N ASP B 247 -6.23 -1.51 15.86
CA ASP B 247 -4.80 -1.84 15.73
C ASP B 247 -3.90 -0.62 15.93
N SER B 248 -4.32 0.52 15.37
CA SER B 248 -3.55 1.79 15.54
C SER B 248 -3.51 2.23 17.01
N ILE B 249 -4.60 2.02 17.74
CA ILE B 249 -4.60 2.28 19.19
C ILE B 249 -3.74 1.27 19.93
N GLN B 250 -3.92 -0.01 19.63
CA GLN B 250 -3.14 -1.09 20.25
C GLN B 250 -1.62 -0.96 20.07
N SER B 251 -1.20 -0.54 18.89
CA SER B 251 0.22 -0.40 18.58
C SER B 251 0.87 0.95 18.98
N ALA B 252 0.15 1.83 19.67
CA ALA B 252 0.75 3.08 20.17
C ALA B 252 1.92 2.84 21.14
N THR B 253 3.04 3.50 20.87
CA THR B 253 4.13 3.50 21.84
C THR B 253 4.17 4.78 22.67
N ARG B 254 3.64 5.88 22.14
CA ARG B 254 3.69 7.16 22.83
C ARG B 254 2.36 7.60 23.42
N GLY B 255 1.38 6.70 23.48
CA GLY B 255 0.02 7.06 23.86
C GLY B 255 -0.65 7.68 22.66
N ILE B 256 -1.94 7.95 22.78
CA ILE B 256 -2.69 8.48 21.64
C ILE B 256 -3.10 9.95 21.84
N THR B 257 -3.25 10.66 20.72
CA THR B 257 -3.70 12.06 20.76
C THR B 257 -5.14 12.12 21.25
N ARG B 258 -5.37 12.93 22.27
CA ARG B 258 -6.74 13.15 22.78
C ARG B 258 -7.16 14.60 22.60
N LEU C 3 25.89 40.51 -18.67
CA LEU C 3 24.57 40.75 -17.96
C LEU C 3 23.90 39.41 -17.68
N ILE C 4 23.80 38.60 -18.72
CA ILE C 4 23.29 37.27 -18.67
C ILE C 4 24.49 36.35 -18.59
N ASP C 5 24.67 35.73 -17.43
CA ASP C 5 25.76 34.80 -17.21
C ASP C 5 25.69 33.71 -18.27
N PRO C 6 26.86 33.33 -18.86
CA PRO C 6 26.84 32.28 -19.89
C PRO C 6 26.45 30.87 -19.35
N ARG C 7 26.54 30.65 -18.03
CA ARG C 7 26.07 29.40 -17.40
C ARG C 7 24.57 29.34 -17.10
N ALA C 8 23.86 30.46 -17.28
CA ALA C 8 22.41 30.45 -17.26
C ALA C 8 21.83 29.77 -18.51
N ILE C 9 20.61 29.25 -18.37
CA ILE C 9 19.81 28.71 -19.47
C ILE C 9 18.62 29.62 -19.69
N ILE C 10 18.52 30.16 -20.90
CA ILE C 10 17.45 31.08 -21.31
C ILE C 10 16.67 30.44 -22.47
N ASP C 11 15.44 29.99 -22.20
CA ASP C 11 14.60 29.39 -23.23
C ASP C 11 14.42 30.34 -24.42
N PRO C 12 14.34 29.83 -25.67
CA PRO C 12 14.24 30.78 -26.79
C PRO C 12 12.98 31.68 -26.82
N SER C 13 11.89 31.23 -26.19
CA SER C 13 10.63 31.98 -26.14
C SER C 13 10.49 32.80 -24.87
N ALA C 14 11.52 32.83 -24.03
CA ALA C 14 11.58 33.81 -22.96
C ALA C 14 11.81 35.17 -23.59
N ARG C 15 11.38 36.22 -22.92
CA ARG C 15 11.47 37.56 -23.43
C ARG C 15 12.02 38.46 -22.32
N LEU C 16 13.29 38.85 -22.46
CA LEU C 16 13.96 39.67 -21.44
C LEU C 16 14.17 41.10 -21.93
N ALA C 17 13.92 42.06 -21.06
CA ALA C 17 14.29 43.45 -21.32
C ALA C 17 15.80 43.58 -21.38
N ALA C 18 16.24 44.70 -21.93
CA ALA C 18 17.64 44.94 -22.33
C ALA C 18 18.64 44.76 -21.21
N ASP C 19 18.36 45.34 -20.05
CA ASP C 19 19.34 45.33 -18.94
C ASP C 19 19.00 44.36 -17.77
N VAL C 20 18.28 43.29 -18.06
CA VAL C 20 18.04 42.24 -17.08
C VAL C 20 19.35 41.48 -16.77
N GLN C 21 19.64 41.26 -15.49
CA GLN C 21 20.75 40.37 -15.12
C GLN C 21 20.23 39.00 -14.69
N VAL C 22 20.95 37.97 -15.11
CA VAL C 22 20.69 36.59 -14.71
C VAL C 22 22.01 35.95 -14.27
N GLY C 23 22.01 35.41 -13.07
CA GLY C 23 23.21 34.82 -12.49
C GLY C 23 23.44 33.42 -13.02
N PRO C 24 24.57 32.83 -12.63
CA PRO C 24 24.92 31.49 -13.12
C PRO C 24 23.98 30.39 -12.63
N TRP C 25 23.71 29.45 -13.52
CA TRP C 25 22.91 28.23 -13.25
C TRP C 25 21.47 28.54 -12.89
N SER C 26 20.95 29.60 -13.48
CA SER C 26 19.56 29.92 -13.35
C SER C 26 18.87 29.51 -14.64
N ILE C 27 17.60 29.14 -14.52
CA ILE C 27 16.77 28.72 -15.67
C ILE C 27 15.65 29.72 -15.80
N VAL C 28 15.61 30.42 -16.93
CA VAL C 28 14.48 31.24 -17.32
C VAL C 28 13.73 30.45 -18.37
N GLY C 29 12.64 29.78 -17.96
CA GLY C 29 11.93 28.87 -18.85
C GLY C 29 11.05 29.57 -19.89
N ALA C 30 10.31 28.75 -20.62
CA ALA C 30 9.42 29.20 -21.69
C ALA C 30 8.28 30.07 -21.18
N GLU C 31 7.94 31.07 -22.00
CA GLU C 31 6.87 32.04 -21.75
C GLU C 31 7.10 32.86 -20.47
N VAL C 32 8.36 33.13 -20.16
CA VAL C 32 8.71 33.99 -19.06
C VAL C 32 9.14 35.32 -19.63
N GLU C 33 8.57 36.38 -19.09
CA GLU C 33 8.87 37.73 -19.45
C GLU C 33 9.41 38.43 -18.23
N ILE C 34 10.53 39.14 -18.40
CA ILE C 34 11.19 39.84 -17.32
C ILE C 34 11.43 41.26 -17.78
N GLY C 35 10.96 42.22 -16.99
CA GLY C 35 11.02 43.64 -17.33
C GLY C 35 12.34 44.27 -16.94
N GLU C 36 12.47 45.54 -17.31
CA GLU C 36 13.72 46.30 -17.26
C GLU C 36 14.29 46.43 -15.84
N GLY C 37 15.60 46.23 -15.69
CA GLY C 37 16.29 46.41 -14.41
C GLY C 37 16.14 45.29 -13.37
N THR C 38 15.53 44.17 -13.75
CA THR C 38 15.34 43.08 -12.79
C THR C 38 16.60 42.20 -12.76
N VAL C 39 17.05 41.89 -11.55
CA VAL C 39 18.19 41.02 -11.31
C VAL C 39 17.73 39.64 -10.82
N ILE C 40 17.97 38.62 -11.65
CA ILE C 40 17.76 37.22 -11.31
C ILE C 40 19.08 36.65 -10.78
N GLY C 41 19.06 36.14 -9.56
CA GLY C 41 20.28 35.68 -8.91
C GLY C 41 20.72 34.33 -9.47
N PRO C 42 21.77 33.76 -8.87
CA PRO C 42 22.18 32.42 -9.26
C PRO C 42 21.20 31.35 -8.73
N HIS C 43 21.19 30.18 -9.35
CA HIS C 43 20.40 29.04 -8.86
C HIS C 43 18.88 29.34 -8.78
N VAL C 44 18.36 30.15 -9.71
CA VAL C 44 16.94 30.47 -9.73
C VAL C 44 16.22 29.69 -10.86
N VAL C 45 15.06 29.14 -10.53
CA VAL C 45 14.18 28.54 -11.53
C VAL C 45 12.94 29.39 -11.75
N LEU C 46 12.74 29.84 -12.98
CA LEU C 46 11.57 30.58 -13.39
C LEU C 46 10.84 29.77 -14.45
N LYS C 47 9.54 29.55 -14.27
CA LYS C 47 8.71 28.80 -15.20
C LYS C 47 7.53 29.70 -15.53
N GLY C 48 6.95 29.47 -16.72
CA GLY C 48 5.90 30.34 -17.27
C GLY C 48 4.60 29.60 -17.51
N PRO C 49 3.54 30.28 -18.00
CA PRO C 49 3.58 31.69 -18.42
C PRO C 49 3.58 32.65 -17.25
N THR C 50 4.56 33.52 -17.23
CA THR C 50 4.85 34.37 -16.09
C THR C 50 5.37 35.69 -16.62
N LYS C 51 4.94 36.73 -15.92
CA LYS C 51 5.37 38.08 -16.21
C LYS C 51 5.95 38.67 -14.94
N ILE C 52 7.21 39.11 -15.02
CA ILE C 52 7.88 39.78 -13.94
C ILE C 52 8.18 41.18 -14.44
N GLY C 53 7.86 42.20 -13.66
CA GLY C 53 8.06 43.59 -14.05
C GLY C 53 9.48 44.12 -13.90
N LYS C 54 9.56 45.37 -13.49
CA LYS C 54 10.81 46.13 -13.50
C LYS C 54 11.47 46.20 -12.14
N HIS C 55 12.81 46.18 -12.14
CA HIS C 55 13.62 46.44 -10.95
C HIS C 55 13.29 45.50 -9.78
N ASN C 56 12.92 44.27 -10.09
CA ASN C 56 12.78 43.23 -9.08
C ASN C 56 14.16 42.62 -8.79
N ARG C 57 14.23 41.90 -7.67
CA ARG C 57 15.41 41.16 -7.26
C ARG C 57 14.92 39.79 -6.79
N ILE C 58 15.39 38.74 -7.45
CA ILE C 58 15.06 37.36 -7.08
C ILE C 58 16.32 36.56 -6.70
N TYR C 59 16.33 36.04 -5.50
CA TYR C 59 17.51 35.47 -4.89
C TYR C 59 17.57 33.96 -5.11
N GLN C 60 18.78 33.43 -4.96
CA GLN C 60 19.09 32.00 -5.08
C GLN C 60 18.12 31.00 -4.45
N PHE C 61 17.95 29.88 -5.16
CA PHE C 61 17.13 28.75 -4.73
C PHE C 61 15.63 29.00 -4.76
N SER C 62 15.22 30.13 -5.33
CA SER C 62 13.78 30.40 -5.57
C SER C 62 13.22 29.62 -6.74
N SER C 63 11.98 29.16 -6.57
CA SER C 63 11.16 28.57 -7.63
C SER C 63 9.94 29.46 -7.85
N VAL C 64 9.97 30.22 -8.93
CA VAL C 64 8.97 31.23 -9.20
C VAL C 64 8.27 30.84 -10.49
N GLY C 65 6.98 30.54 -10.38
CA GLY C 65 6.15 30.22 -11.54
C GLY C 65 5.89 28.76 -11.75
N GLU C 66 6.09 27.94 -10.71
CA GLU C 66 5.86 26.49 -10.87
C GLU C 66 4.38 26.19 -10.83
N ASP C 67 4.01 24.99 -11.31
CA ASP C 67 2.66 24.44 -11.13
C ASP C 67 2.42 24.20 -9.66
N THR C 68 1.25 24.56 -9.16
CA THR C 68 0.82 24.13 -7.84
C THR C 68 0.74 22.60 -7.83
N PRO C 69 1.12 21.95 -6.72
CA PRO C 69 0.95 20.50 -6.66
C PRO C 69 -0.49 20.14 -6.23
N ASP C 70 -1.32 21.16 -6.00
CA ASP C 70 -2.72 20.97 -5.65
C ASP C 70 -3.41 20.09 -6.70
N LEU C 71 -4.05 19.03 -6.22
CA LEU C 71 -4.59 17.98 -7.09
C LEU C 71 -5.71 18.43 -8.03
N LYS C 72 -6.36 19.54 -7.72
CA LYS C 72 -7.32 20.15 -8.65
C LYS C 72 -6.70 20.89 -9.88
N TYR C 73 -5.38 21.05 -9.94
CA TYR C 73 -4.73 21.61 -11.14
C TYR C 73 -4.37 20.47 -12.09
N LYS C 74 -4.81 20.57 -13.34
CA LYS C 74 -4.58 19.51 -14.35
C LYS C 74 -3.79 19.95 -15.60
N GLY C 75 -2.89 20.91 -15.43
CA GLY C 75 -1.91 21.27 -16.48
C GLY C 75 -2.31 22.39 -17.40
N GLU C 76 -3.45 23.03 -17.11
CA GLU C 76 -3.91 24.27 -17.76
C GLU C 76 -2.80 25.34 -17.81
N PRO C 77 -2.83 26.25 -18.82
CA PRO C 77 -1.80 27.29 -18.97
C PRO C 77 -2.05 28.56 -18.11
N THR C 78 -2.22 28.36 -16.82
CA THR C 78 -2.46 29.46 -15.86
C THR C 78 -1.23 30.36 -15.70
N ARG C 79 -1.40 31.51 -15.08
CA ARG C 79 -0.42 32.57 -15.12
C ARG C 79 0.08 32.97 -13.72
N LEU C 80 1.22 33.66 -13.72
CA LEU C 80 1.73 34.38 -12.57
C LEU C 80 2.19 35.74 -13.05
N VAL C 81 1.75 36.80 -12.37
CA VAL C 81 2.11 38.17 -12.70
C VAL C 81 2.69 38.80 -11.46
N ILE C 82 3.87 39.41 -11.61
CA ILE C 82 4.56 40.11 -10.55
C ILE C 82 4.86 41.50 -11.05
N GLY C 83 4.68 42.50 -10.19
CA GLY C 83 4.89 43.88 -10.56
C GLY C 83 6.34 44.32 -10.49
N ASP C 84 6.54 45.52 -9.96
CA ASP C 84 7.82 46.21 -9.98
C ASP C 84 8.41 46.41 -8.58
N HIS C 85 9.74 46.48 -8.51
CA HIS C 85 10.47 46.81 -7.26
C HIS C 85 10.22 45.82 -6.10
N ASN C 86 9.95 44.56 -6.42
CA ASN C 86 9.80 43.53 -5.38
C ASN C 86 11.15 42.86 -5.06
N VAL C 87 11.36 42.51 -3.79
CA VAL C 87 12.50 41.66 -3.41
C VAL C 87 11.98 40.28 -3.03
N ILE C 88 12.50 39.25 -3.70
CA ILE C 88 12.12 37.87 -3.43
C ILE C 88 13.39 37.14 -2.98
N ARG C 89 13.39 36.74 -1.72
CA ARG C 89 14.58 36.27 -1.02
C ARG C 89 14.79 34.77 -1.22
N GLU C 90 15.78 34.22 -0.52
CA GLU C 90 16.24 32.83 -0.73
C GLU C 90 15.13 31.78 -0.59
N GLY C 91 15.10 30.84 -1.52
CA GLY C 91 14.16 29.71 -1.41
C GLY C 91 12.64 29.97 -1.51
N VAL C 92 12.24 31.15 -1.99
CA VAL C 92 10.81 31.44 -2.10
C VAL C 92 10.17 30.59 -3.18
N THR C 93 8.98 30.06 -2.89
CA THR C 93 8.16 29.34 -3.87
C THR C 93 6.93 30.17 -4.21
N ILE C 94 6.68 30.40 -5.49
CA ILE C 94 5.51 31.14 -5.95
C ILE C 94 4.87 30.30 -7.07
N HIS C 95 3.59 29.98 -6.90
CA HIS C 95 2.89 29.10 -7.82
C HIS C 95 1.94 29.90 -8.65
N ARG C 96 1.71 29.43 -9.87
CA ARG C 96 0.76 30.04 -10.79
C ARG C 96 -0.64 29.56 -10.44
N GLY C 97 -1.65 30.16 -11.06
CA GLY C 97 -3.03 30.01 -10.64
C GLY C 97 -3.69 28.72 -11.08
N THR C 98 -5.00 28.67 -10.90
CA THR C 98 -5.83 27.52 -11.28
C THR C 98 -7.10 28.02 -12.01
N VAL C 99 -7.59 27.25 -12.98
CA VAL C 99 -8.82 27.66 -13.72
C VAL C 99 -10.09 27.75 -12.86
N GLN C 100 -10.08 27.11 -11.70
CA GLN C 100 -11.21 27.11 -10.75
C GLN C 100 -11.41 28.45 -10.05
N ASP C 101 -10.39 29.31 -10.09
CA ASP C 101 -10.51 30.69 -9.62
C ASP C 101 -10.31 31.62 -10.83
N ARG C 102 -9.12 32.17 -10.98
CA ARG C 102 -8.86 33.35 -11.83
C ARG C 102 -7.79 33.06 -12.88
N ALA C 103 -7.25 31.84 -12.85
CA ALA C 103 -6.11 31.41 -13.63
C ALA C 103 -4.83 32.23 -13.39
N GLU C 104 -4.74 32.93 -12.25
CA GLU C 104 -3.67 33.90 -12.04
C GLU C 104 -3.27 34.16 -10.59
N THR C 105 -1.97 34.02 -10.31
CA THR C 105 -1.38 34.51 -9.08
C THR C 105 -0.82 35.87 -9.42
N THR C 106 -1.14 36.86 -8.59
CA THR C 106 -0.77 38.23 -8.83
C THR C 106 -0.03 38.79 -7.61
N ILE C 107 1.10 39.45 -7.86
CA ILE C 107 1.83 40.23 -6.88
C ILE C 107 2.05 41.61 -7.45
N GLY C 108 1.86 42.62 -6.62
CA GLY C 108 1.99 44.02 -7.01
C GLY C 108 3.41 44.53 -6.94
N ASP C 109 3.60 45.71 -6.33
CA ASP C 109 4.85 46.42 -6.34
C ASP C 109 5.38 46.62 -4.93
N HIS C 110 6.71 46.75 -4.82
CA HIS C 110 7.39 47.13 -3.56
C HIS C 110 7.17 46.13 -2.40
N ASN C 111 6.96 44.86 -2.73
CA ASN C 111 6.78 43.85 -1.70
C ASN C 111 8.12 43.24 -1.31
N LEU C 112 8.21 42.83 -0.07
CA LEU C 112 9.38 42.12 0.42
C LEU C 112 8.92 40.74 0.86
N ILE C 113 9.40 39.72 0.14
CA ILE C 113 9.06 38.34 0.41
C ILE C 113 10.32 37.63 0.86
N MET C 114 10.42 37.39 2.18
CA MET C 114 11.64 36.88 2.79
C MET C 114 11.82 35.36 2.59
N ALA C 115 12.96 34.85 3.05
CA ALA C 115 13.36 33.49 2.74
C ALA C 115 12.30 32.41 3.02
N TYR C 116 12.14 31.51 2.06
CA TYR C 116 11.29 30.33 2.17
C TYR C 116 9.80 30.62 2.36
N ALA C 117 9.36 31.86 2.14
CA ALA C 117 7.94 32.13 2.05
C ALA C 117 7.35 31.33 0.88
N HIS C 118 6.06 31.08 1.00
CA HIS C 118 5.31 30.36 0.01
C HIS C 118 4.06 31.16 -0.38
N ILE C 119 3.86 31.33 -1.69
CA ILE C 119 2.73 32.01 -2.25
C ILE C 119 1.97 31.00 -3.10
N GLY C 120 0.88 30.48 -2.53
CA GLY C 120 0.10 29.47 -3.21
C GLY C 120 -0.69 30.01 -4.39
N HIS C 121 -1.10 29.08 -5.24
CA HIS C 121 -1.91 29.35 -6.40
C HIS C 121 -3.05 30.32 -6.11
N ASP C 122 -3.27 31.25 -7.04
CA ASP C 122 -4.40 32.19 -7.03
C ASP C 122 -4.39 33.26 -5.95
N SER C 123 -3.30 33.35 -5.19
CA SER C 123 -3.15 34.41 -4.23
C SER C 123 -2.90 35.72 -4.95
N VAL C 124 -3.31 36.79 -4.29
CA VAL C 124 -3.23 38.15 -4.78
C VAL C 124 -2.56 38.98 -3.68
N ILE C 125 -1.39 39.50 -3.98
CA ILE C 125 -0.68 40.36 -3.05
C ILE C 125 -0.67 41.75 -3.65
N GLY C 126 -1.01 42.74 -2.82
CA GLY C 126 -1.02 44.15 -3.21
C GLY C 126 0.38 44.74 -3.28
N ASN C 127 0.55 45.91 -2.66
CA ASN C 127 1.78 46.67 -2.69
C ASN C 127 2.29 46.90 -1.30
N HIS C 128 3.60 47.08 -1.19
CA HIS C 128 4.25 47.44 0.04
C HIS C 128 4.08 46.45 1.20
N CYS C 129 3.78 45.18 0.86
CA CYS C 129 3.65 44.14 1.89
C CYS C 129 5.02 43.57 2.26
N ILE C 130 5.07 43.00 3.47
CA ILE C 130 6.23 42.25 3.91
C ILE C 130 5.77 40.89 4.40
N LEU C 131 6.27 39.84 3.77
CA LEU C 131 6.07 38.46 4.24
C LEU C 131 7.39 38.00 4.81
N VAL C 132 7.45 37.85 6.13
CA VAL C 132 8.68 37.45 6.83
C VAL C 132 8.89 35.94 6.54
N ASN C 133 10.11 35.46 6.82
CA ASN C 133 10.55 34.07 6.57
C ASN C 133 9.50 33.02 6.78
N ASN C 134 9.40 32.07 5.84
CA ASN C 134 8.50 30.91 5.98
C ASN C 134 7.03 31.23 6.16
N THR C 135 6.62 32.45 5.84
CA THR C 135 5.19 32.74 5.75
C THR C 135 4.57 31.92 4.62
N ALA C 136 3.42 31.31 4.88
CA ALA C 136 2.78 30.47 3.87
C ALA C 136 1.34 30.88 3.55
N LEU C 137 1.09 31.31 2.33
CA LEU C 137 -0.27 31.55 1.86
C LEU C 137 -0.75 30.32 1.11
N ALA C 138 -1.71 29.59 1.69
CA ALA C 138 -2.05 28.22 1.18
C ALA C 138 -2.69 28.22 -0.21
N GLY C 139 -3.47 29.25 -0.52
CA GLY C 139 -4.04 29.43 -1.86
C GLY C 139 -5.25 30.32 -1.81
N HIS C 140 -5.52 31.03 -2.90
CA HIS C 140 -6.59 32.04 -2.99
C HIS C 140 -6.55 33.05 -1.87
N VAL C 141 -5.36 33.41 -1.39
CA VAL C 141 -5.26 34.36 -0.27
C VAL C 141 -5.06 35.73 -0.83
N HIS C 142 -5.78 36.71 -0.28
CA HIS C 142 -5.66 38.10 -0.69
C HIS C 142 -4.99 38.88 0.45
N VAL C 143 -3.91 39.58 0.12
CA VAL C 143 -3.12 40.36 1.05
C VAL C 143 -3.14 41.79 0.52
N ASP C 144 -3.74 42.68 1.27
CA ASP C 144 -3.89 44.07 0.87
C ASP C 144 -2.65 44.88 1.28
N ASP C 145 -2.55 46.09 0.75
CA ASP C 145 -1.36 46.94 0.87
C ASP C 145 -0.84 47.14 2.27
N TRP C 146 0.48 47.17 2.41
CA TRP C 146 1.17 47.41 3.69
C TRP C 146 0.97 46.38 4.77
N ALA C 147 0.37 45.23 4.45
CA ALA C 147 0.30 44.18 5.49
C ALA C 147 1.69 43.64 5.79
N ILE C 148 1.89 43.29 7.07
CA ILE C 148 3.08 42.63 7.56
C ILE C 148 2.71 41.31 8.26
N LEU C 149 3.27 40.22 7.76
CA LEU C 149 3.07 38.89 8.33
C LEU C 149 4.42 38.43 8.82
N SER C 150 4.52 38.19 10.13
CA SER C 150 5.77 37.88 10.77
C SER C 150 6.10 36.42 10.50
N GLY C 151 7.26 35.99 10.98
CA GLY C 151 7.87 34.73 10.53
C GLY C 151 6.93 33.60 10.80
N TYR C 152 6.87 32.65 9.87
CA TYR C 152 6.08 31.41 10.04
C TYR C 152 4.58 31.65 10.24
N THR C 153 4.06 32.76 9.68
CA THR C 153 2.62 32.99 9.64
C THR C 153 2.00 32.09 8.56
N LEU C 154 0.97 31.35 8.96
CA LEU C 154 0.28 30.41 8.11
C LEU C 154 -1.10 30.93 7.85
N VAL C 155 -1.45 31.10 6.57
CA VAL C 155 -2.75 31.62 6.19
C VAL C 155 -3.49 30.53 5.42
N HIS C 156 -4.69 30.20 5.90
CA HIS C 156 -5.58 29.21 5.29
C HIS C 156 -6.10 29.73 3.96
N GLN C 157 -6.44 28.80 3.06
CA GLN C 157 -7.05 29.14 1.76
C GLN C 157 -8.26 30.10 1.94
N TYR C 158 -8.36 31.08 1.02
CA TYR C 158 -9.46 32.07 0.90
C TYR C 158 -9.51 33.19 1.92
N CYS C 159 -8.61 33.19 2.89
CA CYS C 159 -8.56 34.31 3.82
C CYS C 159 -8.06 35.58 3.17
N ARG C 160 -8.55 36.70 3.69
CA ARG C 160 -8.17 38.01 3.30
C ARG C 160 -7.38 38.64 4.45
N ILE C 161 -6.24 39.25 4.15
CA ILE C 161 -5.42 39.97 5.11
C ILE C 161 -5.58 41.43 4.78
N GLY C 162 -6.10 42.22 5.72
CA GLY C 162 -6.37 43.63 5.45
C GLY C 162 -5.15 44.52 5.36
N ALA C 163 -5.38 45.72 4.82
CA ALA C 163 -4.32 46.69 4.65
C ALA C 163 -3.79 47.07 6.01
N HIS C 164 -2.46 47.17 6.12
CA HIS C 164 -1.79 47.62 7.34
C HIS C 164 -1.99 46.70 8.55
N SER C 165 -2.54 45.51 8.34
CA SER C 165 -2.62 44.52 9.38
C SER C 165 -1.24 43.94 9.68
N PHE C 166 -1.17 43.22 10.79
CA PHE C 166 0.08 42.70 11.27
C PHE C 166 -0.19 41.37 11.96
N SER C 167 0.61 40.36 11.66
CA SER C 167 0.51 39.10 12.39
C SER C 167 1.82 38.82 13.11
N GLY C 168 1.69 38.38 14.36
CA GLY C 168 2.85 37.96 15.15
C GLY C 168 3.42 36.65 14.66
N MET C 169 4.68 36.46 15.00
CA MET C 169 5.45 35.26 14.75
C MET C 169 4.63 33.98 15.02
N GLY C 170 4.56 33.10 14.03
CA GLY C 170 3.91 31.81 14.24
C GLY C 170 2.39 31.83 14.33
N SER C 171 1.76 32.91 13.87
CA SER C 171 0.29 32.97 13.83
C SER C 171 -0.26 32.02 12.81
N ALA C 172 -1.40 31.43 13.13
CA ALA C 172 -2.07 30.53 12.20
C ALA C 172 -3.42 31.14 11.96
N ILE C 173 -3.60 31.67 10.76
CA ILE C 173 -4.73 32.52 10.41
C ILE C 173 -5.72 31.68 9.62
N GLY C 174 -6.92 31.52 10.18
CA GLY C 174 -8.03 30.77 9.53
C GLY C 174 -9.26 31.56 9.16
N LYS C 175 -9.30 32.85 9.45
CA LYS C 175 -10.35 33.72 9.02
C LYS C 175 -9.76 35.05 8.65
N ASP C 176 -10.56 35.87 7.98
CA ASP C 176 -10.12 37.18 7.56
C ASP C 176 -9.56 38.04 8.69
N VAL C 177 -8.52 38.80 8.38
CA VAL C 177 -7.99 39.80 9.29
C VAL C 177 -8.36 41.18 8.75
N PRO C 178 -9.19 41.93 9.48
CA PRO C 178 -9.53 43.30 9.05
C PRO C 178 -8.32 44.20 8.90
N ALA C 179 -8.46 45.26 8.11
CA ALA C 179 -7.39 46.23 7.99
C ALA C 179 -6.98 46.75 9.36
N TYR C 180 -5.68 46.97 9.52
CA TYR C 180 -5.05 47.55 10.72
C TYR C 180 -4.97 46.63 11.95
N VAL C 181 -5.63 45.48 11.93
CA VAL C 181 -5.65 44.62 13.13
C VAL C 181 -4.38 43.79 13.28
N THR C 182 -3.92 43.70 14.52
CA THR C 182 -2.77 42.93 14.88
C THR C 182 -3.33 41.60 15.45
N VAL C 183 -2.85 40.48 14.92
CA VAL C 183 -3.25 39.16 15.38
C VAL C 183 -2.04 38.35 15.84
N PHE C 184 -2.26 37.40 16.75
CA PHE C 184 -1.20 36.55 17.34
C PHE C 184 -1.78 35.18 17.70
N GLY C 185 -0.93 34.16 17.68
CA GLY C 185 -1.27 32.85 18.18
C GLY C 185 -1.73 31.84 17.15
N ASN C 186 -1.76 30.58 17.61
CA ASN C 186 -2.37 29.48 16.89
C ASN C 186 -3.44 28.85 17.77
N PRO C 187 -4.73 29.07 17.51
CA PRO C 187 -5.25 29.87 16.40
C PRO C 187 -5.09 31.37 16.60
N ALA C 188 -5.06 32.10 15.50
CA ALA C 188 -4.88 33.55 15.57
C ALA C 188 -6.02 34.24 16.34
N GLU C 189 -5.66 35.25 17.13
CA GLU C 189 -6.60 36.10 17.84
C GLU C 189 -6.22 37.55 17.65
N ALA C 190 -7.24 38.41 17.55
CA ALA C 190 -7.04 39.86 17.47
C ALA C 190 -6.62 40.43 18.80
N ARG C 191 -5.63 41.31 18.78
CA ARG C 191 -5.12 41.98 19.98
C ARG C 191 -5.41 43.48 19.99
N SER C 192 -5.02 44.19 18.93
CA SER C 192 -5.06 45.65 18.94
C SER C 192 -4.97 46.15 17.50
N MET C 193 -4.41 47.34 17.29
CA MET C 193 -4.24 47.92 15.98
C MET C 193 -2.77 48.26 15.75
N ASN C 194 -2.41 48.25 14.48
CA ASN C 194 -1.04 48.48 14.08
C ASN C 194 -0.79 50.00 14.03
N PHE C 195 -0.57 50.57 15.21
CA PHE C 195 -0.40 52.01 15.35
C PHE C 195 0.92 52.48 14.77
N GLU C 196 1.98 51.69 14.89
CA GLU C 196 3.27 52.02 14.25
C GLU C 196 3.15 52.16 12.72
N GLY C 197 2.35 51.28 12.11
CA GLY C 197 2.11 51.33 10.67
C GLY C 197 1.32 52.56 10.26
N MET C 198 0.44 53.00 11.16
CA MET C 198 -0.27 54.29 10.97
C MET C 198 0.71 55.47 11.00
N ARG C 199 1.59 55.48 11.98
CA ARG C 199 2.61 56.53 12.13
C ARG C 199 3.60 56.50 10.98
N ARG C 200 4.01 55.29 10.56
CA ARG C 200 4.86 55.15 9.38
C ARG C 200 4.27 55.81 8.16
N ARG C 201 2.93 55.79 8.05
CA ARG C 201 2.27 56.38 6.91
C ARG C 201 1.71 57.78 7.17
N GLY C 202 2.24 58.47 8.20
CA GLY C 202 1.83 59.84 8.52
C GLY C 202 0.34 60.06 8.63
N PHE C 203 -0.37 59.08 9.18
CA PHE C 203 -1.78 59.24 9.46
C PHE C 203 -1.92 60.38 10.45
N SER C 204 -3.01 61.14 10.33
CA SER C 204 -3.30 62.21 11.29
C SER C 204 -3.57 61.61 12.66
N SER C 205 -3.36 62.41 13.70
CA SER C 205 -3.69 61.97 15.05
C SER C 205 -5.21 61.74 15.23
N GLU C 206 -6.01 62.47 14.47
CA GLU C 206 -7.46 62.37 14.50
C GLU C 206 -7.93 61.07 13.83
N ALA C 207 -7.27 60.69 12.73
CA ALA C 207 -7.58 59.42 12.06
C ALA C 207 -7.18 58.22 12.94
N ILE C 208 -6.05 58.34 13.61
CA ILE C 208 -5.59 57.32 14.57
C ILE C 208 -6.57 57.15 15.74
N HIS C 209 -6.96 58.25 16.39
CA HIS C 209 -7.94 58.18 17.49
C HIS C 209 -9.28 57.59 17.01
N ALA C 210 -9.68 57.91 15.78
CA ALA C 210 -10.92 57.37 15.20
C ALA C 210 -10.83 55.87 14.90
N LEU C 211 -9.66 55.44 14.42
CA LEU C 211 -9.39 54.02 14.22
C LEU C 211 -9.37 53.29 15.55
N ARG C 212 -8.79 53.91 16.59
CA ARG C 212 -8.84 53.37 17.97
C ARG C 212 -10.28 53.15 18.48
N ARG C 213 -11.17 54.12 18.25
CA ARG C 213 -12.60 53.95 18.53
C ARG C 213 -13.22 52.84 17.70
N ALA C 214 -12.87 52.83 16.41
CA ALA C 214 -13.45 51.86 15.48
C ALA C 214 -13.17 50.40 15.89
N TYR C 215 -11.94 50.14 16.35
CA TYR C 215 -11.60 48.86 16.95
C TYR C 215 -12.50 48.52 18.14
N LYS C 216 -12.67 49.47 19.08
CA LYS C 216 -13.54 49.26 20.25
C LYS C 216 -14.94 48.83 19.82
N VAL C 217 -15.47 49.50 18.80
CA VAL C 217 -16.83 49.25 18.30
C VAL C 217 -17.03 47.81 17.84
N VAL C 218 -16.08 47.30 17.07
CA VAL C 218 -16.17 45.96 16.51
C VAL C 218 -15.85 44.89 17.56
N TYR C 219 -14.86 45.16 18.42
CA TYR C 219 -14.28 44.12 19.30
C TYR C 219 -14.57 44.23 20.84
N ARG C 220 -14.81 45.42 21.37
CA ARG C 220 -14.89 45.60 22.83
C ARG C 220 -16.27 46.07 23.38
N GLN C 221 -17.31 46.15 22.54
CA GLN C 221 -18.62 46.70 22.94
C GLN C 221 -19.77 45.69 22.79
N GLY C 222 -19.45 44.43 22.53
CA GLY C 222 -20.42 43.37 22.35
C GLY C 222 -21.42 43.52 21.22
N HIS C 223 -21.19 44.44 20.27
CA HIS C 223 -22.07 44.61 19.11
C HIS C 223 -21.91 43.39 18.19
N THR C 224 -22.94 43.06 17.41
CA THR C 224 -22.76 42.15 16.25
C THR C 224 -22.02 42.90 15.13
N VAL C 225 -21.53 42.14 14.15
CA VAL C 225 -20.86 42.71 12.97
C VAL C 225 -21.79 43.75 12.32
N GLU C 226 -23.05 43.37 12.06
CA GLU C 226 -24.00 44.32 11.43
C GLU C 226 -24.21 45.59 12.26
N GLU C 227 -24.38 45.44 13.58
CA GLU C 227 -24.45 46.59 14.50
C GLU C 227 -23.20 47.45 14.40
N ALA C 228 -22.04 46.78 14.39
CA ALA C 228 -20.76 47.48 14.28
C ALA C 228 -20.64 48.24 12.96
N LEU C 229 -21.08 47.63 11.87
CA LEU C 229 -21.06 48.26 10.57
C LEU C 229 -21.87 49.57 10.55
N ALA C 230 -23.12 49.50 10.99
CA ALA C 230 -23.96 50.71 11.12
C ALA C 230 -23.33 51.78 12.00
N GLU C 231 -22.77 51.36 13.13
CA GLU C 231 -22.14 52.30 14.05
C GLU C 231 -20.88 52.97 13.45
N LEU C 232 -20.17 52.26 12.56
CA LEU C 232 -19.00 52.84 11.87
C LEU C 232 -19.35 53.72 10.66
N ALA C 233 -20.58 53.57 10.15
CA ALA C 233 -21.03 54.22 8.91
C ALA C 233 -20.66 55.70 8.81
N GLU C 234 -20.86 56.42 9.91
CA GLU C 234 -20.54 57.85 10.03
C GLU C 234 -19.04 58.15 9.93
N SER C 235 -18.26 57.47 10.78
CA SER C 235 -16.80 57.66 10.81
C SER C 235 -16.17 57.28 9.47
N ALA C 236 -16.70 56.24 8.81
CA ALA C 236 -16.28 55.84 7.45
C ALA C 236 -16.42 56.98 6.44
N ALA C 237 -17.55 57.68 6.47
CA ALA C 237 -17.77 58.85 5.61
C ALA C 237 -16.81 59.96 5.97
N GLN C 238 -16.64 60.23 7.26
CA GLN C 238 -15.69 61.26 7.67
C GLN C 238 -14.21 60.90 7.39
N PHE C 239 -13.87 59.61 7.51
CA PHE C 239 -12.46 59.16 7.44
C PHE C 239 -12.26 58.04 6.41
N PRO C 240 -11.48 58.30 5.33
CA PRO C 240 -11.17 57.19 4.40
C PRO C 240 -10.43 56.05 5.11
N GLU C 241 -9.59 56.40 6.08
CA GLU C 241 -8.83 55.43 6.87
C GLU C 241 -9.76 54.42 7.54
N VAL C 242 -10.87 54.93 8.08
CA VAL C 242 -11.89 54.10 8.75
C VAL C 242 -12.74 53.32 7.78
N ALA C 243 -13.02 53.91 6.62
CA ALA C 243 -13.74 53.20 5.56
C ALA C 243 -12.99 51.93 5.12
N VAL C 244 -11.65 51.99 5.06
CA VAL C 244 -10.84 50.82 4.73
C VAL C 244 -11.08 49.74 5.81
N PHE C 245 -11.04 50.15 7.08
CA PHE C 245 -11.35 49.23 8.18
C PHE C 245 -12.75 48.65 7.99
N ARG C 246 -13.74 49.54 7.88
CA ARG C 246 -15.17 49.19 7.66
C ARG C 246 -15.37 48.25 6.46
N ASP C 247 -14.73 48.58 5.33
CA ASP C 247 -14.83 47.77 4.09
C ASP C 247 -14.27 46.35 4.27
N SER C 248 -13.15 46.19 4.98
CA SER C 248 -12.57 44.84 5.14
C SER C 248 -13.46 43.93 5.98
N ILE C 249 -14.14 44.52 6.95
CA ILE C 249 -15.08 43.77 7.78
C ILE C 249 -16.32 43.42 6.96
N GLN C 250 -16.87 44.38 6.23
CA GLN C 250 -17.97 44.09 5.28
C GLN C 250 -17.64 43.01 4.23
N SER C 251 -16.41 43.02 3.71
CA SER C 251 -16.00 41.98 2.76
C SER C 251 -15.78 40.62 3.39
N ALA C 252 -15.70 40.54 4.72
CA ALA C 252 -15.45 39.25 5.40
C ALA C 252 -16.71 38.38 5.51
N THR C 253 -17.22 37.95 4.35
CA THR C 253 -18.37 37.04 4.29
C THR C 253 -18.25 35.81 5.21
N ARG C 254 -17.03 35.32 5.43
CA ARG C 254 -16.82 34.09 6.20
C ARG C 254 -16.25 34.27 7.62
N GLY C 255 -16.37 35.49 8.15
CA GLY C 255 -16.02 35.79 9.54
C GLY C 255 -14.68 36.48 9.70
N ILE C 256 -14.57 37.30 10.73
CA ILE C 256 -13.33 37.99 11.06
C ILE C 256 -12.60 37.22 12.15
N THR C 257 -11.29 37.44 12.25
CA THR C 257 -10.49 36.91 13.35
C THR C 257 -10.88 37.70 14.60
N ARG C 258 -11.26 36.99 15.66
CA ARG C 258 -11.64 37.62 16.94
C ARG C 258 -10.62 37.34 18.03
N MET D 1 -8.31 -8.42 -38.18
CA MET D 1 -9.34 -7.35 -38.36
C MET D 1 -10.55 -7.68 -37.45
N SER D 2 -11.24 -6.64 -37.01
CA SER D 2 -12.26 -6.74 -35.97
C SER D 2 -13.45 -7.67 -36.27
N LEU D 3 -13.90 -8.41 -35.27
CA LEU D 3 -15.13 -9.19 -35.38
C LEU D 3 -15.80 -9.21 -34.03
N ILE D 4 -16.90 -8.46 -33.93
CA ILE D 4 -17.69 -8.40 -32.73
C ILE D 4 -18.87 -9.26 -33.05
N ASP D 5 -18.92 -10.46 -32.50
CA ASP D 5 -20.06 -11.34 -32.74
C ASP D 5 -21.34 -10.67 -32.23
N PRO D 6 -22.38 -10.63 -33.07
CA PRO D 6 -23.61 -9.95 -32.65
C PRO D 6 -24.37 -10.65 -31.53
N ARG D 7 -24.01 -11.91 -31.21
CA ARG D 7 -24.54 -12.55 -30.01
C ARG D 7 -23.88 -12.07 -28.69
N ALA D 8 -22.75 -11.35 -28.75
CA ALA D 8 -22.20 -10.66 -27.57
C ALA D 8 -23.09 -9.48 -27.17
N ILE D 9 -23.04 -9.10 -25.88
CA ILE D 9 -23.66 -7.87 -25.41
C ILE D 9 -22.56 -6.87 -25.07
N ILE D 10 -22.49 -5.79 -25.84
CA ILE D 10 -21.55 -4.70 -25.58
C ILE D 10 -22.34 -3.51 -25.01
N ASP D 11 -22.03 -3.13 -23.78
CA ASP D 11 -22.62 -1.93 -23.18
C ASP D 11 -22.22 -0.67 -23.99
N PRO D 12 -23.17 0.30 -24.16
CA PRO D 12 -22.83 1.58 -24.85
C PRO D 12 -21.66 2.35 -24.25
N SER D 13 -21.44 2.24 -22.94
CA SER D 13 -20.30 2.95 -22.30
C SER D 13 -19.00 2.15 -22.34
N ALA D 14 -19.01 0.94 -22.90
CA ALA D 14 -17.75 0.19 -23.10
C ALA D 14 -17.01 0.82 -24.27
N ARG D 15 -15.68 0.79 -24.25
CA ARG D 15 -14.87 1.31 -25.34
C ARG D 15 -14.04 0.17 -25.95
N LEU D 16 -14.22 -0.04 -27.25
CA LEU D 16 -13.49 -1.06 -28.00
C LEU D 16 -12.53 -0.37 -28.95
N ALA D 17 -11.26 -0.77 -28.94
CA ALA D 17 -10.26 -0.20 -29.86
C ALA D 17 -10.19 -1.00 -31.17
N ALA D 18 -9.25 -0.64 -32.05
CA ALA D 18 -9.10 -1.28 -33.36
C ALA D 18 -8.66 -2.73 -33.27
N ASP D 19 -9.16 -3.57 -34.18
CA ASP D 19 -8.87 -5.02 -34.24
C ASP D 19 -9.34 -5.86 -33.02
N VAL D 20 -10.17 -5.32 -32.15
CA VAL D 20 -10.69 -6.12 -31.04
C VAL D 20 -11.69 -7.14 -31.56
N GLN D 21 -11.61 -8.36 -31.01
CA GLN D 21 -12.54 -9.42 -31.33
C GLN D 21 -13.30 -9.86 -30.07
N VAL D 22 -14.59 -10.09 -30.21
CA VAL D 22 -15.41 -10.52 -29.09
C VAL D 22 -16.28 -11.66 -29.58
N GLY D 23 -16.09 -12.82 -28.99
CA GLY D 23 -16.84 -13.99 -29.35
C GLY D 23 -18.29 -13.95 -28.91
N PRO D 24 -19.08 -14.90 -29.43
CA PRO D 24 -20.49 -15.01 -29.13
C PRO D 24 -20.76 -15.25 -27.64
N TRP D 25 -21.87 -14.68 -27.19
CA TRP D 25 -22.35 -14.84 -25.82
C TRP D 25 -21.39 -14.30 -24.74
N SER D 26 -20.52 -13.36 -25.12
CA SER D 26 -19.74 -12.60 -24.16
C SER D 26 -20.42 -11.28 -23.78
N ILE D 27 -20.09 -10.75 -22.61
CA ILE D 27 -20.67 -9.51 -22.09
C ILE D 27 -19.53 -8.54 -21.83
N VAL D 28 -19.52 -7.40 -22.52
CA VAL D 28 -18.58 -6.33 -22.21
C VAL D 28 -19.38 -5.25 -21.49
N GLY D 29 -19.19 -5.17 -20.18
CA GLY D 29 -20.04 -4.36 -19.33
C GLY D 29 -19.70 -2.88 -19.45
N ALA D 30 -20.51 -2.06 -18.77
CA ALA D 30 -20.28 -0.62 -18.64
C ALA D 30 -18.90 -0.32 -18.04
N GLU D 31 -18.23 0.70 -18.57
CA GLU D 31 -16.94 1.21 -18.07
C GLU D 31 -15.77 0.21 -18.26
N VAL D 32 -15.89 -0.69 -19.24
CA VAL D 32 -14.79 -1.59 -19.64
C VAL D 32 -14.13 -1.05 -20.88
N GLU D 33 -12.82 -0.75 -20.83
CA GLU D 33 -12.00 -0.41 -22.00
C GLU D 33 -11.21 -1.62 -22.45
N ILE D 34 -11.26 -1.94 -23.75
CA ILE D 34 -10.43 -3.01 -24.35
C ILE D 34 -9.49 -2.45 -25.43
N GLY D 35 -8.19 -2.62 -25.20
CA GLY D 35 -7.18 -2.12 -26.10
C GLY D 35 -6.98 -2.95 -27.34
N GLU D 36 -6.18 -2.36 -28.23
CA GLU D 36 -6.00 -2.77 -29.61
C GLU D 36 -5.55 -4.22 -29.76
N GLY D 37 -6.23 -4.94 -30.64
CA GLY D 37 -5.85 -6.32 -30.95
C GLY D 37 -6.23 -7.36 -29.90
N THR D 38 -6.95 -6.97 -28.84
CA THR D 38 -7.27 -7.93 -27.80
C THR D 38 -8.41 -8.80 -28.31
N VAL D 39 -8.29 -10.10 -28.00
CA VAL D 39 -9.28 -11.08 -28.37
C VAL D 39 -9.97 -11.54 -27.11
N ILE D 40 -11.29 -11.47 -27.09
CA ILE D 40 -12.17 -11.98 -26.06
C ILE D 40 -12.86 -13.18 -26.72
N GLY D 41 -12.70 -14.38 -26.13
CA GLY D 41 -13.34 -15.61 -26.61
C GLY D 41 -14.85 -15.57 -26.41
N PRO D 42 -15.53 -16.68 -26.68
CA PRO D 42 -16.94 -16.74 -26.39
C PRO D 42 -17.18 -16.95 -24.89
N HIS D 43 -18.38 -16.65 -24.41
CA HIS D 43 -18.76 -16.94 -23.04
C HIS D 43 -17.86 -16.27 -21.98
N VAL D 44 -17.39 -15.05 -22.24
CA VAL D 44 -16.61 -14.28 -21.28
C VAL D 44 -17.50 -13.17 -20.68
N VAL D 45 -17.39 -12.99 -19.35
CA VAL D 45 -17.98 -11.87 -18.64
C VAL D 45 -16.91 -10.88 -18.23
N LEU D 46 -16.98 -9.66 -18.77
CA LEU D 46 -16.16 -8.52 -18.32
C LEU D 46 -17.04 -7.47 -17.63
N LYS D 47 -16.65 -7.04 -16.43
CA LYS D 47 -17.34 -5.97 -15.74
C LYS D 47 -16.36 -4.90 -15.35
N GLY D 48 -16.88 -3.70 -15.15
CA GLY D 48 -16.05 -2.51 -14.97
C GLY D 48 -16.23 -1.91 -13.58
N PRO D 49 -15.47 -0.86 -13.26
CA PRO D 49 -14.55 -0.16 -14.20
C PRO D 49 -13.19 -0.83 -14.42
N THR D 50 -12.95 -1.21 -15.67
CA THR D 50 -11.81 -2.02 -16.04
C THR D 50 -11.12 -1.52 -17.29
N LYS D 51 -9.81 -1.50 -17.25
CA LYS D 51 -8.95 -1.18 -18.36
C LYS D 51 -8.11 -2.39 -18.77
N ILE D 52 -8.32 -2.91 -19.99
CA ILE D 52 -7.52 -4.00 -20.54
C ILE D 52 -6.71 -3.45 -21.70
N GLY D 53 -5.39 -3.68 -21.68
CA GLY D 53 -4.44 -3.15 -22.67
C GLY D 53 -4.50 -3.87 -24.02
N LYS D 54 -3.35 -3.94 -24.69
CA LYS D 54 -3.29 -4.42 -26.08
C LYS D 54 -2.87 -5.87 -26.23
N HIS D 55 -3.40 -6.54 -27.25
CA HIS D 55 -2.98 -7.87 -27.69
C HIS D 55 -3.11 -8.96 -26.62
N ASN D 56 -4.14 -8.83 -25.78
CA ASN D 56 -4.46 -9.85 -24.81
C ASN D 56 -5.37 -10.90 -25.43
N ARG D 57 -5.40 -12.09 -24.80
CA ARG D 57 -6.32 -13.13 -25.14
C ARG D 57 -7.00 -13.54 -23.86
N ILE D 58 -8.32 -13.59 -23.90
CA ILE D 58 -9.10 -14.01 -22.76
C ILE D 58 -10.07 -15.08 -23.18
N TYR D 59 -9.91 -16.23 -22.56
CA TYR D 59 -10.61 -17.42 -22.98
C TYR D 59 -11.93 -17.56 -22.29
N GLN D 60 -12.74 -18.43 -22.87
CA GLN D 60 -14.09 -18.76 -22.42
C GLN D 60 -14.28 -19.05 -20.92
N PHE D 61 -15.47 -18.67 -20.42
CA PHE D 61 -15.91 -18.88 -19.03
C PHE D 61 -15.15 -18.11 -17.94
N SER D 62 -14.29 -17.19 -18.35
CA SER D 62 -13.65 -16.25 -17.44
C SER D 62 -14.58 -15.16 -16.92
N SER D 63 -14.29 -14.69 -15.70
CA SER D 63 -15.02 -13.53 -15.12
C SER D 63 -13.98 -12.52 -14.72
N VAL D 64 -13.81 -11.48 -15.54
CA VAL D 64 -12.81 -10.45 -15.32
C VAL D 64 -13.40 -9.08 -14.92
N GLY D 65 -13.02 -8.62 -13.72
CA GLY D 65 -13.53 -7.35 -13.18
C GLY D 65 -14.76 -7.43 -12.33
N GLU D 66 -15.10 -8.62 -11.83
CA GLU D 66 -16.17 -8.71 -10.82
C GLU D 66 -15.75 -8.08 -9.48
N ASP D 67 -16.76 -7.88 -8.64
CA ASP D 67 -16.61 -7.42 -7.26
C ASP D 67 -16.24 -8.61 -6.40
N THR D 68 -15.28 -8.44 -5.53
CA THR D 68 -15.01 -9.44 -4.51
C THR D 68 -16.27 -9.75 -3.69
N PRO D 69 -16.46 -11.02 -3.32
CA PRO D 69 -17.75 -11.32 -2.71
C PRO D 69 -17.96 -10.88 -1.26
N ASP D 70 -16.92 -10.85 -0.42
CA ASP D 70 -17.18 -10.59 1.01
C ASP D 70 -17.69 -9.15 1.22
N LEU D 71 -18.88 -9.04 1.85
CA LEU D 71 -19.60 -7.78 2.08
C LEU D 71 -18.86 -6.81 2.98
N LYS D 72 -17.90 -7.31 3.77
CA LYS D 72 -17.04 -6.44 4.57
C LYS D 72 -16.06 -5.57 3.76
N TYR D 73 -15.96 -5.82 2.43
CA TYR D 73 -15.20 -4.96 1.55
C TYR D 73 -16.06 -4.05 0.69
N LYS D 74 -17.31 -3.78 1.08
CA LYS D 74 -18.13 -2.93 0.23
C LYS D 74 -17.59 -1.49 0.24
N GLY D 75 -17.85 -0.77 -0.85
CA GLY D 75 -17.22 0.53 -1.10
C GLY D 75 -16.85 0.66 -2.56
N GLU D 76 -17.03 1.86 -3.12
CA GLU D 76 -16.88 2.09 -4.56
C GLU D 76 -16.44 3.55 -4.76
N PRO D 77 -15.74 3.91 -5.85
CA PRO D 77 -15.43 3.02 -6.99
C PRO D 77 -14.10 2.31 -6.76
N THR D 78 -13.96 1.13 -7.37
CA THR D 78 -12.70 0.37 -7.38
C THR D 78 -12.46 -0.15 -8.78
N ARG D 79 -11.25 -0.52 -9.11
CA ARG D 79 -10.96 -0.81 -10.50
C ARG D 79 -10.02 -1.97 -10.72
N LEU D 80 -9.92 -2.35 -11.99
CA LEU D 80 -9.01 -3.39 -12.46
C LEU D 80 -8.25 -2.86 -13.67
N VAL D 81 -6.95 -2.99 -13.63
CA VAL D 81 -6.09 -2.61 -14.74
C VAL D 81 -5.28 -3.83 -15.16
N ILE D 82 -5.37 -4.19 -16.45
CA ILE D 82 -4.62 -5.28 -17.09
C ILE D 82 -3.80 -4.65 -18.24
N GLY D 83 -2.51 -5.02 -18.30
CA GLY D 83 -1.57 -4.49 -19.27
C GLY D 83 -1.69 -5.19 -20.61
N ASP D 84 -0.55 -5.41 -21.27
CA ASP D 84 -0.54 -5.93 -22.66
C ASP D 84 0.01 -7.35 -22.77
N HIS D 85 -0.37 -8.06 -23.83
CA HIS D 85 0.24 -9.36 -24.18
C HIS D 85 0.04 -10.48 -23.14
N ASN D 86 -1.03 -10.39 -22.35
CA ASN D 86 -1.37 -11.42 -21.39
C ASN D 86 -2.28 -12.43 -22.01
N VAL D 87 -2.14 -13.66 -21.55
CA VAL D 87 -3.04 -14.73 -21.87
C VAL D 87 -3.73 -15.10 -20.57
N ILE D 88 -5.05 -14.99 -20.57
CA ILE D 88 -5.93 -15.41 -19.52
C ILE D 88 -6.83 -16.55 -19.98
N ARG D 89 -6.61 -17.72 -19.39
CA ARG D 89 -7.20 -18.97 -19.87
C ARG D 89 -8.60 -19.22 -19.30
N GLU D 90 -9.13 -20.41 -19.56
CA GLU D 90 -10.49 -20.79 -19.24
C GLU D 90 -10.86 -20.61 -17.76
N GLY D 91 -11.98 -19.93 -17.51
CA GLY D 91 -12.58 -19.92 -16.17
C GLY D 91 -11.82 -19.15 -15.11
N VAL D 92 -10.92 -18.27 -15.55
CA VAL D 92 -10.13 -17.45 -14.64
C VAL D 92 -11.03 -16.37 -14.05
N THR D 93 -10.89 -16.12 -12.75
CA THR D 93 -11.60 -15.06 -12.06
C THR D 93 -10.59 -13.99 -11.60
N ILE D 94 -10.91 -12.73 -11.88
CA ILE D 94 -10.07 -11.61 -11.49
C ILE D 94 -11.02 -10.56 -10.92
N HIS D 95 -10.77 -10.16 -9.68
CA HIS D 95 -11.61 -9.23 -8.98
C HIS D 95 -10.97 -7.83 -8.93
N ARG D 96 -11.80 -6.80 -8.95
CA ARG D 96 -11.32 -5.43 -8.85
C ARG D 96 -10.87 -5.18 -7.39
N GLY D 97 -10.19 -4.08 -7.16
CA GLY D 97 -9.69 -3.76 -5.82
C GLY D 97 -10.78 -3.39 -4.81
N THR D 98 -10.35 -2.97 -3.62
CA THR D 98 -11.26 -2.62 -2.53
C THR D 98 -10.81 -1.28 -1.97
N VAL D 99 -11.75 -0.51 -1.44
CA VAL D 99 -11.38 0.78 -0.84
C VAL D 99 -10.59 0.67 0.47
N GLN D 100 -10.64 -0.51 1.10
CA GLN D 100 -9.87 -0.81 2.29
C GLN D 100 -8.37 -0.99 2.03
N ASP D 101 -7.94 -0.97 0.77
CA ASP D 101 -6.50 -1.03 0.46
C ASP D 101 -6.16 0.02 -0.62
N ARG D 102 -5.90 -0.39 -1.85
CA ARG D 102 -5.45 0.52 -2.91
C ARG D 102 -6.53 0.82 -3.98
N ALA D 103 -7.72 0.21 -3.83
CA ALA D 103 -8.85 0.35 -4.76
C ALA D 103 -8.59 -0.11 -6.22
N GLU D 104 -7.56 -0.94 -6.43
CA GLU D 104 -7.17 -1.40 -7.78
C GLU D 104 -6.48 -2.76 -7.74
N THR D 105 -6.94 -3.68 -8.57
CA THR D 105 -6.21 -4.92 -8.86
C THR D 105 -5.42 -4.63 -10.13
N THR D 106 -4.14 -4.98 -10.15
CA THR D 106 -3.24 -4.57 -11.22
C THR D 106 -2.49 -5.75 -11.81
N ILE D 107 -2.56 -5.91 -13.13
CA ILE D 107 -1.80 -6.96 -13.83
C ILE D 107 -1.00 -6.22 -14.90
N GLY D 108 0.31 -6.50 -14.96
CA GLY D 108 1.23 -5.92 -15.94
C GLY D 108 1.14 -6.60 -17.30
N ASP D 109 2.30 -6.97 -17.86
CA ASP D 109 2.39 -7.44 -19.25
C ASP D 109 2.96 -8.83 -19.38
N HIS D 110 2.66 -9.50 -20.49
CA HIS D 110 3.25 -10.83 -20.86
C HIS D 110 3.03 -11.95 -19.85
N ASN D 111 1.94 -11.89 -19.11
CA ASN D 111 1.62 -12.92 -18.13
C ASN D 111 0.78 -14.02 -18.71
N LEU D 112 0.95 -15.23 -18.16
CA LEU D 112 0.16 -16.40 -18.53
C LEU D 112 -0.56 -16.89 -17.30
N ILE D 113 -1.88 -16.79 -17.32
CA ILE D 113 -2.73 -17.14 -16.21
C ILE D 113 -3.60 -18.29 -16.66
N MET D 114 -3.33 -19.49 -16.14
CA MET D 114 -3.92 -20.71 -16.67
C MET D 114 -5.27 -21.00 -16.04
N ALA D 115 -5.95 -22.01 -16.60
CA ALA D 115 -7.34 -22.32 -16.22
C ALA D 115 -7.66 -22.28 -14.72
N TYR D 116 -8.72 -21.53 -14.38
CA TYR D 116 -9.36 -21.52 -13.08
C TYR D 116 -8.52 -20.87 -11.99
N ALA D 117 -7.50 -20.11 -12.39
CA ALA D 117 -6.71 -19.34 -11.50
C ALA D 117 -7.55 -18.17 -10.96
N HIS D 118 -7.22 -17.77 -9.74
CA HIS D 118 -7.93 -16.69 -9.05
C HIS D 118 -6.97 -15.57 -8.64
N ILE D 119 -7.31 -14.36 -9.06
CA ILE D 119 -6.58 -13.18 -8.69
C ILE D 119 -7.52 -12.29 -7.85
N GLY D 120 -7.32 -12.41 -6.54
CA GLY D 120 -8.16 -11.76 -5.58
C GLY D 120 -7.94 -10.27 -5.56
N HIS D 121 -8.92 -9.58 -4.99
CA HIS D 121 -8.90 -8.12 -4.86
C HIS D 121 -7.58 -7.56 -4.41
N ASP D 122 -7.19 -6.47 -5.05
CA ASP D 122 -6.03 -5.67 -4.67
C ASP D 122 -4.68 -6.37 -4.90
N SER D 123 -4.68 -7.47 -5.65
CA SER D 123 -3.44 -8.14 -5.98
C SER D 123 -2.75 -7.35 -7.11
N VAL D 124 -1.41 -7.45 -7.13
CA VAL D 124 -0.55 -6.81 -8.12
C VAL D 124 0.35 -7.88 -8.72
N ILE D 125 0.14 -8.16 -10.00
CA ILE D 125 1.00 -9.01 -10.81
C ILE D 125 1.85 -8.13 -11.74
N GLY D 126 3.16 -8.34 -11.72
CA GLY D 126 4.10 -7.66 -12.61
C GLY D 126 4.08 -8.23 -14.04
N ASN D 127 5.25 -8.60 -14.53
CA ASN D 127 5.41 -9.00 -15.93
C ASN D 127 6.01 -10.38 -16.07
N HIS D 128 5.64 -11.10 -17.12
CA HIS D 128 6.27 -12.41 -17.44
C HIS D 128 6.06 -13.49 -16.37
N CYS D 129 4.98 -13.36 -15.60
CA CYS D 129 4.64 -14.34 -14.57
C CYS D 129 3.82 -15.45 -15.16
N ILE D 130 3.86 -16.61 -14.52
CA ILE D 130 3.05 -17.75 -14.91
C ILE D 130 2.33 -18.26 -13.67
N LEU D 131 0.99 -18.19 -13.68
CA LEU D 131 0.13 -18.82 -12.67
C LEU D 131 -0.50 -20.03 -13.31
N VAL D 132 -0.02 -21.20 -12.92
CA VAL D 132 -0.55 -22.46 -13.41
C VAL D 132 -1.99 -22.66 -12.86
N ASN D 133 -2.73 -23.54 -13.50
CA ASN D 133 -4.11 -23.91 -13.14
C ASN D 133 -4.46 -23.83 -11.69
N ASN D 134 -5.56 -23.15 -11.38
CA ASN D 134 -6.09 -23.09 -10.01
C ASN D 134 -5.17 -22.49 -8.96
N THR D 135 -4.13 -21.78 -9.40
CA THR D 135 -3.36 -20.94 -8.51
C THR D 135 -4.35 -19.89 -7.94
N ALA D 136 -4.34 -19.69 -6.63
CA ALA D 136 -5.31 -18.77 -5.98
C ALA D 136 -4.61 -17.75 -5.11
N LEU D 137 -4.67 -16.49 -5.51
CA LEU D 137 -4.13 -15.39 -4.74
C LEU D 137 -5.30 -14.79 -3.93
N ALA D 138 -5.34 -15.02 -2.62
CA ALA D 138 -6.52 -14.68 -1.81
C ALA D 138 -6.88 -13.19 -1.80
N GLY D 139 -5.88 -12.32 -1.79
CA GLY D 139 -6.10 -10.88 -2.02
C GLY D 139 -4.92 -10.13 -1.48
N HIS D 140 -4.70 -8.91 -1.97
CA HIS D 140 -3.55 -8.10 -1.58
C HIS D 140 -2.23 -8.85 -1.80
N VAL D 141 -2.17 -9.76 -2.77
CA VAL D 141 -0.93 -10.49 -3.06
C VAL D 141 -0.14 -9.77 -4.13
N HIS D 142 1.15 -9.59 -3.89
CA HIS D 142 2.07 -8.96 -4.81
C HIS D 142 2.96 -10.05 -5.47
N VAL D 143 2.89 -10.17 -6.77
CA VAL D 143 3.71 -11.13 -7.51
C VAL D 143 4.62 -10.34 -8.41
N ASP D 144 5.91 -10.47 -8.17
CA ASP D 144 6.90 -9.77 -8.97
C ASP D 144 7.32 -10.54 -10.24
N ASP D 145 8.12 -9.89 -11.08
CA ASP D 145 8.37 -10.34 -12.46
C ASP D 145 8.97 -11.72 -12.52
N TRP D 146 8.58 -12.47 -13.56
CA TRP D 146 9.09 -13.82 -13.85
C TRP D 146 8.76 -14.90 -12.80
N ALA D 147 7.97 -14.59 -11.77
CA ALA D 147 7.56 -15.61 -10.82
C ALA D 147 6.71 -16.71 -11.52
N ILE D 148 6.91 -17.96 -11.09
CA ILE D 148 6.09 -19.07 -11.52
C ILE D 148 5.48 -19.70 -10.28
N LEU D 149 4.16 -19.78 -10.25
CA LEU D 149 3.41 -20.52 -9.26
C LEU D 149 2.75 -21.72 -9.94
N SER D 150 3.19 -22.94 -9.57
CA SER D 150 2.70 -24.18 -10.19
C SER D 150 1.26 -24.48 -9.76
N GLY D 151 0.65 -25.48 -10.39
CA GLY D 151 -0.76 -25.80 -10.18
C GLY D 151 -1.21 -25.86 -8.73
N TYR D 152 -2.35 -25.24 -8.46
CA TYR D 152 -2.99 -25.24 -7.15
C TYR D 152 -2.12 -24.67 -6.02
N THR D 153 -1.24 -23.72 -6.37
CA THR D 153 -0.55 -22.94 -5.37
C THR D 153 -1.54 -21.95 -4.76
N LEU D 154 -1.67 -21.98 -3.43
CA LEU D 154 -2.53 -21.10 -2.68
C LEU D 154 -1.66 -20.06 -2.00
N VAL D 155 -1.98 -18.78 -2.16
CA VAL D 155 -1.19 -17.69 -1.59
C VAL D 155 -2.11 -16.91 -0.63
N HIS D 156 -1.76 -16.92 0.65
CA HIS D 156 -2.47 -16.19 1.70
C HIS D 156 -2.43 -14.68 1.47
N GLN D 157 -3.41 -13.99 2.04
CA GLN D 157 -3.51 -12.51 1.97
C GLN D 157 -2.22 -11.82 2.36
N TYR D 158 -1.83 -10.78 1.59
CA TYR D 158 -0.67 -9.90 1.88
C TYR D 158 0.71 -10.44 1.54
N CYS D 159 0.81 -11.71 1.19
CA CYS D 159 2.10 -12.28 0.84
C CYS D 159 2.70 -11.62 -0.39
N ARG D 160 4.01 -11.57 -0.43
CA ARG D 160 4.73 -11.12 -1.60
C ARG D 160 5.48 -12.32 -2.16
N ILE D 161 5.33 -12.52 -3.47
CA ILE D 161 5.99 -13.58 -4.17
C ILE D 161 7.09 -12.88 -4.94
N GLY D 162 8.35 -13.25 -4.65
CA GLY D 162 9.52 -12.62 -5.21
C GLY D 162 9.78 -12.91 -6.68
N ALA D 163 10.50 -12.00 -7.33
CA ALA D 163 10.82 -12.14 -8.75
C ALA D 163 11.61 -13.42 -8.98
N HIS D 164 11.32 -14.08 -10.10
CA HIS D 164 12.01 -15.28 -10.55
C HIS D 164 11.84 -16.47 -9.57
N SER D 165 10.85 -16.37 -8.66
CA SER D 165 10.63 -17.43 -7.66
C SER D 165 9.81 -18.51 -8.28
N PHE D 166 9.73 -19.64 -7.59
CA PHE D 166 9.05 -20.81 -8.11
C PHE D 166 8.39 -21.56 -6.98
N SER D 167 7.11 -21.90 -7.14
CA SER D 167 6.47 -22.77 -6.14
C SER D 167 6.09 -24.09 -6.78
N GLY D 168 6.25 -25.16 -6.03
CA GLY D 168 5.80 -26.49 -6.47
C GLY D 168 4.30 -26.59 -6.43
N MET D 169 3.78 -27.63 -7.05
CA MET D 169 2.34 -27.79 -7.13
C MET D 169 1.76 -28.07 -5.76
N GLY D 170 0.59 -27.52 -5.49
CA GLY D 170 -0.06 -27.70 -4.21
C GLY D 170 0.58 -27.00 -3.02
N SER D 171 1.49 -26.07 -3.29
CA SER D 171 2.14 -25.30 -2.26
C SER D 171 1.13 -24.38 -1.60
N ALA D 172 1.16 -24.32 -0.28
CA ALA D 172 0.30 -23.40 0.49
C ALA D 172 1.21 -22.36 1.14
N ILE D 173 1.15 -21.13 0.62
CA ILE D 173 2.12 -20.07 0.95
C ILE D 173 1.48 -19.11 1.91
N GLY D 174 1.98 -19.06 3.14
CA GLY D 174 1.49 -18.19 4.21
C GLY D 174 2.47 -17.09 4.60
N LYS D 175 3.68 -17.12 4.07
CA LYS D 175 4.71 -16.09 4.33
C LYS D 175 5.37 -15.68 3.03
N ASP D 176 6.04 -14.55 3.00
CA ASP D 176 6.72 -14.06 1.82
C ASP D 176 7.74 -15.03 1.22
N VAL D 177 7.78 -15.09 -0.09
CA VAL D 177 8.71 -15.91 -0.78
C VAL D 177 9.72 -14.95 -1.38
N PRO D 178 10.99 -15.07 -0.99
CA PRO D 178 11.95 -14.17 -1.58
C PRO D 178 12.18 -14.42 -3.06
N ALA D 179 12.72 -13.39 -3.72
CA ALA D 179 13.18 -13.48 -5.09
C ALA D 179 14.08 -14.69 -5.26
N TYR D 180 13.88 -15.38 -6.37
CA TYR D 180 14.62 -16.57 -6.79
C TYR D 180 14.40 -17.86 -5.98
N VAL D 181 13.67 -17.82 -4.88
CA VAL D 181 13.61 -19.02 -4.02
C VAL D 181 12.56 -20.03 -4.57
N THR D 182 12.85 -21.31 -4.41
CA THR D 182 11.90 -22.36 -4.72
C THR D 182 11.30 -22.82 -3.41
N VAL D 183 9.98 -22.86 -3.37
CA VAL D 183 9.24 -23.31 -2.21
C VAL D 183 8.34 -24.51 -2.59
N PHE D 184 8.11 -25.40 -1.63
CA PHE D 184 7.26 -26.58 -1.79
C PHE D 184 6.52 -26.89 -0.52
N GLY D 185 5.33 -27.48 -0.69
CA GLY D 185 4.58 -28.11 0.39
C GLY D 185 3.44 -27.29 0.96
N ASN D 186 2.71 -27.92 1.86
CA ASN D 186 1.63 -27.30 2.62
C ASN D 186 1.87 -27.66 4.09
N PRO D 187 2.44 -26.76 4.91
CA PRO D 187 2.76 -25.37 4.54
C PRO D 187 4.02 -25.25 3.69
N ALA D 188 4.14 -24.17 2.93
CA ALA D 188 5.29 -24.00 2.03
C ALA D 188 6.60 -23.91 2.80
N GLU D 189 7.63 -24.59 2.28
CA GLU D 189 9.01 -24.53 2.75
C GLU D 189 9.99 -24.16 1.64
N ALA D 190 11.05 -23.47 2.01
CA ALA D 190 12.11 -23.12 1.08
C ALA D 190 12.97 -24.35 0.90
N ARG D 191 13.29 -24.66 -0.35
CA ARG D 191 14.16 -25.77 -0.67
C ARG D 191 15.50 -25.28 -1.17
N SER D 192 15.48 -24.38 -2.14
CA SER D 192 16.69 -23.91 -2.77
C SER D 192 16.33 -22.67 -3.59
N MET D 193 17.15 -22.38 -4.59
CA MET D 193 16.94 -21.30 -5.52
C MET D 193 16.49 -21.87 -6.85
N ASN D 194 15.83 -21.03 -7.64
CA ASN D 194 15.36 -21.44 -8.95
C ASN D 194 16.45 -21.35 -10.02
N PHE D 195 17.46 -22.21 -9.93
CA PHE D 195 18.59 -22.23 -10.87
C PHE D 195 18.14 -22.56 -12.30
N GLU D 196 17.18 -23.47 -12.42
CA GLU D 196 16.62 -23.85 -13.71
C GLU D 196 16.09 -22.61 -14.42
N GLY D 197 15.28 -21.83 -13.73
CA GLY D 197 14.81 -20.54 -14.23
C GLY D 197 15.95 -19.61 -14.65
N MET D 198 16.95 -19.48 -13.78
CA MET D 198 18.12 -18.65 -14.06
C MET D 198 18.83 -19.10 -15.34
N ARG D 199 19.00 -20.42 -15.51
CA ARG D 199 19.61 -20.97 -16.73
C ARG D 199 18.82 -20.63 -18.01
N ARG D 200 17.49 -20.82 -17.97
CA ARG D 200 16.63 -20.54 -19.14
C ARG D 200 16.57 -19.06 -19.53
N ARG D 201 16.80 -18.19 -18.56
CA ARG D 201 16.73 -16.76 -18.79
C ARG D 201 18.10 -16.14 -19.04
N GLY D 202 19.11 -17.00 -19.25
CA GLY D 202 20.47 -16.54 -19.54
C GLY D 202 21.16 -15.74 -18.44
N PHE D 203 21.01 -16.17 -17.18
CA PHE D 203 21.77 -15.54 -16.07
C PHE D 203 23.26 -15.88 -16.23
N SER D 204 24.11 -14.92 -15.89
CA SER D 204 25.56 -15.10 -15.92
C SER D 204 25.92 -16.09 -14.82
N SER D 205 26.96 -16.89 -15.03
CA SER D 205 27.39 -17.85 -14.02
C SER D 205 27.93 -17.16 -12.76
N GLU D 206 28.51 -15.96 -12.89
CA GLU D 206 28.93 -15.19 -11.70
C GLU D 206 27.70 -14.77 -10.89
N ALA D 207 26.67 -14.31 -11.59
CA ALA D 207 25.41 -13.96 -10.93
C ALA D 207 24.79 -15.17 -10.21
N ILE D 208 24.81 -16.32 -10.86
CA ILE D 208 24.26 -17.55 -10.28
C ILE D 208 25.06 -17.97 -9.02
N HIS D 209 26.39 -17.98 -9.11
CA HIS D 209 27.21 -18.33 -7.94
C HIS D 209 26.95 -17.38 -6.78
N ALA D 210 26.77 -16.10 -7.11
CA ALA D 210 26.52 -15.05 -6.14
C ALA D 210 25.17 -15.23 -5.44
N LEU D 211 24.15 -15.57 -6.22
CA LEU D 211 22.86 -15.94 -5.65
C LEU D 211 22.95 -17.23 -4.79
N ARG D 212 23.69 -18.23 -5.25
CA ARG D 212 23.91 -19.45 -4.47
C ARG D 212 24.50 -19.10 -3.08
N ARG D 213 25.53 -18.26 -3.06
CA ARG D 213 26.18 -17.87 -1.81
C ARG D 213 25.22 -17.07 -0.94
N ALA D 214 24.47 -16.16 -1.57
CA ALA D 214 23.50 -15.33 -0.83
C ALA D 214 22.40 -16.16 -0.16
N TYR D 215 21.99 -17.24 -0.82
CA TYR D 215 20.96 -18.12 -0.25
C TYR D 215 21.48 -18.71 1.06
N LYS D 216 22.69 -19.23 1.04
CA LYS D 216 23.29 -19.80 2.27
C LYS D 216 23.40 -18.77 3.37
N VAL D 217 23.74 -17.53 2.99
CA VAL D 217 23.79 -16.45 3.97
C VAL D 217 22.46 -16.27 4.70
N VAL D 218 21.35 -16.27 3.97
CA VAL D 218 20.06 -16.08 4.61
C VAL D 218 19.59 -17.37 5.34
N TYR D 219 19.86 -18.55 4.77
CA TYR D 219 19.15 -19.77 5.23
C TYR D 219 19.96 -20.80 6.01
N ARG D 220 21.25 -20.90 5.77
CA ARG D 220 22.06 -22.04 6.23
C ARG D 220 23.28 -21.66 7.10
N GLN D 221 23.31 -20.44 7.67
CA GLN D 221 24.53 -19.94 8.30
C GLN D 221 24.42 -19.38 9.72
N GLY D 222 23.24 -19.46 10.34
CA GLY D 222 23.06 -18.97 11.70
C GLY D 222 22.60 -17.53 11.82
N HIS D 223 22.56 -16.77 10.73
CA HIS D 223 22.30 -15.33 10.81
C HIS D 223 20.86 -14.97 11.12
N THR D 224 20.68 -13.90 11.87
CA THR D 224 19.38 -13.26 11.98
C THR D 224 19.01 -12.63 10.63
N VAL D 225 17.75 -12.23 10.51
CA VAL D 225 17.27 -11.56 9.31
C VAL D 225 18.06 -10.25 9.16
N GLU D 226 18.16 -9.46 10.24
CA GLU D 226 18.92 -8.20 10.21
C GLU D 226 20.39 -8.40 9.85
N GLU D 227 21.05 -9.43 10.40
CA GLU D 227 22.46 -9.63 10.12
C GLU D 227 22.70 -10.10 8.69
N ALA D 228 21.86 -11.02 8.21
CA ALA D 228 21.87 -11.51 6.82
C ALA D 228 21.84 -10.36 5.81
N LEU D 229 20.88 -9.46 5.98
CA LEU D 229 20.75 -8.26 5.18
C LEU D 229 22.06 -7.48 5.10
N ALA D 230 22.60 -7.12 6.27
CA ALA D 230 23.90 -6.40 6.34
C ALA D 230 25.04 -7.20 5.71
N GLU D 231 25.08 -8.52 5.95
CA GLU D 231 26.13 -9.36 5.35
C GLU D 231 26.01 -9.39 3.81
N LEU D 232 24.78 -9.27 3.29
CA LEU D 232 24.58 -9.21 1.82
C LEU D 232 24.84 -7.85 1.14
N ALA D 233 25.01 -6.77 1.90
CA ALA D 233 25.16 -5.42 1.33
C ALA D 233 26.22 -5.29 0.25
N GLU D 234 27.40 -5.86 0.50
CA GLU D 234 28.51 -5.81 -0.46
C GLU D 234 28.19 -6.55 -1.78
N SER D 235 27.77 -7.81 -1.66
CA SER D 235 27.36 -8.60 -2.84
C SER D 235 26.24 -7.92 -3.64
N ALA D 236 25.32 -7.26 -2.92
CA ALA D 236 24.22 -6.50 -3.54
C ALA D 236 24.67 -5.27 -4.32
N ALA D 237 25.75 -4.61 -3.88
CA ALA D 237 26.31 -3.47 -4.62
C ALA D 237 27.03 -3.96 -5.88
N GLN D 238 27.61 -5.16 -5.79
CA GLN D 238 28.31 -5.79 -6.90
C GLN D 238 27.35 -6.43 -7.93
N PHE D 239 26.26 -7.07 -7.47
CA PHE D 239 25.33 -7.81 -8.36
C PHE D 239 23.91 -7.32 -8.18
N PRO D 240 23.28 -6.76 -9.25
CA PRO D 240 21.88 -6.38 -9.15
C PRO D 240 20.96 -7.53 -8.78
N GLU D 241 21.32 -8.75 -9.18
CA GLU D 241 20.51 -9.93 -8.92
C GLU D 241 20.47 -10.20 -7.44
N VAL D 242 21.58 -9.95 -6.75
CA VAL D 242 21.61 -10.10 -5.29
C VAL D 242 20.86 -8.97 -4.61
N ALA D 243 20.90 -7.78 -5.20
CA ALA D 243 20.17 -6.65 -4.68
C ALA D 243 18.67 -6.94 -4.65
N VAL D 244 18.17 -7.56 -5.72
CA VAL D 244 16.78 -8.00 -5.81
C VAL D 244 16.45 -9.01 -4.68
N PHE D 245 17.32 -10.01 -4.49
CA PHE D 245 17.17 -10.96 -3.37
C PHE D 245 17.08 -10.25 -2.02
N ARG D 246 18.10 -9.46 -1.69
CA ARG D 246 18.14 -8.64 -0.46
C ARG D 246 16.91 -7.76 -0.29
N ASP D 247 16.53 -7.02 -1.34
CA ASP D 247 15.33 -6.16 -1.26
C ASP D 247 14.05 -6.94 -0.92
N SER D 248 13.95 -8.17 -1.45
CA SER D 248 12.76 -9.00 -1.20
C SER D 248 12.68 -9.44 0.26
N ILE D 249 13.82 -9.76 0.84
CA ILE D 249 13.93 -10.03 2.26
C ILE D 249 13.56 -8.79 3.12
N GLN D 250 14.22 -7.67 2.84
CA GLN D 250 13.97 -6.42 3.56
C GLN D 250 12.49 -6.06 3.56
N SER D 251 11.84 -6.12 2.42
CA SER D 251 10.44 -5.78 2.35
C SER D 251 9.49 -6.89 2.81
N ALA D 252 10.01 -7.90 3.47
CA ALA D 252 9.18 -8.98 3.93
C ALA D 252 8.61 -8.78 5.35
N THR D 253 7.47 -8.12 5.48
CA THR D 253 6.84 -7.91 6.79
C THR D 253 5.64 -8.83 7.08
N ARG D 254 5.95 -10.07 6.82
CA ARG D 254 5.15 -11.20 7.08
C ARG D 254 6.13 -12.26 7.67
N GLY D 255 7.43 -12.07 7.42
CA GLY D 255 8.45 -12.96 7.81
C GLY D 255 8.65 -13.69 6.51
N ILE D 256 9.80 -14.29 6.30
CA ILE D 256 10.05 -15.05 5.05
C ILE D 256 9.79 -16.54 5.19
N THR D 257 9.47 -17.17 4.06
CA THR D 257 9.32 -18.60 4.03
C THR D 257 10.68 -19.28 4.25
N ARG D 258 10.71 -20.14 5.26
CA ARG D 258 11.89 -20.91 5.65
C ARG D 258 11.73 -22.37 5.24
N SER E 2 -35.97 -5.55 -19.83
CA SER E 2 -36.84 -6.68 -19.40
C SER E 2 -36.19 -7.51 -18.28
N LEU E 3 -37.00 -7.98 -17.32
CA LEU E 3 -36.52 -8.76 -16.16
C LEU E 3 -36.09 -10.20 -16.51
N ILE E 4 -36.96 -10.98 -17.12
CA ILE E 4 -36.57 -12.28 -17.70
C ILE E 4 -36.11 -12.05 -19.11
N ASP E 5 -34.80 -12.14 -19.30
CA ASP E 5 -34.16 -11.90 -20.58
C ASP E 5 -34.77 -12.83 -21.66
N PRO E 6 -35.02 -12.28 -22.86
CA PRO E 6 -35.59 -13.14 -23.92
C PRO E 6 -34.60 -14.20 -24.48
N ARG E 7 -33.29 -14.03 -24.27
CA ARG E 7 -32.31 -15.04 -24.69
C ARG E 7 -32.15 -16.19 -23.69
N ALA E 8 -32.77 -16.10 -22.51
CA ALA E 8 -32.81 -17.23 -21.57
C ALA E 8 -33.80 -18.30 -22.05
N ILE E 9 -33.63 -19.54 -21.59
CA ILE E 9 -34.62 -20.60 -21.83
C ILE E 9 -35.28 -20.93 -20.50
N ILE E 10 -36.61 -20.79 -20.45
CA ILE E 10 -37.41 -21.09 -19.28
C ILE E 10 -38.33 -22.25 -19.64
N ASP E 11 -38.17 -23.39 -18.98
CA ASP E 11 -39.05 -24.52 -19.20
C ASP E 11 -40.49 -24.14 -18.77
N PRO E 12 -41.52 -24.61 -19.50
CA PRO E 12 -42.91 -24.24 -19.13
C PRO E 12 -43.38 -24.73 -17.75
N SER E 13 -42.78 -25.82 -17.22
CA SER E 13 -43.14 -26.38 -15.91
C SER E 13 -42.28 -25.84 -14.75
N ALA E 14 -41.51 -24.79 -15.01
CA ALA E 14 -40.83 -24.03 -13.97
C ALA E 14 -41.80 -22.98 -13.45
N ARG E 15 -41.68 -22.66 -12.16
CA ARG E 15 -42.59 -21.75 -11.47
C ARG E 15 -41.78 -20.56 -10.96
N LEU E 16 -41.87 -19.45 -11.67
CA LEU E 16 -41.11 -18.23 -11.34
C LEU E 16 -42.04 -17.18 -10.72
N ALA E 17 -41.73 -16.78 -9.50
CA ALA E 17 -42.38 -15.61 -8.91
C ALA E 17 -42.21 -14.40 -9.82
N ALA E 18 -43.17 -13.48 -9.77
CA ALA E 18 -43.34 -12.45 -10.80
C ALA E 18 -42.16 -11.47 -11.03
N ASP E 19 -41.39 -11.14 -9.97
CA ASP E 19 -40.28 -10.15 -10.05
C ASP E 19 -38.85 -10.77 -10.14
N VAL E 20 -38.80 -12.09 -10.32
CA VAL E 20 -37.54 -12.81 -10.60
C VAL E 20 -36.84 -12.25 -11.85
N GLN E 21 -35.52 -12.09 -11.76
CA GLN E 21 -34.68 -11.76 -12.90
C GLN E 21 -33.92 -13.01 -13.38
N VAL E 22 -33.81 -13.18 -14.71
CA VAL E 22 -32.99 -14.23 -15.31
C VAL E 22 -32.16 -13.62 -16.43
N GLY E 23 -30.83 -13.78 -16.37
CA GLY E 23 -29.93 -13.18 -17.33
C GLY E 23 -29.93 -13.92 -18.67
N PRO E 24 -29.26 -13.35 -19.67
CA PRO E 24 -29.20 -14.03 -20.97
C PRO E 24 -28.44 -15.37 -20.92
N TRP E 25 -28.92 -16.33 -21.71
CA TRP E 25 -28.29 -17.62 -21.97
C TRP E 25 -28.25 -18.56 -20.76
N SER E 26 -29.23 -18.42 -19.89
CA SER E 26 -29.35 -19.24 -18.71
C SER E 26 -30.47 -20.18 -19.00
N ILE E 27 -30.47 -21.33 -18.36
CA ILE E 27 -31.51 -22.30 -18.54
C ILE E 27 -32.17 -22.53 -17.20
N VAL E 28 -33.49 -22.40 -17.16
CA VAL E 28 -34.28 -22.79 -16.00
C VAL E 28 -35.10 -24.03 -16.37
N GLY E 29 -34.59 -25.19 -15.99
CA GLY E 29 -35.18 -26.45 -16.40
C GLY E 29 -36.48 -26.79 -15.71
N ALA E 30 -36.94 -28.00 -15.99
CA ALA E 30 -38.20 -28.49 -15.47
C ALA E 30 -38.16 -28.63 -13.96
N GLU E 31 -39.26 -28.28 -13.30
CA GLU E 31 -39.47 -28.48 -11.86
C GLU E 31 -38.54 -27.63 -10.96
N VAL E 32 -38.09 -26.49 -11.49
CA VAL E 32 -37.35 -25.51 -10.73
C VAL E 32 -38.30 -24.35 -10.36
N GLU E 33 -38.47 -24.09 -9.06
CA GLU E 33 -39.21 -22.93 -8.64
C GLU E 33 -38.26 -21.90 -8.04
N ILE E 34 -38.45 -20.65 -8.37
CA ILE E 34 -37.66 -19.56 -7.85
C ILE E 34 -38.55 -18.51 -7.23
N GLY E 35 -38.24 -18.12 -6.01
CA GLY E 35 -38.98 -17.14 -5.29
C GLY E 35 -38.64 -15.71 -5.61
N GLU E 36 -39.45 -14.81 -5.08
CA GLU E 36 -39.33 -13.40 -5.30
C GLU E 36 -38.01 -12.80 -4.88
N GLY E 37 -37.59 -11.81 -5.63
CA GLY E 37 -36.36 -11.12 -5.35
C GLY E 37 -35.15 -11.75 -5.98
N THR E 38 -35.20 -13.05 -6.15
CA THR E 38 -34.11 -13.75 -6.73
C THR E 38 -33.65 -13.24 -8.10
N VAL E 39 -32.34 -13.21 -8.24
CA VAL E 39 -31.72 -12.81 -9.44
C VAL E 39 -30.80 -13.89 -9.97
N ILE E 40 -31.17 -14.46 -11.09
CA ILE E 40 -30.31 -15.40 -11.80
C ILE E 40 -29.52 -14.65 -12.88
N GLY E 41 -28.20 -14.81 -12.85
CA GLY E 41 -27.30 -14.10 -13.75
C GLY E 41 -27.29 -14.69 -15.15
N PRO E 42 -26.36 -14.23 -16.00
CA PRO E 42 -26.23 -14.85 -17.29
C PRO E 42 -25.50 -16.21 -17.17
N HIS E 43 -25.66 -17.08 -18.18
CA HIS E 43 -24.93 -18.35 -18.26
C HIS E 43 -25.08 -19.27 -17.01
N VAL E 44 -26.26 -19.36 -16.45
CA VAL E 44 -26.55 -20.24 -15.32
C VAL E 44 -27.37 -21.40 -15.82
N VAL E 45 -26.99 -22.63 -15.44
CA VAL E 45 -27.81 -23.78 -15.67
C VAL E 45 -28.48 -24.20 -14.38
N LEU E 46 -29.81 -24.08 -14.34
CA LEU E 46 -30.61 -24.58 -13.22
C LEU E 46 -31.33 -25.82 -13.70
N LYS E 47 -31.20 -26.90 -12.95
CA LYS E 47 -31.91 -28.15 -13.18
C LYS E 47 -32.72 -28.45 -11.91
N GLY E 48 -33.78 -29.24 -12.06
CA GLY E 48 -34.66 -29.61 -10.95
C GLY E 48 -34.79 -31.12 -10.83
N PRO E 49 -35.66 -31.61 -9.95
CA PRO E 49 -36.55 -30.81 -9.07
C PRO E 49 -35.84 -29.99 -7.95
N THR E 50 -36.05 -28.67 -7.96
CA THR E 50 -35.27 -27.75 -7.12
C THR E 50 -36.14 -26.58 -6.66
N LYS E 51 -36.18 -26.32 -5.34
CA LYS E 51 -36.85 -25.14 -4.80
C LYS E 51 -35.79 -24.13 -4.34
N ILE E 52 -35.92 -22.89 -4.83
CA ILE E 52 -35.04 -21.79 -4.49
C ILE E 52 -35.87 -20.64 -3.93
N GLY E 53 -35.45 -20.09 -2.80
CA GLY E 53 -36.25 -19.12 -2.03
C GLY E 53 -36.14 -17.72 -2.57
N LYS E 54 -36.07 -16.76 -1.67
CA LYS E 54 -36.20 -15.35 -2.04
C LYS E 54 -34.92 -14.58 -1.86
N HIS E 55 -34.75 -13.59 -2.72
CA HIS E 55 -33.64 -12.63 -2.66
C HIS E 55 -32.29 -13.33 -2.76
N ASN E 56 -32.24 -14.42 -3.53
CA ASN E 56 -30.96 -15.07 -3.86
C ASN E 56 -30.27 -14.36 -5.03
N ARG E 57 -28.97 -14.63 -5.18
CA ARG E 57 -28.19 -14.15 -6.30
C ARG E 57 -27.34 -15.36 -6.76
N ILE E 58 -27.49 -15.75 -8.03
CA ILE E 58 -26.74 -16.85 -8.60
C ILE E 58 -25.94 -16.33 -9.81
N TYR E 59 -24.63 -16.46 -9.73
CA TYR E 59 -23.73 -15.92 -10.76
C TYR E 59 -23.44 -16.91 -11.89
N GLN E 60 -22.92 -16.33 -12.96
CA GLN E 60 -22.49 -16.99 -14.18
C GLN E 60 -21.68 -18.27 -13.99
N PHE E 61 -21.98 -19.23 -14.85
CA PHE E 61 -21.32 -20.50 -15.00
C PHE E 61 -21.55 -21.47 -13.85
N SER E 62 -22.54 -21.19 -13.00
CA SER E 62 -22.94 -22.12 -11.98
C SER E 62 -23.86 -23.18 -12.57
N SER E 63 -23.79 -24.39 -12.00
CA SER E 63 -24.69 -25.48 -12.30
C SER E 63 -25.31 -25.86 -10.98
N VAL E 64 -26.58 -25.51 -10.81
CA VAL E 64 -27.32 -25.72 -9.59
C VAL E 64 -28.47 -26.68 -9.86
N GLY E 65 -28.46 -27.81 -9.16
CA GLY E 65 -29.50 -28.84 -9.24
C GLY E 65 -29.18 -30.02 -10.15
N GLU E 66 -27.95 -30.12 -10.65
CA GLU E 66 -27.53 -31.25 -11.49
C GLU E 66 -27.53 -32.54 -10.68
N ASP E 67 -27.60 -33.67 -11.39
CA ASP E 67 -27.43 -34.99 -10.83
C ASP E 67 -26.00 -35.13 -10.29
N THR E 68 -25.85 -35.71 -9.10
CA THR E 68 -24.54 -36.18 -8.69
C THR E 68 -23.98 -37.16 -9.71
N PRO E 69 -22.65 -37.12 -9.97
CA PRO E 69 -22.03 -38.16 -10.80
C PRO E 69 -21.77 -39.42 -9.99
N ASP E 70 -21.98 -39.37 -8.68
CA ASP E 70 -21.89 -40.55 -7.83
C ASP E 70 -22.53 -41.76 -8.47
N LEU E 71 -21.80 -42.87 -8.50
CA LEU E 71 -22.23 -44.08 -9.22
C LEU E 71 -23.49 -44.76 -8.63
N LYS E 72 -23.69 -44.58 -7.33
CA LYS E 72 -24.82 -45.11 -6.61
C LYS E 72 -26.14 -44.37 -6.94
N TYR E 73 -26.07 -43.26 -7.66
CA TYR E 73 -27.24 -42.52 -8.15
C TYR E 73 -27.68 -43.08 -9.52
N LYS E 74 -29.00 -43.27 -9.69
CA LYS E 74 -29.58 -43.95 -10.86
C LYS E 74 -30.76 -43.16 -11.44
N GLY E 75 -30.62 -41.85 -11.56
CA GLY E 75 -31.72 -40.97 -12.05
C GLY E 75 -33.00 -40.84 -11.20
N GLU E 76 -32.96 -41.29 -9.94
CA GLU E 76 -34.13 -41.17 -9.06
C GLU E 76 -34.47 -39.70 -8.86
N PRO E 77 -35.75 -39.37 -8.56
CA PRO E 77 -36.15 -37.95 -8.57
C PRO E 77 -35.90 -37.31 -7.19
N THR E 78 -34.65 -36.98 -6.95
CA THR E 78 -34.21 -36.40 -5.69
C THR E 78 -34.24 -34.87 -5.78
N ARG E 79 -34.21 -34.22 -4.62
CA ARG E 79 -34.43 -32.76 -4.56
C ARG E 79 -33.18 -31.95 -4.23
N LEU E 80 -33.28 -30.65 -4.47
CA LEU E 80 -32.40 -29.65 -3.93
C LEU E 80 -33.27 -28.54 -3.38
N VAL E 81 -33.02 -28.14 -2.14
CA VAL E 81 -33.72 -27.00 -1.52
C VAL E 81 -32.71 -25.92 -1.08
N ILE E 82 -32.96 -24.67 -1.50
CA ILE E 82 -32.17 -23.51 -1.16
C ILE E 82 -33.10 -22.44 -0.57
N GLY E 83 -32.76 -21.92 0.62
CA GLY E 83 -33.54 -20.90 1.29
C GLY E 83 -33.40 -19.52 0.68
N ASP E 84 -33.26 -18.51 1.53
CA ASP E 84 -33.33 -17.11 1.14
C ASP E 84 -32.04 -16.36 1.41
N HIS E 85 -31.85 -15.26 0.68
CA HIS E 85 -30.74 -14.33 0.85
C HIS E 85 -29.32 -14.94 0.70
N ASN E 86 -29.22 -16.01 -0.09
CA ASN E 86 -27.92 -16.62 -0.42
C ASN E 86 -27.30 -16.00 -1.64
N VAL E 87 -25.98 -15.91 -1.62
CA VAL E 87 -25.16 -15.52 -2.76
C VAL E 87 -24.29 -16.74 -3.20
N ILE E 88 -24.42 -17.12 -4.48
CA ILE E 88 -23.75 -18.23 -5.09
C ILE E 88 -22.96 -17.61 -6.25
N ARG E 89 -21.64 -17.65 -6.08
CA ARG E 89 -20.69 -16.99 -7.00
C ARG E 89 -20.37 -17.83 -8.25
N GLU E 90 -19.38 -17.37 -9.03
CA GLU E 90 -19.06 -17.90 -10.35
C GLU E 90 -18.74 -19.39 -10.33
N GLY E 91 -19.35 -20.17 -11.21
CA GLY E 91 -18.96 -21.56 -11.38
C GLY E 91 -19.22 -22.58 -10.27
N VAL E 92 -20.08 -22.22 -9.33
CA VAL E 92 -20.41 -23.12 -8.24
C VAL E 92 -21.22 -24.28 -8.76
N THR E 93 -20.95 -25.48 -8.22
CA THR E 93 -21.72 -26.65 -8.51
C THR E 93 -22.45 -27.11 -7.26
N ILE E 94 -23.76 -27.33 -7.42
CA ILE E 94 -24.63 -27.86 -6.36
C ILE E 94 -25.47 -29.01 -6.92
N HIS E 95 -25.29 -30.19 -6.34
CA HIS E 95 -25.93 -31.41 -6.80
C HIS E 95 -27.13 -31.79 -5.90
N ARG E 96 -28.11 -32.46 -6.49
CA ARG E 96 -29.28 -32.89 -5.74
C ARG E 96 -28.90 -34.15 -4.98
N GLY E 97 -29.76 -34.52 -4.04
CA GLY E 97 -29.53 -35.67 -3.16
C GLY E 97 -29.61 -37.04 -3.82
N THR E 98 -29.60 -38.05 -2.96
CA THR E 98 -29.66 -39.46 -3.34
C THR E 98 -30.61 -40.17 -2.39
N VAL E 99 -31.28 -41.20 -2.92
CA VAL E 99 -32.30 -41.94 -2.16
C VAL E 99 -31.66 -42.74 -1.05
N GLN E 100 -30.39 -43.11 -1.25
CA GLN E 100 -29.55 -43.82 -0.25
C GLN E 100 -29.41 -43.11 1.10
N ASP E 101 -29.64 -41.80 1.14
CA ASP E 101 -29.58 -41.05 2.39
C ASP E 101 -30.95 -40.44 2.64
N ARG E 102 -31.19 -39.28 2.05
CA ARG E 102 -32.30 -38.41 2.41
C ARG E 102 -33.04 -37.85 1.21
N ALA E 103 -32.54 -38.10 0.00
CA ALA E 103 -33.09 -37.63 -1.27
C ALA E 103 -33.14 -36.11 -1.43
N GLU E 104 -32.30 -35.39 -0.68
CA GLU E 104 -32.33 -33.93 -0.70
C GLU E 104 -30.96 -33.31 -0.35
N THR E 105 -30.55 -32.31 -1.12
CA THR E 105 -29.45 -31.46 -0.73
C THR E 105 -30.13 -30.17 -0.23
N THR E 106 -29.76 -29.72 0.97
CA THR E 106 -30.38 -28.54 1.60
C THR E 106 -29.36 -27.44 1.94
N ILE E 107 -29.71 -26.19 1.60
CA ILE E 107 -29.03 -24.96 1.96
C ILE E 107 -30.06 -24.00 2.59
N GLY E 108 -29.79 -23.48 3.78
CA GLY E 108 -30.64 -22.47 4.42
C GLY E 108 -30.50 -21.06 3.88
N ASP E 109 -30.26 -20.11 4.76
CA ASP E 109 -30.37 -18.69 4.44
C ASP E 109 -29.07 -17.90 4.69
N HIS E 110 -28.88 -16.84 3.92
CA HIS E 110 -27.80 -15.88 4.12
C HIS E 110 -26.41 -16.51 4.03
N ASN E 111 -26.28 -17.60 3.27
CA ASN E 111 -24.99 -18.22 3.04
C ASN E 111 -24.29 -17.55 1.87
N LEU E 112 -22.98 -17.54 1.92
CA LEU E 112 -22.15 -17.05 0.86
C LEU E 112 -21.29 -18.19 0.37
N ILE E 113 -21.47 -18.52 -0.90
CA ILE E 113 -20.80 -19.66 -1.55
C ILE E 113 -19.98 -19.14 -2.71
N MET E 114 -18.66 -19.09 -2.51
CA MET E 114 -17.76 -18.42 -3.42
C MET E 114 -17.36 -19.31 -4.60
N ALA E 115 -16.63 -18.72 -5.54
CA ALA E 115 -16.40 -19.27 -6.87
C ALA E 115 -15.83 -20.69 -6.85
N TYR E 116 -16.44 -21.53 -7.67
CA TYR E 116 -16.00 -22.90 -7.89
C TYR E 116 -16.11 -23.82 -6.69
N ALA E 117 -16.85 -23.38 -5.64
CA ALA E 117 -17.16 -24.26 -4.53
C ALA E 117 -18.08 -25.37 -5.03
N HIS E 118 -18.01 -26.51 -4.35
CA HIS E 118 -18.75 -27.69 -4.73
C HIS E 118 -19.55 -28.16 -3.56
N ILE E 119 -20.86 -28.24 -3.72
CA ILE E 119 -21.78 -28.75 -2.69
C ILE E 119 -22.32 -30.11 -3.18
N GLY E 120 -21.79 -31.17 -2.61
CA GLY E 120 -22.04 -32.49 -3.09
C GLY E 120 -23.36 -33.03 -2.57
N HIS E 121 -23.84 -34.07 -3.25
CA HIS E 121 -25.13 -34.71 -2.93
C HIS E 121 -25.38 -34.93 -1.46
N ASP E 122 -26.60 -34.61 -1.02
CA ASP E 122 -27.06 -34.82 0.35
C ASP E 122 -26.39 -34.00 1.45
N SER E 123 -25.62 -32.98 1.07
CA SER E 123 -24.99 -32.11 2.05
C SER E 123 -26.09 -31.18 2.61
N VAL E 124 -25.94 -30.78 3.87
CA VAL E 124 -26.87 -29.86 4.54
C VAL E 124 -26.10 -28.67 5.10
N ILE E 125 -26.38 -27.48 4.59
CA ILE E 125 -25.74 -26.24 5.03
C ILE E 125 -26.83 -25.42 5.69
N GLY E 126 -26.55 -24.90 6.89
CA GLY E 126 -27.51 -24.14 7.68
C GLY E 126 -27.55 -22.71 7.19
N ASN E 127 -27.31 -21.74 8.09
CA ASN E 127 -27.45 -20.34 7.78
C ASN E 127 -26.20 -19.55 8.10
N HIS E 128 -25.97 -18.50 7.31
CA HIS E 128 -24.87 -17.55 7.52
C HIS E 128 -23.46 -18.14 7.34
N CYS E 129 -23.36 -19.25 6.60
CA CYS E 129 -22.11 -19.91 6.36
C CYS E 129 -21.33 -19.23 5.25
N ILE E 130 -20.01 -19.32 5.31
CA ILE E 130 -19.15 -18.86 4.21
C ILE E 130 -18.26 -20.00 3.70
N LEU E 131 -18.48 -20.37 2.45
CA LEU E 131 -17.64 -21.32 1.79
C LEU E 131 -16.80 -20.54 0.80
N VAL E 132 -15.50 -20.43 1.08
CA VAL E 132 -14.61 -19.64 0.24
C VAL E 132 -14.25 -20.46 -1.02
N ASN E 133 -13.73 -19.76 -2.04
CA ASN E 133 -13.32 -20.36 -3.33
C ASN E 133 -12.86 -21.81 -3.31
N ASN E 134 -13.45 -22.63 -4.19
CA ASN E 134 -13.01 -24.01 -4.40
C ASN E 134 -13.12 -24.94 -3.13
N THR E 135 -13.92 -24.53 -2.15
CA THR E 135 -14.27 -25.42 -1.04
C THR E 135 -15.12 -26.55 -1.65
N ALA E 136 -14.86 -27.78 -1.23
CA ALA E 136 -15.53 -28.96 -1.78
C ALA E 136 -16.07 -29.81 -0.67
N LEU E 137 -17.39 -29.94 -0.65
CA LEU E 137 -18.05 -30.85 0.26
C LEU E 137 -18.36 -32.12 -0.52
N ALA E 138 -17.63 -33.18 -0.22
CA ALA E 138 -17.71 -34.41 -1.01
C ALA E 138 -19.12 -34.98 -1.11
N GLY E 139 -19.86 -35.00 -0.01
CA GLY E 139 -21.23 -35.49 0.01
C GLY E 139 -21.65 -35.90 1.39
N HIS E 140 -22.92 -35.72 1.72
CA HIS E 140 -23.49 -35.99 3.06
C HIS E 140 -22.80 -35.18 4.15
N VAL E 141 -22.34 -33.98 3.81
CA VAL E 141 -21.66 -33.09 4.74
C VAL E 141 -22.66 -32.15 5.35
N HIS E 142 -22.64 -32.04 6.67
CA HIS E 142 -23.50 -31.12 7.41
C HIS E 142 -22.63 -29.96 7.91
N VAL E 143 -22.94 -28.75 7.42
CA VAL E 143 -22.32 -27.50 7.84
C VAL E 143 -23.32 -26.63 8.63
N ASP E 144 -23.08 -26.52 9.93
CA ASP E 144 -23.92 -25.74 10.82
C ASP E 144 -23.57 -24.23 10.73
N ASP E 145 -24.37 -23.43 11.43
CA ASP E 145 -24.52 -21.99 11.16
C ASP E 145 -23.26 -21.25 11.45
N TRP E 146 -22.97 -20.27 10.61
CA TRP E 146 -21.83 -19.36 10.79
C TRP E 146 -20.45 -19.98 10.56
N ALA E 147 -20.38 -21.25 10.19
CA ALA E 147 -19.09 -21.86 9.85
C ALA E 147 -18.43 -21.10 8.68
N ILE E 148 -17.10 -21.03 8.71
CA ILE E 148 -16.30 -20.44 7.61
C ILE E 148 -15.23 -21.45 7.17
N LEU E 149 -15.30 -21.85 5.91
CA LEU E 149 -14.36 -22.79 5.32
C LEU E 149 -13.55 -21.99 4.32
N SER E 150 -12.24 -21.87 4.57
CA SER E 150 -11.42 -20.97 3.74
C SER E 150 -11.12 -21.69 2.44
N GLY E 151 -10.50 -20.96 1.52
CA GLY E 151 -10.31 -21.46 0.17
C GLY E 151 -9.67 -22.83 0.10
N TYR E 152 -10.17 -23.64 -0.83
CA TYR E 152 -9.66 -24.98 -1.11
C TYR E 152 -9.73 -25.93 0.08
N THR E 153 -10.74 -25.73 0.94
CA THR E 153 -11.01 -26.63 2.06
C THR E 153 -11.76 -27.84 1.48
N LEU E 154 -11.24 -29.06 1.70
CA LEU E 154 -11.81 -30.31 1.21
C LEU E 154 -12.44 -31.03 2.38
N VAL E 155 -13.71 -31.37 2.26
CA VAL E 155 -14.43 -32.05 3.34
C VAL E 155 -14.87 -33.42 2.84
N HIS E 156 -14.27 -34.44 3.45
CA HIS E 156 -14.70 -35.83 3.29
C HIS E 156 -16.19 -36.08 3.57
N GLN E 157 -16.67 -37.13 2.92
CA GLN E 157 -18.05 -37.60 2.99
C GLN E 157 -18.42 -37.85 4.44
N TYR E 158 -19.64 -37.46 4.82
CA TYR E 158 -20.25 -37.69 6.14
C TYR E 158 -19.76 -36.78 7.31
N CYS E 159 -18.75 -35.94 7.07
CA CYS E 159 -18.24 -35.07 8.12
C CYS E 159 -19.21 -33.96 8.50
N ARG E 160 -19.20 -33.65 9.78
CA ARG E 160 -19.96 -32.54 10.31
C ARG E 160 -19.01 -31.35 10.58
N ILE E 161 -19.40 -30.17 10.14
CA ILE E 161 -18.65 -28.96 10.42
C ILE E 161 -19.50 -28.17 11.41
N GLY E 162 -18.96 -27.96 12.60
CA GLY E 162 -19.68 -27.31 13.67
C GLY E 162 -19.99 -25.83 13.45
N ALA E 163 -20.97 -25.35 14.18
CA ALA E 163 -21.40 -23.96 14.11
C ALA E 163 -20.25 -23.04 14.53
N HIS E 164 -20.05 -21.94 13.81
CA HIS E 164 -18.97 -20.97 14.05
C HIS E 164 -17.58 -21.55 13.98
N SER E 165 -17.39 -22.71 13.34
CA SER E 165 -16.05 -23.26 13.18
C SER E 165 -15.34 -22.53 12.02
N PHE E 166 -14.03 -22.75 11.89
CA PHE E 166 -13.20 -22.05 10.89
C PHE E 166 -12.17 -23.04 10.39
N SER E 167 -12.03 -23.12 9.07
CA SER E 167 -10.93 -23.88 8.50
C SER E 167 -9.97 -22.98 7.77
N GLY E 168 -8.67 -23.21 7.97
CA GLY E 168 -7.62 -22.48 7.25
C GLY E 168 -7.57 -22.90 5.79
N MET E 169 -6.87 -22.12 5.00
CA MET E 169 -6.86 -22.32 3.55
C MET E 169 -6.19 -23.68 3.25
N GLY E 170 -6.74 -24.45 2.32
CA GLY E 170 -6.17 -25.75 1.95
C GLY E 170 -6.28 -26.87 2.96
N SER E 171 -7.15 -26.73 3.96
CA SER E 171 -7.38 -27.80 4.94
C SER E 171 -8.06 -29.02 4.31
N ALA E 172 -7.71 -30.21 4.78
CA ALA E 172 -8.31 -31.46 4.33
C ALA E 172 -8.93 -32.09 5.54
N ILE E 173 -10.25 -32.01 5.63
CA ILE E 173 -10.95 -32.38 6.82
C ILE E 173 -11.50 -33.78 6.60
N GLY E 174 -11.10 -34.72 7.45
CA GLY E 174 -11.57 -36.10 7.41
C GLY E 174 -12.41 -36.54 8.60
N LYS E 175 -12.47 -35.75 9.67
CA LYS E 175 -13.25 -36.06 10.86
C LYS E 175 -14.04 -34.82 11.20
N ASP E 176 -15.03 -34.97 12.08
CA ASP E 176 -15.91 -33.85 12.41
C ASP E 176 -15.13 -32.67 13.02
N VAL E 177 -15.52 -31.45 12.66
CA VAL E 177 -14.99 -30.28 13.34
C VAL E 177 -16.01 -29.80 14.39
N PRO E 178 -15.63 -29.82 15.68
CA PRO E 178 -16.58 -29.35 16.69
C PRO E 178 -16.91 -27.86 16.53
N ALA E 179 -18.05 -27.41 17.07
CA ALA E 179 -18.39 -26.01 16.96
C ALA E 179 -17.26 -25.14 17.52
N TYR E 180 -17.05 -24.00 16.88
CA TYR E 180 -16.09 -22.97 17.30
C TYR E 180 -14.62 -23.27 16.99
N VAL E 181 -14.29 -24.51 16.64
CA VAL E 181 -12.91 -24.93 16.56
C VAL E 181 -12.29 -24.44 15.23
N THR E 182 -11.04 -23.99 15.32
CA THR E 182 -10.29 -23.57 14.17
C THR E 182 -9.36 -24.72 13.78
N VAL E 183 -9.41 -25.12 12.52
CA VAL E 183 -8.56 -26.17 12.00
C VAL E 183 -7.77 -25.72 10.80
N PHE E 184 -6.64 -26.41 10.60
CA PHE E 184 -5.66 -26.05 9.58
C PHE E 184 -4.89 -27.29 9.10
N GLY E 185 -4.56 -27.31 7.81
CA GLY E 185 -3.61 -28.27 7.23
C GLY E 185 -4.23 -29.51 6.57
N ASN E 186 -3.35 -30.28 5.96
CA ASN E 186 -3.66 -31.55 5.35
C ASN E 186 -2.71 -32.59 5.95
N PRO E 187 -3.18 -33.45 6.86
CA PRO E 187 -4.57 -33.50 7.35
C PRO E 187 -4.91 -32.35 8.33
N ALA E 188 -6.19 -31.94 8.38
CA ALA E 188 -6.58 -30.85 9.27
C ALA E 188 -6.24 -31.16 10.72
N GLU E 189 -5.79 -30.15 11.45
CA GLU E 189 -5.53 -30.24 12.87
C GLU E 189 -6.20 -29.08 13.59
N ALA E 190 -6.73 -29.36 14.77
CA ALA E 190 -7.29 -28.33 15.62
C ALA E 190 -6.18 -27.48 16.18
N ARG E 191 -6.43 -26.18 16.22
CA ARG E 191 -5.48 -25.20 16.81
C ARG E 191 -6.11 -24.39 17.94
N SER E 192 -7.27 -23.78 17.73
CA SER E 192 -7.86 -22.98 18.79
C SER E 192 -9.37 -22.86 18.58
N MET E 193 -9.95 -21.79 19.11
CA MET E 193 -11.35 -21.48 18.91
C MET E 193 -11.45 -20.21 18.05
N ASN E 194 -12.56 -20.07 17.36
CA ASN E 194 -12.87 -18.91 16.56
C ASN E 194 -13.46 -17.76 17.42
N PHE E 195 -12.61 -17.16 18.24
CA PHE E 195 -13.00 -16.06 19.10
C PHE E 195 -13.55 -14.85 18.31
N GLU E 196 -13.00 -14.54 17.13
CA GLU E 196 -13.55 -13.42 16.33
C GLU E 196 -15.00 -13.64 15.96
N GLY E 197 -15.31 -14.88 15.58
CA GLY E 197 -16.70 -15.29 15.29
C GLY E 197 -17.65 -15.12 16.48
N MET E 198 -17.14 -15.39 17.68
CA MET E 198 -17.94 -15.19 18.90
C MET E 198 -18.21 -13.70 19.10
N ARG E 199 -17.17 -12.89 18.90
CA ARG E 199 -17.28 -11.45 19.05
C ARG E 199 -18.28 -10.86 18.07
N ARG E 200 -18.29 -11.33 16.83
CA ARG E 200 -19.28 -10.87 15.83
C ARG E 200 -20.74 -11.18 16.18
N ARG E 201 -20.95 -12.26 16.94
CA ARG E 201 -22.29 -12.63 17.37
C ARG E 201 -22.72 -11.94 18.69
N GLY E 202 -21.84 -11.12 19.27
CA GLY E 202 -22.15 -10.43 20.52
C GLY E 202 -22.17 -11.35 21.75
N PHE E 203 -21.35 -12.40 21.72
CA PHE E 203 -21.20 -13.34 22.84
C PHE E 203 -20.66 -12.57 24.05
N SER E 204 -21.30 -12.76 25.20
CA SER E 204 -20.80 -12.18 26.44
C SER E 204 -19.34 -12.61 26.66
N SER E 205 -18.61 -11.77 27.38
CA SER E 205 -17.22 -12.05 27.79
C SER E 205 -17.11 -13.36 28.57
N GLU E 206 -18.12 -13.68 29.37
CA GLU E 206 -18.10 -14.87 30.22
C GLU E 206 -18.28 -16.14 29.37
N ALA E 207 -19.12 -16.08 28.33
CA ALA E 207 -19.28 -17.18 27.39
C ALA E 207 -17.99 -17.48 26.64
N ILE E 208 -17.29 -16.44 26.23
CA ILE E 208 -16.00 -16.57 25.53
C ILE E 208 -14.97 -17.28 26.43
N HIS E 209 -14.82 -16.82 27.67
CA HIS E 209 -13.91 -17.46 28.66
C HIS E 209 -14.30 -18.91 28.97
N ALA E 210 -15.59 -19.18 29.14
CA ALA E 210 -16.05 -20.57 29.29
C ALA E 210 -15.73 -21.43 28.05
N LEU E 211 -15.92 -20.89 26.85
CA LEU E 211 -15.56 -21.61 25.62
C LEU E 211 -14.07 -21.85 25.56
N ARG E 212 -13.26 -20.84 25.89
CA ARG E 212 -11.82 -21.04 26.03
C ARG E 212 -11.48 -22.15 27.03
N ARG E 213 -12.18 -22.22 28.16
CA ARG E 213 -11.92 -23.27 29.14
C ARG E 213 -12.30 -24.64 28.53
N ALA E 214 -13.43 -24.66 27.84
CA ALA E 214 -13.95 -25.87 27.23
C ALA E 214 -12.98 -26.46 26.18
N TYR E 215 -12.29 -25.61 25.42
CA TYR E 215 -11.26 -26.08 24.47
C TYR E 215 -10.17 -26.78 25.24
N LYS E 216 -9.75 -26.19 26.36
CA LYS E 216 -8.69 -26.78 27.20
C LYS E 216 -9.07 -28.17 27.69
N VAL E 217 -10.28 -28.27 28.20
CA VAL E 217 -10.80 -29.51 28.73
C VAL E 217 -10.78 -30.61 27.71
N VAL E 218 -11.24 -30.29 26.49
CA VAL E 218 -11.27 -31.27 25.40
C VAL E 218 -9.89 -31.60 24.87
N TYR E 219 -9.06 -30.59 24.62
CA TYR E 219 -7.85 -30.76 23.79
C TYR E 219 -6.48 -30.72 24.52
N ARG E 220 -6.42 -30.10 25.69
CA ARG E 220 -5.14 -29.74 26.33
C ARG E 220 -4.91 -30.38 27.71
N GLN E 221 -5.79 -31.28 28.16
CA GLN E 221 -5.74 -31.84 29.52
C GLN E 221 -5.65 -33.38 29.60
N GLY E 222 -5.38 -34.05 28.48
CA GLY E 222 -5.19 -35.50 28.49
C GLY E 222 -6.44 -36.36 28.63
N HIS E 223 -7.61 -35.73 28.64
CA HIS E 223 -8.88 -36.42 28.86
C HIS E 223 -9.29 -37.21 27.62
N THR E 224 -10.04 -38.28 27.86
CA THR E 224 -10.72 -38.96 26.76
C THR E 224 -11.93 -38.12 26.41
N VAL E 225 -12.52 -38.41 25.26
CA VAL E 225 -13.72 -37.69 24.85
C VAL E 225 -14.82 -37.78 25.93
N GLU E 226 -14.96 -38.98 26.52
CA GLU E 226 -16.03 -39.26 27.49
C GLU E 226 -15.76 -38.50 28.79
N GLU E 227 -14.52 -38.57 29.27
CA GLU E 227 -14.10 -37.74 30.42
C GLU E 227 -14.33 -36.25 30.17
N ALA E 228 -14.04 -35.79 28.95
CA ALA E 228 -14.20 -34.38 28.61
C ALA E 228 -15.67 -33.96 28.66
N LEU E 229 -16.55 -34.76 28.02
CA LEU E 229 -18.00 -34.53 28.09
C LEU E 229 -18.48 -34.46 29.53
N ALA E 230 -18.01 -35.39 30.35
CA ALA E 230 -18.34 -35.38 31.78
C ALA E 230 -17.94 -34.06 32.41
N GLU E 231 -16.69 -33.66 32.21
CA GLU E 231 -16.17 -32.40 32.73
C GLU E 231 -16.93 -31.14 32.24
N LEU E 232 -17.42 -31.16 30.99
CA LEU E 232 -18.16 -30.02 30.40
C LEU E 232 -19.62 -29.88 30.81
N ALA E 233 -20.20 -30.91 31.44
CA ALA E 233 -21.66 -30.98 31.69
C ALA E 233 -22.17 -29.76 32.43
N GLU E 234 -21.48 -29.39 33.50
CA GLU E 234 -21.87 -28.25 34.31
C GLU E 234 -21.82 -26.95 33.50
N SER E 235 -20.71 -26.74 32.80
CA SER E 235 -20.53 -25.54 32.00
C SER E 235 -21.61 -25.41 30.93
N ALA E 236 -21.91 -26.51 30.23
CA ALA E 236 -22.96 -26.58 29.21
C ALA E 236 -24.37 -26.25 29.75
N ALA E 237 -24.69 -26.70 30.96
CA ALA E 237 -25.96 -26.34 31.64
C ALA E 237 -26.02 -24.83 31.94
N GLN E 238 -24.90 -24.25 32.27
CA GLN E 238 -24.83 -22.81 32.56
C GLN E 238 -24.86 -21.90 31.31
N PHE E 239 -24.15 -22.30 30.25
CA PHE E 239 -23.95 -21.49 29.04
C PHE E 239 -24.47 -22.26 27.84
N PRO E 240 -25.61 -21.86 27.26
CA PRO E 240 -26.08 -22.49 26.00
C PRO E 240 -25.02 -22.49 24.86
N GLU E 241 -24.10 -21.53 24.89
CA GLU E 241 -22.99 -21.42 23.96
C GLU E 241 -22.02 -22.61 24.13
N VAL E 242 -21.72 -22.97 25.38
CA VAL E 242 -20.90 -24.14 25.67
C VAL E 242 -21.66 -25.44 25.33
N ALA E 243 -23.00 -25.45 25.43
CA ALA E 243 -23.79 -26.63 25.01
C ALA E 243 -23.64 -26.94 23.52
N VAL E 244 -23.56 -25.91 22.69
CA VAL E 244 -23.32 -26.07 21.23
C VAL E 244 -22.00 -26.84 20.98
N PHE E 245 -20.95 -26.44 21.68
CA PHE E 245 -19.67 -27.15 21.64
C PHE E 245 -19.82 -28.60 22.13
N ARG E 246 -20.41 -28.76 23.30
CA ARG E 246 -20.51 -30.09 23.93
C ARG E 246 -21.36 -31.01 23.05
N ASP E 247 -22.48 -30.48 22.55
CA ASP E 247 -23.35 -31.25 21.65
C ASP E 247 -22.62 -31.66 20.39
N SER E 248 -21.80 -30.76 19.84
CA SER E 248 -21.13 -31.08 18.56
C SER E 248 -20.14 -32.24 18.79
N ILE E 249 -19.54 -32.28 19.96
CA ILE E 249 -18.61 -33.35 20.31
C ILE E 249 -19.34 -34.69 20.56
N GLN E 250 -20.50 -34.61 21.22
CA GLN E 250 -21.34 -35.79 21.48
C GLN E 250 -21.85 -36.40 20.16
N SER E 251 -22.20 -35.56 19.17
CA SER E 251 -22.74 -36.05 17.89
C SER E 251 -21.68 -36.55 16.92
N ALA E 252 -20.42 -36.68 17.36
CA ALA E 252 -19.31 -37.06 16.48
C ALA E 252 -19.01 -38.54 16.61
N THR E 253 -19.83 -39.34 15.94
CA THR E 253 -19.69 -40.81 15.91
C THR E 253 -18.28 -41.30 15.50
N ARG E 254 -17.78 -40.73 14.43
CA ARG E 254 -16.47 -41.09 13.93
C ARG E 254 -15.27 -40.27 14.38
N GLY E 255 -15.36 -39.66 15.53
CA GLY E 255 -14.27 -38.89 16.13
C GLY E 255 -14.20 -37.45 15.69
N ILE E 256 -13.46 -36.67 16.47
CA ILE E 256 -13.31 -35.25 16.23
C ILE E 256 -11.94 -34.99 15.69
N THR E 257 -11.83 -33.90 14.94
CA THR E 257 -10.57 -33.39 14.45
C THR E 257 -9.73 -32.96 15.64
N ARG E 258 -8.51 -33.48 15.70
CA ARG E 258 -7.56 -33.19 16.76
C ARG E 258 -6.31 -32.53 16.20
N LEU F 3 -32.57 -32.15 -32.63
CA LEU F 3 -31.40 -32.77 -31.93
C LEU F 3 -30.23 -31.81 -31.72
N ILE F 4 -29.92 -31.05 -32.76
CA ILE F 4 -28.88 -30.02 -32.74
C ILE F 4 -29.64 -28.72 -32.52
N ASP F 5 -29.43 -28.10 -31.36
CA ASP F 5 -30.12 -26.87 -31.04
C ASP F 5 -29.75 -25.78 -32.06
N PRO F 6 -30.72 -24.96 -32.52
CA PRO F 6 -30.39 -23.89 -33.49
C PRO F 6 -29.40 -22.82 -33.01
N ARG F 7 -29.25 -22.67 -31.69
CA ARG F 7 -28.32 -21.68 -31.16
C ARG F 7 -26.88 -22.22 -31.03
N ALA F 8 -26.68 -23.50 -31.30
CA ALA F 8 -25.34 -24.08 -31.34
C ALA F 8 -24.62 -23.69 -32.63
N ILE F 9 -23.32 -23.42 -32.55
CA ILE F 9 -22.47 -23.18 -33.70
C ILE F 9 -21.77 -24.50 -34.10
N ILE F 10 -22.11 -25.02 -35.28
CA ILE F 10 -21.56 -26.26 -35.80
C ILE F 10 -20.72 -25.86 -36.97
N ASP F 11 -19.42 -26.03 -36.87
CA ASP F 11 -18.54 -25.69 -37.98
C ASP F 11 -18.84 -26.60 -39.18
N PRO F 12 -18.91 -26.02 -40.38
CA PRO F 12 -19.12 -26.84 -41.58
C PRO F 12 -18.22 -28.08 -41.68
N SER F 13 -16.95 -27.99 -41.25
CA SER F 13 -16.01 -29.13 -41.35
C SER F 13 -16.13 -30.22 -40.24
N ALA F 14 -16.99 -30.00 -39.27
CA ALA F 14 -17.28 -31.00 -38.23
C ALA F 14 -18.12 -32.17 -38.79
N ARG F 15 -17.83 -33.38 -38.32
CA ARG F 15 -18.52 -34.59 -38.76
C ARG F 15 -19.30 -35.13 -37.58
N LEU F 16 -20.61 -34.93 -37.60
CA LEU F 16 -21.47 -35.47 -36.57
C LEU F 16 -22.21 -36.70 -37.11
N ALA F 17 -22.16 -37.80 -36.37
CA ALA F 17 -23.03 -38.94 -36.62
C ALA F 17 -24.47 -38.47 -36.46
N ALA F 18 -25.38 -39.13 -37.16
CA ALA F 18 -26.71 -38.59 -37.45
C ALA F 18 -27.59 -38.27 -36.23
N ASP F 19 -27.37 -38.97 -35.12
CA ASP F 19 -28.19 -38.76 -33.89
C ASP F 19 -27.49 -38.03 -32.70
N VAL F 20 -26.40 -37.34 -32.99
CA VAL F 20 -25.70 -36.57 -31.97
C VAL F 20 -26.62 -35.45 -31.51
N GLN F 21 -26.70 -35.21 -30.20
CA GLN F 21 -27.38 -34.05 -29.62
C GLN F 21 -26.37 -32.97 -29.24
N VAL F 22 -26.67 -31.72 -29.57
CA VAL F 22 -25.87 -30.59 -29.19
C VAL F 22 -26.82 -29.55 -28.56
N GLY F 23 -26.51 -29.14 -27.33
CA GLY F 23 -27.29 -28.17 -26.60
C GLY F 23 -27.10 -26.73 -27.10
N PRO F 24 -27.96 -25.82 -26.62
CA PRO F 24 -27.86 -24.42 -27.00
C PRO F 24 -26.54 -23.78 -26.57
N TRP F 25 -26.08 -22.86 -27.43
CA TRP F 25 -24.89 -22.07 -27.22
C TRP F 25 -23.61 -22.85 -26.98
N SER F 26 -23.53 -24.04 -27.57
CA SER F 26 -22.29 -24.81 -27.62
C SER F 26 -21.62 -24.61 -28.97
N ILE F 27 -20.34 -24.90 -29.02
CA ILE F 27 -19.52 -24.69 -30.20
C ILE F 27 -18.85 -26.00 -30.55
N VAL F 28 -19.22 -26.53 -31.70
CA VAL F 28 -18.50 -27.62 -32.29
C VAL F 28 -17.68 -26.98 -33.40
N GLY F 29 -16.40 -26.77 -33.12
CA GLY F 29 -15.49 -26.18 -34.07
C GLY F 29 -14.97 -27.09 -35.15
N ALA F 30 -14.09 -26.51 -35.95
CA ALA F 30 -13.46 -27.19 -37.10
C ALA F 30 -12.78 -28.51 -36.75
N GLU F 31 -12.93 -29.47 -37.65
CA GLU F 31 -12.29 -30.80 -37.57
C GLU F 31 -12.58 -31.60 -36.29
N VAL F 32 -13.79 -31.40 -35.75
CA VAL F 32 -14.28 -32.17 -34.61
C VAL F 32 -15.25 -33.23 -35.14
N GLU F 33 -14.90 -34.49 -34.97
CA GLU F 33 -15.79 -35.60 -35.28
C GLU F 33 -16.45 -36.05 -33.98
N ILE F 34 -17.75 -36.29 -34.04
CA ILE F 34 -18.51 -36.79 -32.90
C ILE F 34 -19.33 -38.01 -33.31
N GLY F 35 -19.15 -39.10 -32.57
CA GLY F 35 -19.82 -40.37 -32.85
C GLY F 35 -21.22 -40.55 -32.32
N GLU F 36 -21.81 -41.63 -32.81
CA GLU F 36 -23.20 -42.05 -32.59
C GLU F 36 -23.57 -42.03 -31.13
N GLY F 37 -24.70 -41.41 -30.81
CA GLY F 37 -25.24 -41.45 -29.46
C GLY F 37 -24.67 -40.39 -28.48
N THR F 38 -23.62 -39.68 -28.86
CA THR F 38 -22.99 -38.75 -27.95
C THR F 38 -23.90 -37.54 -27.75
N VAL F 39 -23.98 -37.09 -26.50
CA VAL F 39 -24.75 -35.91 -26.10
C VAL F 39 -23.78 -34.81 -25.64
N ILE F 40 -23.83 -33.66 -26.29
CA ILE F 40 -23.14 -32.46 -25.90
C ILE F 40 -24.18 -31.54 -25.23
N GLY F 41 -23.87 -31.09 -24.01
CA GLY F 41 -24.71 -30.19 -23.27
C GLY F 41 -24.66 -28.78 -23.82
N PRO F 42 -25.37 -27.87 -23.15
CA PRO F 42 -25.28 -26.45 -23.45
C PRO F 42 -23.93 -25.82 -23.00
N HIS F 43 -23.54 -24.71 -23.61
CA HIS F 43 -22.35 -23.95 -23.16
C HIS F 43 -21.04 -24.78 -23.16
N VAL F 44 -20.91 -25.67 -24.13
CA VAL F 44 -19.72 -26.49 -24.29
C VAL F 44 -18.90 -25.94 -25.44
N VAL F 45 -17.57 -25.91 -25.29
CA VAL F 45 -16.64 -25.55 -26.38
C VAL F 45 -15.83 -26.77 -26.81
N LEU F 46 -16.04 -27.24 -28.06
CA LEU F 46 -15.23 -28.31 -28.64
C LEU F 46 -14.34 -27.74 -29.71
N LYS F 47 -13.04 -28.01 -29.63
CA LYS F 47 -12.14 -27.62 -30.69
C LYS F 47 -11.35 -28.82 -31.19
N GLY F 48 -10.72 -28.66 -32.35
CA GLY F 48 -10.13 -29.77 -33.07
C GLY F 48 -8.71 -29.48 -33.49
N PRO F 49 -8.03 -30.47 -34.10
CA PRO F 49 -8.62 -31.75 -34.56
C PRO F 49 -8.87 -32.79 -33.43
N THR F 50 -10.10 -33.29 -33.35
CA THR F 50 -10.56 -34.08 -32.24
C THR F 50 -11.55 -35.11 -32.73
N LYS F 51 -11.40 -36.33 -32.23
CA LYS F 51 -12.36 -37.39 -32.46
C LYS F 51 -12.94 -37.79 -31.11
N ILE F 52 -14.27 -37.70 -31.01
CA ILE F 52 -15.05 -38.14 -29.88
C ILE F 52 -15.86 -39.33 -30.37
N GLY F 53 -15.72 -40.47 -29.71
CA GLY F 53 -16.43 -41.70 -30.08
C GLY F 53 -17.89 -41.69 -29.68
N LYS F 54 -18.38 -42.86 -29.27
CA LYS F 54 -19.82 -43.16 -29.17
C LYS F 54 -20.38 -43.08 -27.77
N HIS F 55 -21.60 -42.59 -27.65
CA HIS F 55 -22.35 -42.61 -26.39
C HIS F 55 -21.67 -41.85 -25.20
N ASN F 56 -21.00 -40.74 -25.51
CA ASN F 56 -20.44 -39.86 -24.48
C ASN F 56 -21.45 -38.81 -24.03
N ARG F 57 -21.14 -38.22 -22.88
CA ARG F 57 -21.93 -37.14 -22.30
C ARG F 57 -20.91 -36.05 -21.87
N ILE F 58 -21.02 -34.85 -22.44
CA ILE F 58 -20.15 -33.73 -22.13
C ILE F 58 -21.00 -32.57 -21.58
N TYR F 59 -20.82 -32.25 -20.29
CA TYR F 59 -21.55 -31.19 -19.60
C TYR F 59 -21.04 -29.78 -19.88
N GLN F 60 -21.89 -28.84 -19.51
CA GLN F 60 -21.71 -27.41 -19.66
C GLN F 60 -20.40 -26.85 -19.17
N PHE F 61 -19.88 -25.85 -19.87
CA PHE F 61 -18.73 -25.06 -19.45
C PHE F 61 -17.41 -25.80 -19.59
N SER F 62 -17.43 -26.99 -20.20
CA SER F 62 -16.21 -27.73 -20.55
C SER F 62 -15.57 -27.17 -21.79
N SER F 63 -14.25 -27.24 -21.81
CA SER F 63 -13.43 -26.90 -22.98
C SER F 63 -12.65 -28.14 -23.34
N VAL F 64 -13.08 -28.78 -24.41
CA VAL F 64 -12.58 -30.09 -24.80
C VAL F 64 -11.98 -29.96 -26.19
N GLY F 65 -10.66 -30.12 -26.23
CA GLY F 65 -9.87 -30.05 -27.46
C GLY F 65 -9.20 -28.71 -27.63
N GLU F 66 -9.07 -27.94 -26.54
CA GLU F 66 -8.37 -26.66 -26.58
C GLU F 66 -6.88 -26.83 -26.74
N ASP F 67 -6.25 -25.80 -27.26
CA ASP F 67 -4.79 -25.73 -27.36
C ASP F 67 -4.22 -25.73 -25.93
N THR F 68 -3.20 -26.53 -25.68
CA THR F 68 -2.40 -26.35 -24.46
C THR F 68 -1.76 -24.97 -24.39
N PRO F 69 -1.61 -24.42 -23.17
CA PRO F 69 -0.86 -23.20 -22.98
C PRO F 69 0.64 -23.44 -22.81
N ASP F 70 1.10 -24.69 -22.86
CA ASP F 70 2.54 -25.02 -22.95
C ASP F 70 3.19 -24.03 -23.92
N LEU F 71 4.20 -23.29 -23.44
CA LEU F 71 4.91 -22.29 -24.29
C LEU F 71 5.70 -22.91 -25.46
N LYS F 72 5.89 -24.22 -25.45
CA LYS F 72 6.45 -24.95 -26.59
C LYS F 72 5.46 -25.15 -27.75
N TYR F 73 4.15 -25.16 -27.48
CA TYR F 73 3.13 -25.31 -28.54
C TYR F 73 3.11 -24.05 -29.43
N LYS F 74 3.07 -24.23 -30.76
CA LYS F 74 3.07 -23.09 -31.71
C LYS F 74 1.97 -23.19 -32.79
N GLY F 75 0.87 -23.89 -32.50
CA GLY F 75 -0.32 -23.88 -33.37
C GLY F 75 -0.45 -25.10 -34.26
N GLU F 76 0.38 -26.12 -34.03
CA GLU F 76 0.40 -27.32 -34.88
C GLU F 76 -0.94 -28.09 -34.73
N PRO F 77 -1.34 -28.83 -35.79
CA PRO F 77 -2.63 -29.54 -35.75
C PRO F 77 -2.53 -30.87 -34.98
N THR F 78 -2.28 -30.74 -33.66
CA THR F 78 -2.18 -31.87 -32.75
C THR F 78 -3.58 -32.31 -32.42
N ARG F 79 -3.69 -33.47 -31.79
CA ARG F 79 -4.97 -34.18 -31.73
C ARG F 79 -5.41 -34.45 -30.32
N LEU F 80 -6.71 -34.67 -30.21
CA LEU F 80 -7.31 -35.29 -29.05
C LEU F 80 -8.19 -36.43 -29.54
N VAL F 81 -8.08 -37.60 -28.91
CA VAL F 81 -9.00 -38.72 -29.15
C VAL F 81 -9.69 -39.20 -27.87
N ILE F 82 -11.00 -39.35 -27.95
CA ILE F 82 -11.81 -39.77 -26.84
C ILE F 82 -12.63 -40.94 -27.38
N GLY F 83 -12.60 -42.05 -26.66
CA GLY F 83 -13.39 -43.24 -26.96
C GLY F 83 -14.88 -43.15 -26.64
N ASP F 84 -15.43 -44.23 -26.10
CA ASP F 84 -16.88 -44.40 -25.93
C ASP F 84 -17.31 -44.44 -24.48
N HIS F 85 -18.56 -44.10 -24.27
CA HIS F 85 -19.24 -44.23 -23.00
C HIS F 85 -18.59 -43.47 -21.85
N ASN F 86 -17.90 -42.36 -22.16
CA ASN F 86 -17.32 -41.48 -21.15
C ASN F 86 -18.31 -40.46 -20.67
N VAL F 87 -18.18 -40.08 -19.39
CA VAL F 87 -18.91 -38.92 -18.85
C VAL F 87 -17.89 -37.87 -18.46
N ILE F 88 -18.07 -36.68 -19.02
CA ILE F 88 -17.25 -35.50 -18.78
C ILE F 88 -18.16 -34.42 -18.19
N ARG F 89 -17.96 -34.13 -16.91
CA ARG F 89 -18.83 -33.25 -16.13
C ARG F 89 -18.48 -31.79 -16.35
N GLU F 90 -19.17 -30.93 -15.59
CA GLU F 90 -19.09 -29.47 -15.70
C GLU F 90 -17.67 -28.88 -15.63
N GLY F 91 -17.36 -27.97 -16.55
CA GLY F 91 -16.11 -27.21 -16.50
C GLY F 91 -14.81 -27.96 -16.69
N VAL F 92 -14.86 -29.14 -17.28
CA VAL F 92 -13.65 -29.94 -17.45
C VAL F 92 -12.86 -29.31 -18.59
N THR F 93 -11.53 -29.30 -18.45
CA THR F 93 -10.65 -28.87 -19.51
C THR F 93 -9.80 -30.03 -20.01
N ILE F 94 -9.77 -30.19 -21.33
CA ILE F 94 -8.98 -31.28 -21.97
C ILE F 94 -8.25 -30.67 -23.15
N HIS F 95 -6.92 -30.70 -23.09
CA HIS F 95 -6.11 -30.10 -24.11
C HIS F 95 -5.55 -31.17 -25.07
N ARG F 96 -5.33 -30.76 -26.30
CA ARG F 96 -4.75 -31.62 -27.34
C ARG F 96 -3.22 -31.75 -27.09
N GLY F 97 -2.58 -32.63 -27.83
CA GLY F 97 -1.17 -32.92 -27.62
C GLY F 97 -0.21 -31.86 -28.11
N THR F 98 1.07 -32.22 -28.11
CA THR F 98 2.14 -31.38 -28.58
C THR F 98 3.08 -32.21 -29.47
N VAL F 99 3.72 -31.57 -30.42
CA VAL F 99 4.61 -32.27 -31.36
C VAL F 99 5.95 -32.67 -30.71
N GLN F 100 6.29 -32.00 -29.61
CA GLN F 100 7.45 -32.38 -28.80
C GLN F 100 7.28 -33.71 -28.08
N ASP F 101 6.04 -34.22 -27.96
CA ASP F 101 5.76 -35.57 -27.41
C ASP F 101 4.93 -36.38 -28.41
N ARG F 102 3.66 -36.68 -28.12
CA ARG F 102 2.88 -37.65 -28.89
C ARG F 102 2.04 -37.01 -30.00
N ALA F 103 1.99 -35.67 -30.05
CA ALA F 103 1.06 -34.95 -30.92
C ALA F 103 -0.40 -35.29 -30.67
N GLU F 104 -0.68 -35.91 -29.53
CA GLU F 104 -2.04 -36.41 -29.21
C GLU F 104 -2.27 -36.57 -27.70
N THR F 105 -3.50 -36.31 -27.30
CA THR F 105 -4.00 -36.62 -25.97
C THR F 105 -5.05 -37.65 -26.21
N THR F 106 -5.02 -38.73 -25.41
CA THR F 106 -5.91 -39.87 -25.62
C THR F 106 -6.64 -40.24 -24.37
N ILE F 107 -7.94 -40.48 -24.54
CA ILE F 107 -8.83 -40.98 -23.51
C ILE F 107 -9.59 -42.19 -24.10
N GLY F 108 -9.66 -43.28 -23.33
CA GLY F 108 -10.33 -44.51 -23.74
C GLY F 108 -11.81 -44.53 -23.41
N ASP F 109 -12.26 -45.63 -22.82
CA ASP F 109 -13.70 -45.90 -22.70
C ASP F 109 -14.16 -45.97 -21.26
N HIS F 110 -15.44 -45.66 -21.06
CA HIS F 110 -16.10 -45.83 -19.78
C HIS F 110 -15.53 -45.01 -18.60
N ASN F 111 -14.87 -43.91 -18.89
CA ASN F 111 -14.26 -43.05 -17.86
C ASN F 111 -15.27 -42.00 -17.35
N LEU F 112 -15.14 -41.64 -16.08
CA LEU F 112 -15.94 -40.63 -15.47
C LEU F 112 -14.97 -39.56 -15.02
N ILE F 113 -15.08 -38.37 -15.62
CA ILE F 113 -14.21 -37.24 -15.37
C ILE F 113 -15.08 -36.13 -14.80
N MET F 114 -14.95 -35.92 -13.49
CA MET F 114 -15.84 -35.03 -12.73
C MET F 114 -15.46 -33.55 -12.86
N ALA F 115 -16.31 -32.71 -12.28
CA ALA F 115 -16.26 -31.27 -12.46
C ALA F 115 -14.88 -30.62 -12.26
N TYR F 116 -14.47 -29.83 -13.27
CA TYR F 116 -13.28 -28.98 -13.17
C TYR F 116 -11.97 -29.76 -13.16
N ALA F 117 -12.03 -31.05 -13.44
CA ALA F 117 -10.84 -31.83 -13.66
C ALA F 117 -10.12 -31.30 -14.90
N HIS F 118 -8.80 -31.48 -14.95
CA HIS F 118 -7.95 -31.05 -16.05
C HIS F 118 -7.10 -32.21 -16.56
N ILE F 119 -7.15 -32.41 -17.87
CA ILE F 119 -6.36 -33.40 -18.55
C ILE F 119 -5.47 -32.63 -19.47
N GLY F 120 -4.19 -32.50 -19.08
CA GLY F 120 -3.20 -31.73 -19.81
C GLY F 120 -2.66 -32.42 -21.07
N HIS F 121 -2.10 -31.61 -21.97
CA HIS F 121 -1.53 -32.08 -23.22
C HIS F 121 -0.70 -33.37 -23.14
N ASP F 122 -0.95 -34.27 -24.09
CA ASP F 122 -0.15 -35.48 -24.30
C ASP F 122 -0.41 -36.59 -23.30
N SER F 123 -1.43 -36.40 -22.46
CA SER F 123 -1.75 -37.36 -21.44
C SER F 123 -2.52 -38.49 -22.08
N VAL F 124 -2.63 -39.60 -21.35
CA VAL F 124 -3.27 -40.79 -21.85
C VAL F 124 -4.03 -41.39 -20.67
N ILE F 125 -5.31 -41.55 -20.84
CA ILE F 125 -6.18 -42.24 -19.92
C ILE F 125 -6.68 -43.50 -20.64
N GLY F 126 -6.61 -44.65 -19.96
CA GLY F 126 -7.20 -45.89 -20.43
C GLY F 126 -8.70 -45.93 -20.23
N ASN F 127 -9.19 -46.98 -19.53
CA ASN F 127 -10.61 -47.31 -19.41
C ASN F 127 -11.13 -47.45 -17.95
N HIS F 128 -12.38 -47.05 -17.72
CA HIS F 128 -13.05 -47.16 -16.43
C HIS F 128 -12.36 -46.38 -15.28
N CYS F 129 -11.57 -45.35 -15.60
CA CYS F 129 -10.95 -44.53 -14.58
C CYS F 129 -11.99 -43.56 -14.01
N ILE F 130 -11.83 -43.15 -12.75
CA ILE F 130 -12.64 -42.06 -12.21
C ILE F 130 -11.68 -40.96 -11.78
N LEU F 131 -11.85 -39.78 -12.36
CA LEU F 131 -11.13 -38.61 -11.93
C LEU F 131 -12.17 -37.77 -11.21
N VAL F 132 -12.05 -37.65 -9.87
CA VAL F 132 -13.00 -36.87 -9.07
C VAL F 132 -12.71 -35.38 -9.26
N ASN F 133 -13.67 -34.54 -8.88
CA ASN F 133 -13.57 -33.06 -9.00
C ASN F 133 -12.19 -32.51 -8.89
N ASN F 134 -11.79 -31.67 -9.84
CA ASN F 134 -10.56 -30.85 -9.76
C ASN F 134 -9.25 -31.66 -9.68
N THR F 135 -9.31 -32.94 -10.05
CA THR F 135 -8.12 -33.70 -10.33
C THR F 135 -7.46 -33.03 -11.52
N ALA F 136 -6.15 -32.85 -11.42
CA ALA F 136 -5.37 -32.13 -12.46
C ALA F 136 -4.20 -32.98 -12.92
N LEU F 137 -4.17 -33.35 -14.20
CA LEU F 137 -3.03 -34.06 -14.79
C LEU F 137 -2.19 -33.05 -15.60
N ALA F 138 -0.99 -32.73 -15.12
CA ALA F 138 -0.25 -31.59 -15.65
C ALA F 138 0.21 -31.67 -17.10
N GLY F 139 0.38 -32.87 -17.62
CA GLY F 139 0.83 -33.03 -18.99
C GLY F 139 1.67 -34.29 -19.07
N HIS F 140 1.53 -35.04 -20.17
CA HIS F 140 2.25 -36.31 -20.39
C HIS F 140 1.98 -37.37 -19.29
N VAL F 141 0.81 -37.34 -18.67
CA VAL F 141 0.47 -38.23 -17.57
C VAL F 141 -0.27 -39.43 -18.15
N HIS F 142 0.08 -40.62 -17.69
CA HIS F 142 -0.54 -41.86 -18.10
C HIS F 142 -1.34 -42.45 -16.95
N VAL F 143 -2.66 -42.58 -17.13
CA VAL F 143 -3.56 -43.18 -16.12
C VAL F 143 -4.12 -44.50 -16.66
N ASP F 144 -3.78 -45.59 -16.00
CA ASP F 144 -4.11 -46.92 -16.49
C ASP F 144 -5.47 -47.34 -15.95
N ASP F 145 -6.02 -48.44 -16.50
CA ASP F 145 -7.40 -48.84 -16.33
C ASP F 145 -7.83 -48.95 -14.88
N TRP F 146 -9.04 -48.51 -14.62
CA TRP F 146 -9.69 -48.61 -13.32
C TRP F 146 -9.13 -47.74 -12.17
N ALA F 147 -8.11 -46.95 -12.44
CA ALA F 147 -7.58 -46.00 -11.43
C ALA F 147 -8.63 -44.98 -10.99
N ILE F 148 -8.63 -44.70 -9.70
CA ILE F 148 -9.51 -43.69 -9.10
C ILE F 148 -8.61 -42.62 -8.46
N LEU F 149 -8.82 -41.38 -8.87
CA LEU F 149 -8.10 -40.24 -8.36
C LEU F 149 -9.13 -39.39 -7.64
N SER F 150 -9.01 -39.28 -6.29
CA SER F 150 -10.05 -38.57 -5.52
C SER F 150 -9.90 -37.05 -5.71
N GLY F 151 -10.89 -36.31 -5.19
CA GLY F 151 -10.98 -34.87 -5.38
C GLY F 151 -9.65 -34.14 -5.18
N TYR F 152 -9.32 -33.25 -6.11
CA TYR F 152 -8.18 -32.37 -5.99
C TYR F 152 -6.89 -33.20 -5.90
N THR F 153 -6.85 -34.34 -6.61
CA THR F 153 -5.59 -35.03 -6.79
C THR F 153 -4.75 -34.27 -7.84
N LEU F 154 -3.50 -33.98 -7.52
CA LEU F 154 -2.62 -33.27 -8.46
C LEU F 154 -1.55 -34.24 -8.92
N VAL F 155 -1.36 -34.35 -10.23
CA VAL F 155 -0.37 -35.28 -10.82
C VAL F 155 0.63 -34.46 -11.65
N HIS F 156 1.88 -34.55 -11.20
CA HIS F 156 3.03 -33.91 -11.83
C HIS F 156 3.25 -34.48 -13.24
N GLN F 157 3.78 -33.64 -14.12
CA GLN F 157 4.03 -34.04 -15.52
C GLN F 157 4.90 -35.29 -15.59
N TYR F 158 4.60 -36.14 -16.58
CA TYR F 158 5.25 -37.42 -16.84
C TYR F 158 4.97 -38.55 -15.86
N CYS F 159 4.20 -38.35 -14.79
CA CYS F 159 3.90 -39.46 -13.89
C CYS F 159 2.92 -40.44 -14.50
N ARG F 160 3.02 -41.68 -14.02
CA ARG F 160 2.17 -42.78 -14.39
C ARG F 160 1.44 -43.23 -13.15
N ILE F 161 0.13 -43.36 -13.30
CA ILE F 161 -0.78 -43.81 -12.30
C ILE F 161 -1.22 -45.22 -12.70
N GLY F 162 -0.92 -46.21 -11.87
CA GLY F 162 -1.11 -47.60 -12.21
C GLY F 162 -2.55 -48.09 -12.18
N ALA F 163 -2.80 -49.21 -12.84
CA ALA F 163 -4.14 -49.78 -12.91
C ALA F 163 -4.67 -50.12 -11.51
N HIS F 164 -5.95 -49.89 -11.32
CA HIS F 164 -6.64 -50.09 -10.03
C HIS F 164 -6.03 -49.33 -8.80
N SER F 165 -5.21 -48.28 -9.03
CA SER F 165 -4.63 -47.50 -7.93
C SER F 165 -5.69 -46.57 -7.39
N PHE F 166 -5.46 -46.05 -6.19
CA PHE F 166 -6.38 -45.14 -5.55
C PHE F 166 -5.60 -43.98 -4.93
N SER F 167 -6.05 -42.75 -5.18
CA SER F 167 -5.49 -41.61 -4.50
C SER F 167 -6.55 -40.98 -3.63
N GLY F 168 -6.20 -40.73 -2.39
CA GLY F 168 -7.05 -39.97 -1.49
C GLY F 168 -7.14 -38.50 -1.86
N MET F 169 -8.16 -37.87 -1.30
CA MET F 169 -8.50 -36.48 -1.55
C MET F 169 -7.33 -35.56 -1.28
N GLY F 170 -7.01 -34.67 -2.21
CA GLY F 170 -5.97 -33.65 -2.00
C GLY F 170 -4.57 -34.19 -2.15
N SER F 171 -4.43 -35.37 -2.72
CA SER F 171 -3.10 -35.99 -2.90
C SER F 171 -2.33 -35.18 -3.93
N ALA F 172 -1.03 -35.04 -3.70
CA ALA F 172 -0.11 -34.37 -4.62
C ALA F 172 0.97 -35.38 -5.07
N ILE F 173 0.78 -35.92 -6.26
CA ILE F 173 1.58 -37.01 -6.75
C ILE F 173 2.73 -36.50 -7.61
N GLY F 174 3.95 -36.71 -7.15
CA GLY F 174 5.15 -36.32 -7.91
C GLY F 174 5.96 -37.49 -8.45
N LYS F 175 5.61 -38.71 -8.05
CA LYS F 175 6.28 -39.93 -8.52
C LYS F 175 5.25 -40.93 -8.97
N ASP F 176 5.67 -41.95 -9.67
CA ASP F 176 4.75 -42.90 -10.23
C ASP F 176 4.02 -43.61 -9.11
N VAL F 177 2.75 -43.88 -9.34
CA VAL F 177 1.98 -44.67 -8.41
C VAL F 177 1.84 -46.09 -9.02
N PRO F 178 2.37 -47.11 -8.34
CA PRO F 178 2.26 -48.45 -8.91
C PRO F 178 0.84 -48.95 -8.95
N ALA F 179 0.63 -50.00 -9.72
CA ALA F 179 -0.66 -50.59 -9.93
C ALA F 179 -1.13 -51.09 -8.58
N TYR F 180 -2.42 -50.94 -8.33
CA TYR F 180 -3.07 -51.39 -7.08
C TYR F 180 -2.70 -50.64 -5.80
N VAL F 181 -1.83 -49.65 -5.86
CA VAL F 181 -1.38 -48.95 -4.64
C VAL F 181 -2.36 -47.84 -4.31
N THR F 182 -2.57 -47.66 -3.01
CA THR F 182 -3.32 -46.57 -2.46
C THR F 182 -2.35 -45.52 -1.89
N VAL F 183 -2.51 -44.28 -2.33
CA VAL F 183 -1.69 -43.16 -1.87
C VAL F 183 -2.54 -42.04 -1.27
N PHE F 184 -1.95 -41.34 -0.31
CA PHE F 184 -2.55 -40.15 0.36
C PHE F 184 -1.48 -39.07 0.61
N GLY F 185 -1.93 -37.81 0.67
CA GLY F 185 -1.17 -36.73 1.26
C GLY F 185 -0.46 -35.87 0.26
N ASN F 186 0.14 -34.81 0.79
CA ASN F 186 0.91 -33.86 0.00
C ASN F 186 2.26 -33.67 0.71
N PRO F 187 3.35 -34.27 0.25
CA PRO F 187 3.41 -35.13 -0.95
C PRO F 187 2.79 -36.55 -0.75
N ALA F 188 2.41 -37.19 -1.84
CA ALA F 188 1.70 -38.47 -1.73
C ALA F 188 2.58 -39.53 -1.08
N GLU F 189 1.97 -40.37 -0.26
CA GLU F 189 2.62 -41.51 0.36
C GLU F 189 1.84 -42.79 0.05
N ALA F 190 2.55 -43.89 -0.18
CA ALA F 190 1.94 -45.19 -0.30
C ALA F 190 1.45 -45.71 1.08
N ARG F 191 0.15 -45.98 1.21
CA ARG F 191 -0.43 -46.44 2.48
C ARG F 191 -0.56 -47.95 2.49
N SER F 192 -1.29 -48.48 1.53
CA SER F 192 -1.33 -49.93 1.29
C SER F 192 -1.78 -50.20 -0.14
N MET F 193 -2.48 -51.30 -0.36
CA MET F 193 -3.07 -51.56 -1.65
C MET F 193 -4.55 -51.38 -1.62
N ASN F 194 -5.12 -51.16 -2.81
CA ASN F 194 -6.53 -50.85 -2.95
C ASN F 194 -7.40 -52.11 -2.84
N PHE F 195 -7.42 -52.70 -1.65
CA PHE F 195 -8.12 -53.96 -1.41
C PHE F 195 -9.63 -53.79 -1.65
N GLU F 196 -10.16 -52.67 -1.18
CA GLU F 196 -11.54 -52.29 -1.42
C GLU F 196 -11.86 -52.39 -2.92
N GLY F 197 -11.04 -51.73 -3.74
CA GLY F 197 -11.12 -51.81 -5.20
C GLY F 197 -11.01 -53.23 -5.76
N MET F 198 -10.08 -54.02 -5.24
CA MET F 198 -9.93 -55.41 -5.66
C MET F 198 -11.17 -56.24 -5.33
N ARG F 199 -11.83 -55.98 -4.21
CA ARG F 199 -13.04 -56.76 -3.83
C ARG F 199 -14.26 -56.38 -4.65
N ARG F 200 -14.47 -55.06 -4.84
CA ARG F 200 -15.54 -54.52 -5.71
C ARG F 200 -15.47 -55.02 -7.14
N ARG F 201 -14.25 -55.31 -7.65
CA ARG F 201 -14.05 -55.77 -9.03
C ARG F 201 -13.91 -57.30 -9.16
N GLY F 202 -14.01 -58.02 -8.05
CA GLY F 202 -14.08 -59.47 -8.03
C GLY F 202 -12.77 -60.24 -8.11
N PHE F 203 -11.67 -59.69 -7.60
CA PHE F 203 -10.38 -60.37 -7.74
C PHE F 203 -10.42 -61.62 -6.87
N SER F 204 -9.74 -62.68 -7.31
CA SER F 204 -9.64 -63.89 -6.52
C SER F 204 -8.84 -63.60 -5.25
N SER F 205 -9.12 -64.35 -4.19
CA SER F 205 -8.40 -64.19 -2.93
C SER F 205 -6.91 -64.55 -3.14
N GLU F 206 -6.64 -65.51 -4.03
CA GLU F 206 -5.27 -65.93 -4.35
C GLU F 206 -4.49 -64.77 -4.96
N ALA F 207 -5.12 -64.02 -5.88
CA ALA F 207 -4.42 -62.95 -6.55
C ALA F 207 -4.16 -61.81 -5.53
N ILE F 208 -5.15 -61.55 -4.69
CA ILE F 208 -5.05 -60.54 -3.63
C ILE F 208 -3.85 -60.84 -2.70
N HIS F 209 -3.74 -62.10 -2.29
CA HIS F 209 -2.61 -62.53 -1.46
C HIS F 209 -1.29 -62.46 -2.13
N ALA F 210 -1.25 -62.75 -3.43
CA ALA F 210 0.00 -62.59 -4.19
C ALA F 210 0.45 -61.11 -4.27
N LEU F 211 -0.51 -60.22 -4.45
CA LEU F 211 -0.28 -58.77 -4.47
C LEU F 211 0.20 -58.23 -3.12
N ARG F 212 -0.42 -58.68 -2.02
CA ARG F 212 0.13 -58.46 -0.65
C ARG F 212 1.62 -58.83 -0.55
N ARG F 213 2.00 -60.05 -0.91
CA ARG F 213 3.43 -60.47 -0.85
C ARG F 213 4.32 -59.58 -1.72
N ALA F 214 3.82 -59.26 -2.92
CA ALA F 214 4.54 -58.36 -3.86
C ALA F 214 4.76 -56.95 -3.32
N TYR F 215 3.74 -56.42 -2.64
CA TYR F 215 3.84 -55.14 -1.92
C TYR F 215 4.99 -55.19 -0.90
N LYS F 216 5.07 -56.28 -0.12
CA LYS F 216 6.12 -56.45 0.90
C LYS F 216 7.50 -56.48 0.29
N VAL F 217 7.64 -57.18 -0.84
CA VAL F 217 8.92 -57.28 -1.53
C VAL F 217 9.43 -55.94 -1.99
N VAL F 218 8.52 -55.08 -2.45
CA VAL F 218 8.89 -53.78 -2.96
C VAL F 218 9.13 -52.77 -1.83
N TYR F 219 8.20 -52.70 -0.88
CA TYR F 219 8.15 -51.63 0.08
C TYR F 219 8.69 -51.91 1.49
N ARG F 220 8.76 -53.19 1.87
CA ARG F 220 8.93 -53.55 3.29
C ARG F 220 10.11 -54.47 3.59
N GLN F 221 11.00 -54.70 2.64
CA GLN F 221 12.08 -55.67 2.84
C GLN F 221 13.48 -55.08 2.65
N GLY F 222 13.59 -53.75 2.47
CA GLY F 222 14.89 -53.09 2.28
C GLY F 222 15.50 -53.26 0.90
N HIS F 223 14.79 -53.89 -0.04
CA HIS F 223 15.34 -54.12 -1.38
C HIS F 223 15.42 -52.83 -2.18
N THR F 224 16.46 -52.72 -3.00
CA THR F 224 16.52 -51.74 -4.07
C THR F 224 15.45 -52.13 -5.11
N VAL F 225 15.07 -51.19 -5.96
CA VAL F 225 14.01 -51.48 -6.94
C VAL F 225 14.46 -52.67 -7.84
N GLU F 226 15.71 -52.61 -8.30
CA GLU F 226 16.31 -53.63 -9.19
C GLU F 226 16.26 -55.02 -8.54
N GLU F 227 16.69 -55.13 -7.28
CA GLU F 227 16.56 -56.38 -6.48
C GLU F 227 15.11 -56.83 -6.38
N ALA F 228 14.19 -55.90 -6.09
CA ALA F 228 12.78 -56.24 -5.94
C ALA F 228 12.15 -56.78 -7.24
N LEU F 229 12.49 -56.16 -8.37
CA LEU F 229 12.04 -56.64 -9.68
C LEU F 229 12.48 -58.09 -9.94
N ALA F 230 13.75 -58.40 -9.68
CA ALA F 230 14.27 -59.78 -9.75
C ALA F 230 13.49 -60.75 -8.88
N GLU F 231 13.24 -60.33 -7.64
CA GLU F 231 12.47 -61.14 -6.68
C GLU F 231 11.03 -61.41 -7.13
N LEU F 232 10.46 -60.45 -7.85
CA LEU F 232 9.09 -60.55 -8.31
C LEU F 232 8.92 -61.39 -9.58
N ALA F 233 10.02 -61.67 -10.30
CA ALA F 233 9.97 -62.34 -11.62
C ALA F 233 9.14 -63.60 -11.58
N GLU F 234 9.36 -64.40 -10.53
CA GLU F 234 8.66 -65.66 -10.37
C GLU F 234 7.14 -65.54 -10.27
N SER F 235 6.67 -64.78 -9.29
CA SER F 235 5.23 -64.57 -9.05
C SER F 235 4.56 -63.81 -10.23
N ALA F 236 5.28 -62.87 -10.82
CA ALA F 236 4.83 -62.12 -11.98
C ALA F 236 4.49 -63.02 -13.20
N ALA F 237 5.30 -64.05 -13.40
CA ALA F 237 5.03 -65.06 -14.41
C ALA F 237 3.84 -65.99 -14.06
N GLN F 238 3.42 -66.04 -12.79
CA GLN F 238 2.30 -66.90 -12.35
C GLN F 238 0.96 -66.20 -12.16
N PHE F 239 0.98 -64.91 -11.80
CA PHE F 239 -0.26 -64.14 -11.56
C PHE F 239 -0.27 -62.90 -12.45
N PRO F 240 -1.26 -62.80 -13.36
CA PRO F 240 -1.36 -61.60 -14.21
C PRO F 240 -1.33 -60.27 -13.45
N GLU F 241 -1.95 -60.23 -12.26
CA GLU F 241 -1.94 -59.01 -11.43
C GLU F 241 -0.54 -58.64 -10.97
N VAL F 242 0.26 -59.63 -10.58
CA VAL F 242 1.60 -59.36 -10.14
C VAL F 242 2.47 -58.89 -11.30
N ALA F 243 2.24 -59.46 -12.49
CA ALA F 243 2.85 -58.96 -13.72
C ALA F 243 2.52 -57.45 -13.94
N VAL F 244 1.27 -57.04 -13.79
CA VAL F 244 0.88 -55.62 -13.94
C VAL F 244 1.57 -54.74 -12.88
N PHE F 245 1.59 -55.21 -11.63
CA PHE F 245 2.29 -54.54 -10.55
C PHE F 245 3.78 -54.42 -10.89
N ARG F 246 4.42 -55.56 -11.17
CA ARG F 246 5.86 -55.55 -11.54
C ARG F 246 6.13 -54.63 -12.75
N ASP F 247 5.28 -54.70 -13.77
CA ASP F 247 5.42 -53.81 -14.95
C ASP F 247 5.33 -52.32 -14.58
N SER F 248 4.41 -51.93 -13.69
CA SER F 248 4.30 -50.52 -13.25
C SER F 248 5.56 -50.06 -12.51
N ILE F 249 6.18 -50.94 -11.74
CA ILE F 249 7.40 -50.59 -11.07
C ILE F 249 8.57 -50.47 -12.05
N GLN F 250 8.64 -51.44 -12.97
CA GLN F 250 9.67 -51.50 -14.01
C GLN F 250 9.67 -50.25 -14.85
N SER F 251 8.48 -49.83 -15.27
CA SER F 251 8.33 -48.68 -16.15
C SER F 251 8.35 -47.31 -15.42
N ALA F 252 8.77 -47.28 -14.16
CA ALA F 252 8.77 -46.03 -13.37
C ALA F 252 9.99 -45.15 -13.69
N THR F 253 9.78 -44.23 -14.62
CA THR F 253 10.79 -43.26 -15.06
C THR F 253 11.11 -42.23 -13.96
N ARG F 254 10.15 -41.96 -13.07
CA ARG F 254 10.34 -40.95 -12.00
C ARG F 254 10.63 -41.53 -10.61
N GLY F 255 10.95 -42.83 -10.54
CA GLY F 255 10.97 -43.56 -9.26
C GLY F 255 9.55 -43.78 -8.77
N ILE F 256 9.37 -44.58 -7.74
CA ILE F 256 7.99 -44.88 -7.29
C ILE F 256 7.66 -44.13 -6.01
N THR F 257 6.37 -43.91 -5.80
CA THR F 257 5.84 -43.32 -4.59
C THR F 257 6.00 -44.30 -3.44
N ARG F 258 6.72 -43.86 -2.40
CA ARG F 258 6.98 -44.68 -1.21
C ARG F 258 6.20 -44.22 0.02
P PO4 G . -17.42 12.10 16.63
O1 PO4 G . -16.26 12.36 15.68
O2 PO4 G . -17.04 12.48 18.03
O3 PO4 G . -18.58 13.01 16.22
O4 PO4 G . -17.87 10.65 16.58
C1' UD1 H . 18.44 12.26 18.81
C2' UD1 H . 18.75 12.73 17.40
C3' UD1 H . 17.51 12.63 16.49
C4' UD1 H . 16.83 11.26 16.62
C5' UD1 H . 16.63 10.83 18.08
C6' UD1 H . 16.08 9.40 18.21
C7' UD1 H . 20.55 14.36 17.73
C8' UD1 H . 20.86 15.80 17.94
N2' UD1 H . 19.27 14.07 17.53
O1' UD1 H . 17.56 13.22 19.39
O3' UD1 H . 17.89 12.90 15.12
O4' UD1 H . 15.54 11.29 15.98
O5' UD1 H . 17.85 10.96 18.82
O6' UD1 H . 16.97 8.45 17.60
O7' UD1 H . 21.42 13.50 17.75
N1 UD1 H . 15.35 15.74 25.25
C2 UD1 H . 15.42 16.61 26.38
N3 UD1 H . 16.55 17.32 26.60
C4 UD1 H . 17.63 17.22 25.79
C5 UD1 H . 17.60 16.36 24.69
C6 UD1 H . 16.44 15.62 24.45
O2 UD1 H . 14.45 16.75 27.15
O4 UD1 H . 18.68 17.87 25.99
C1B UD1 H . 14.12 14.95 25.01
C2B UD1 H . 13.66 14.76 23.56
O2' UD1 H . 12.78 15.78 23.13
C3B UD1 H . 12.90 13.47 23.63
C4B UD1 H . 13.54 12.70 24.80
O4B UD1 H . 14.31 13.63 25.55
O3B UD1 H . 11.52 13.77 23.86
C5B UD1 H . 14.48 11.58 24.38
O5B UD1 H . 15.41 11.98 23.36
PA UD1 H . 15.56 11.08 22.04
O1A UD1 H . 14.15 10.77 21.58
O2A UD1 H . 16.51 9.94 22.23
O3A UD1 H . 16.19 12.02 20.92
PB UD1 H . 17.28 13.23 20.98
O1B UD1 H . 18.55 12.80 21.69
O2B UD1 H . 16.59 14.54 21.33
C1' UD1 I . 29.36 8.66 -0.49
C2' UD1 I . 28.48 7.63 0.27
C3' UD1 I . 27.34 8.31 1.04
C4' UD1 I . 27.84 9.48 1.89
C5' UD1 I . 28.84 10.40 1.16
C6' UD1 I . 29.59 11.27 2.17
C7' UD1 I . 28.18 5.28 -0.63
C8' UD1 I . 29.07 4.72 0.44
N2' UD1 I . 27.97 6.61 -0.67
O1' UD1 I . 28.64 9.23 -1.60
O3' UD1 I . 26.62 7.37 1.88
O4' UD1 I . 26.71 10.28 2.29
O5' UD1 I . 29.83 9.66 0.43
O6' UD1 I . 30.52 12.15 1.50
O7' UD1 I . 27.66 4.52 -1.47
N1 UD1 I . 32.13 15.39 -6.87
C2 UD1 I . 32.69 16.29 -7.82
N3 UD1 I . 33.47 17.30 -7.37
C4 UD1 I . 33.71 17.48 -6.04
C5 UD1 I . 33.15 16.61 -5.09
C6 UD1 I . 32.35 15.56 -5.54
O2 UD1 I . 32.50 16.14 -9.06
O4 UD1 I . 34.42 18.44 -5.70
C1B UD1 I . 31.27 14.30 -7.34
C2B UD1 I . 31.80 12.88 -7.05
O2' UD1 I . 32.76 12.45 -8.05
C3B UD1 I . 30.49 12.08 -6.91
C4B UD1 I . 29.45 13.13 -6.46
O4B UD1 I . 29.99 14.44 -6.70
O3B UD1 I . 30.03 11.45 -8.11
C5B UD1 I . 29.07 13.10 -4.99
O5B UD1 I . 30.23 12.95 -4.18
PA UD1 I . 30.10 12.82 -2.59
O1A UD1 I . 31.45 12.42 -2.05
O2A UD1 I . 29.44 14.09 -2.09
O3A UD1 I . 29.10 11.58 -2.34
PB UD1 I . 29.20 10.05 -2.90
O1B UD1 I . 28.12 9.94 -3.96
O2B UD1 I . 30.64 9.67 -3.21
P PO4 J . -14.49 2.62 33.68
O1 PO4 J . -13.00 2.84 33.88
O2 PO4 J . -14.77 2.11 32.28
O3 PO4 J . -14.93 1.58 34.70
O4 PO4 J . -15.27 3.90 33.89
P PO4 K . 6.34 -15.62 -20.26
O1 PO4 K . 6.14 -16.36 -21.56
O2 PO4 K . 7.51 -16.27 -19.52
O3 PO4 K . 5.04 -15.70 -19.47
O4 PO4 K . 6.65 -14.18 -20.58
C1' UD1 L . 12.83 -9.64 -22.62
C2' UD1 L . 11.88 -8.57 -22.03
C3' UD1 L . 10.47 -8.79 -22.60
C4' UD1 L . 10.51 -9.22 -24.05
C5' UD1 L . 11.18 -10.61 -24.13
C6' UD1 L . 11.86 -10.81 -25.50
C7' UD1 L . 11.35 -7.66 -19.78
C8' UD1 L . 11.52 -7.86 -18.30
N2' UD1 L . 11.89 -8.62 -20.57
O1' UD1 L . 13.84 -9.96 -21.66
O3' UD1 L . 9.61 -7.63 -22.44
O4' UD1 L . 9.17 -9.27 -24.57
O5' UD1 L . 12.11 -10.83 -23.03
O6' UD1 L . 12.72 -9.70 -25.82
O7' UD1 L . 10.76 -6.69 -20.21
N1 UD1 L . 18.18 -11.65 -15.94
C2 UD1 L . 19.01 -11.28 -14.87
N3 UD1 L . 20.34 -11.40 -14.95
C4 UD1 L . 20.93 -11.89 -16.04
C5 UD1 L . 20.15 -12.29 -17.11
C6 UD1 L . 18.77 -12.18 -17.05
O2 UD1 L . 18.52 -10.80 -13.82
O4 UD1 L . 22.19 -11.99 -16.04
C1B UD1 L . 16.71 -11.54 -15.80
C2B UD1 L . 16.17 -10.13 -15.93
O2' UD1 L . 15.03 -9.99 -15.04
C3B UD1 L . 15.71 -10.08 -17.36
C4B UD1 L . 15.10 -11.47 -17.48
O4B UD1 L . 16.04 -12.31 -16.80
O3B UD1 L . 14.79 -9.02 -17.60
C5B UD1 L . 14.84 -11.98 -18.89
O5B UD1 L . 16.09 -12.24 -19.54
PA UD1 L . 16.32 -11.66 -21.03
O1A UD1 L . 15.15 -12.19 -21.83
O2A UD1 L . 17.75 -12.02 -21.37
O3A UD1 L . 16.26 -10.07 -20.80
PB UD1 L . 15.16 -9.06 -21.42
O1B UD1 L . 14.87 -7.98 -20.38
O2B UD1 L . 15.64 -8.61 -22.79
P PO4 M . -12.15 -15.55 11.42
O1 PO4 M . -10.93 -16.24 12.04
O2 PO4 M . -11.95 -14.03 11.22
O3 PO4 M . -12.27 -16.20 10.06
O4 PO4 M . -13.45 -15.78 12.19
C1' UD1 N . -18.71 -42.95 -3.81
C2' UD1 N . -18.79 -41.68 -4.67
C3' UD1 N . -19.09 -40.37 -3.89
C4' UD1 N . -19.94 -40.57 -2.61
C5' UD1 N . -19.39 -41.74 -1.82
C6' UD1 N . -20.08 -41.95 -0.47
C7' UD1 N . -17.24 -42.24 -6.50
C8' UD1 N . -15.76 -42.26 -6.76
N2' UD1 N . -17.52 -41.58 -5.37
O1' UD1 N . -17.33 -43.13 -3.46
O3' UD1 N . -19.74 -39.46 -4.81
O4' UD1 N . -19.95 -39.38 -1.81
O5' UD1 N . -19.54 -42.92 -2.63
O6' UD1 N . -21.41 -42.44 -0.70
O7' UD1 N . -18.08 -42.81 -7.19
N1 UD1 N . -12.12 -46.71 -1.22
C2 UD1 N . -10.89 -47.30 -1.62
N3 UD1 N . -10.75 -47.71 -2.89
C4 UD1 N . -11.73 -47.60 -3.80
C5 UD1 N . -12.93 -47.02 -3.44
C6 UD1 N . -13.12 -46.59 -2.12
O2 UD1 N . -9.94 -47.44 -0.82
O4 UD1 N . -11.53 -48.01 -4.96
C1B UD1 N . -12.30 -46.27 0.17
C2B UD1 N . -12.62 -44.79 0.35
O2' UD1 N . -11.41 -44.14 0.74
C3B UD1 N . -13.74 -44.75 1.38
C4B UD1 N . -14.18 -46.20 1.58
O4B UD1 N . -13.38 -47.01 0.73
O3B UD1 N . -13.32 -44.21 2.63
C5B UD1 N . -15.64 -46.53 1.24
O5B UD1 N . -16.10 -45.80 0.10
PA UD1 N . -17.40 -44.84 0.25
O1A UD1 N . -17.23 -43.94 1.46
O2A UD1 N . -18.60 -45.76 0.10
O3A UD1 N . -17.41 -43.88 -1.05
PB UD1 N . -16.77 -44.27 -2.47
O1B UD1 N . -17.36 -45.60 -2.88
O2B UD1 N . -15.28 -43.99 -2.38
C1' UD1 O . 6.60 -26.83 -19.33
C2' UD1 O . 5.14 -26.50 -19.70
C3' UD1 O . 4.19 -27.62 -19.29
C4' UD1 O . 4.71 -28.98 -19.74
C5' UD1 O . 6.18 -29.21 -19.36
C6' UD1 O . 6.74 -30.49 -19.96
C7' UD1 O . 4.90 -24.02 -19.67
C8' UD1 O . 4.62 -22.84 -18.81
N2' UD1 O . 4.77 -25.22 -19.09
O1' UD1 O . 6.76 -26.74 -17.90
O3' UD1 O . 2.91 -27.40 -19.87
O4' UD1 O . 3.87 -30.00 -19.15
O5' UD1 O . 7.00 -28.13 -19.79
O6' UD1 O . 6.71 -30.44 -21.40
O7' UD1 O . 5.26 -23.87 -20.82
N1 UD1 O . 11.35 -25.92 -13.03
C2 UD1 O . 11.98 -25.07 -12.09
N3 UD1 O . 11.99 -23.75 -12.28
C4 UD1 O . 11.43 -23.20 -13.36
C5 UD1 O . 10.80 -23.99 -14.32
C6 UD1 O . 10.80 -25.37 -14.13
O2 UD1 O . 12.53 -25.50 -11.05
O4 UD1 O . 11.45 -21.97 -13.51
C1B UD1 O . 11.36 -27.40 -12.86
C2B UD1 O . 10.05 -28.14 -13.06
O2' UD1 O . 9.27 -28.12 -11.86
C3B UD1 O . 10.50 -29.52 -13.47
C4B UD1 O . 11.86 -29.31 -14.14
O4B UD1 O . 12.25 -27.97 -13.84
O3B UD1 O . 10.69 -30.31 -12.30
C5B UD1 O . 11.82 -29.47 -15.66
O5B UD1 O . 10.79 -28.66 -16.25
PA UD1 O . 9.74 -29.27 -17.31
O1A UD1 O . 10.28 -29.10 -18.71
O2A UD1 O . 9.33 -30.65 -16.85
O3A UD1 O . 8.41 -28.38 -17.03
PB UD1 O . 8.22 -26.79 -17.25
O1B UD1 O . 9.27 -26.37 -18.27
O2B UD1 O . 8.18 -26.16 -15.90
C1' UD1 P . -9.15 -23.46 -34.89
C2' UD1 P . -8.24 -24.68 -34.78
C3' UD1 P . -8.01 -25.11 -33.33
C4' UD1 P . -7.46 -23.99 -32.48
C5' UD1 P . -7.98 -22.61 -32.84
C6' UD1 P . -6.83 -21.72 -33.24
C7' UD1 P . -8.34 -26.43 -36.48
C8' UD1 P . -6.96 -26.14 -36.87
N2' UD1 P . -8.85 -25.78 -35.47
O1' UD1 P . -10.49 -23.93 -34.91
O3' UD1 P . -7.10 -26.19 -33.32
O4' UD1 P . -7.79 -24.14 -31.12
O5' UD1 P . -8.98 -22.53 -33.83
O6' UD1 P . -7.13 -20.48 -32.67
O7' UD1 P . -8.98 -27.25 -37.08
N1 UD1 P . -17.09 -18.17 -34.46
C2 UD1 P . -18.21 -17.34 -34.50
N3 UD1 P . -18.12 -16.07 -34.21
C4 UD1 P . -16.95 -15.56 -33.85
C5 UD1 P . -15.81 -16.35 -33.78
C6 UD1 P . -15.91 -17.68 -34.10
O2 UD1 P . -19.31 -17.80 -34.83
O4 UD1 P . -16.86 -14.37 -33.57
C1B UD1 P . -17.24 -19.59 -34.77
C2B UD1 P . -16.40 -20.02 -35.93
O2' UD1 P . -17.11 -19.72 -37.09
C3B UD1 P . -16.21 -21.50 -35.69
C4B UD1 P . -16.30 -21.63 -34.18
O4B UD1 P . -16.86 -20.43 -33.70
O3B UD1 P . -17.21 -22.31 -36.26
C5B UD1 P . -14.94 -21.87 -33.53
O5B UD1 P . -14.04 -20.86 -33.94
PA UD1 P . -12.50 -20.74 -33.55
O1A UD1 P . -11.93 -19.81 -34.51
O2A UD1 P . -12.49 -20.31 -32.15
O3A UD1 P . -11.86 -22.19 -33.68
PB UD1 P . -11.86 -23.14 -34.97
O1B UD1 P . -11.84 -22.34 -36.21
O2B UD1 P . -12.94 -24.12 -34.83
#